data_2VX3
#
_entry.id   2VX3
#
_cell.length_a   264.203
_cell.length_b   65.105
_cell.length_c   140.282
_cell.angle_alpha   90.00
_cell.angle_beta   115.44
_cell.angle_gamma   90.00
#
_symmetry.space_group_name_H-M   'C 1 2 1'
#
loop_
_entity.id
_entity.type
_entity.pdbx_description
1 polymer 'DUAL SPECIFICITY TYROSINE-PHOSPHORYLATION- REGULATED KINASE 1A'
2 non-polymer N-(5-{[(2S)-4-amino-2-(3-chlorophenyl)butanoyl]amino}-1H-indazol-3-yl)benzamide
3 non-polymer 'CHLORIDE ION'
4 non-polymer 'HEXAETHYLENE GLYCOL'
5 non-polymer 'SULFATE ION'
6 water water
#
_entity_poly.entity_id   1
_entity_poly.type   'polypeptide(L)'
_entity_poly.pdbx_seq_one_letter_code
;MHHHHHHSSGVDLGTENLYFQSMSSHKKERKVYNDGYDDDNYDYIVKNGEKWMDRYEIDSLIGKGSFGQVVKAYDRVEQE
WVAIKIIKNKKAFLNQAQIEVRLLELMNKHDTEMKYYIVHLKRHFMFRNHLCLVFEMLSYNLYDLLRNTNFRGVSLNLTR
KFAQQMCTALLFLATPELSIIHCDLKPENILLCNPKRSAIKIVDFGSSCQLGQRIYQ(PTR)IQSRFYRSPEVLLGMPYD
LAIDMWSLGCILVEMHTGEPLFSGANEVDQMNKIVEVLGIPPAHILDQAPKARKFFEKLPDGTWNLKKTKDGKREYKPPG
TRKLHNILGVETGGPGGRRAGESGHTVADYLKFKDLILRMLDYDPKTRIQPYYALQHSFFKKTADE
;
_entity_poly.pdbx_strand_id   A,B,C,D
#
loop_
_chem_comp.id
_chem_comp.type
_chem_comp.name
_chem_comp.formula
CL non-polymer 'CHLORIDE ION' 'Cl -1'
D15 non-polymer N-(5-{[(2S)-4-amino-2-(3-chlorophenyl)butanoyl]amino}-1H-indazol-3-yl)benzamide 'C24 H22 Cl N5 O2'
P6G non-polymer 'HEXAETHYLENE GLYCOL' 'C12 H26 O7'
SO4 non-polymer 'SULFATE ION' 'O4 S -2'
#
# COMPACT_ATOMS: atom_id res chain seq x y z
N VAL A 32 52.09 45.42 -8.71
CA VAL A 32 52.06 44.45 -7.57
C VAL A 32 50.64 44.18 -7.08
N TYR A 33 50.27 42.91 -6.85
CA TYR A 33 48.94 42.59 -6.26
C TYR A 33 49.04 41.99 -4.86
N ASN A 34 48.21 42.49 -3.94
CA ASN A 34 48.27 42.05 -2.54
C ASN A 34 49.75 41.99 -2.08
N ASP A 35 50.46 43.10 -2.28
CA ASP A 35 51.89 43.24 -1.94
C ASP A 35 52.82 42.17 -2.55
N GLY A 36 52.47 41.66 -3.72
CA GLY A 36 53.23 40.64 -4.38
C GLY A 36 52.82 39.20 -4.09
N TYR A 37 51.89 38.97 -3.15
CA TYR A 37 51.48 37.58 -2.82
C TYR A 37 50.53 36.94 -3.88
N ASP A 38 49.91 37.77 -4.73
CA ASP A 38 48.86 37.34 -5.64
C ASP A 38 49.21 37.66 -7.09
N ASP A 39 48.68 36.86 -8.01
CA ASP A 39 48.82 37.11 -9.43
C ASP A 39 47.75 38.12 -9.83
N ASP A 40 47.63 38.39 -11.12
CA ASP A 40 46.63 39.34 -11.58
C ASP A 40 45.20 38.77 -11.68
N ASN A 41 44.96 37.54 -11.26
CA ASN A 41 43.60 37.02 -11.22
C ASN A 41 43.08 36.76 -9.79
N TYR A 42 43.63 37.50 -8.83
CA TYR A 42 43.23 37.45 -7.44
C TYR A 42 43.61 36.14 -6.73
N ASP A 43 44.43 35.32 -7.37
CA ASP A 43 44.80 34.03 -6.82
C ASP A 43 46.09 34.16 -6.05
N TYR A 44 46.25 33.38 -5.02
CA TYR A 44 47.54 33.31 -4.31
C TYR A 44 48.66 32.64 -5.16
N ILE A 45 49.80 33.29 -5.37
CA ILE A 45 50.91 32.63 -6.10
C ILE A 45 51.51 31.50 -5.24
N VAL A 46 51.13 30.26 -5.52
CA VAL A 46 51.50 29.13 -4.66
C VAL A 46 52.96 28.78 -4.79
N LYS A 47 53.62 28.53 -3.67
CA LYS A 47 55.03 28.18 -3.69
C LYS A 47 55.27 26.87 -2.97
N ASN A 48 55.69 25.88 -3.72
CA ASN A 48 56.00 24.57 -3.18
C ASN A 48 56.91 24.61 -1.93
N GLY A 49 56.56 23.89 -0.87
CA GLY A 49 57.37 23.82 0.36
C GLY A 49 57.10 24.88 1.42
N GLU A 50 56.30 25.88 1.10
CA GLU A 50 56.02 26.97 2.04
C GLU A 50 55.36 26.37 3.29
N LYS A 51 55.69 26.90 4.48
CA LYS A 51 55.07 26.48 5.76
C LYS A 51 54.19 27.61 6.33
N TRP A 52 52.91 27.33 6.52
CA TRP A 52 51.95 28.36 6.94
C TRP A 52 51.59 28.25 8.40
N MET A 53 51.76 29.33 9.15
CA MET A 53 51.28 29.39 10.53
C MET A 53 51.90 28.29 11.39
N ASP A 54 53.19 28.02 11.18
CA ASP A 54 53.91 26.92 11.87
C ASP A 54 53.08 25.63 11.94
N ARG A 55 52.32 25.33 10.88
CA ARG A 55 51.38 24.19 10.90
C ARG A 55 51.21 23.46 9.56
N TYR A 56 50.90 24.16 8.47
CA TYR A 56 50.66 23.50 7.17
C TYR A 56 51.87 23.56 6.26
N GLU A 57 52.21 22.42 5.67
CA GLU A 57 53.36 22.35 4.78
C GLU A 57 52.87 22.13 3.39
N ILE A 58 52.88 23.19 2.58
CA ILE A 58 52.31 23.14 1.24
C ILE A 58 53.16 22.27 0.32
N ASP A 59 52.55 21.24 -0.25
CA ASP A 59 53.23 20.35 -1.16
C ASP A 59 53.12 20.89 -2.58
N SER A 60 51.91 21.02 -3.10
CA SER A 60 51.74 21.59 -4.43
C SER A 60 50.31 21.99 -4.81
N LEU A 61 50.22 22.74 -5.90
CA LEU A 61 48.96 23.14 -6.49
C LEU A 61 48.40 21.89 -7.15
N ILE A 62 47.18 21.51 -6.81
CA ILE A 62 46.56 20.34 -7.39
C ILE A 62 45.29 20.67 -8.15
N GLY A 63 44.78 21.89 -8.06
CA GLY A 63 43.76 22.32 -9.01
C GLY A 63 43.45 23.81 -9.00
N LYS A 64 42.91 24.30 -10.10
CA LYS A 64 42.52 25.69 -10.27
C LYS A 64 41.04 25.73 -10.63
N GLY A 65 40.31 26.74 -10.21
CA GLY A 65 38.93 26.86 -10.62
C GLY A 65 38.46 28.28 -10.51
N SER A 66 37.17 28.50 -10.73
CA SER A 66 36.67 29.88 -10.73
C SER A 66 36.74 30.57 -9.39
N PHE A 67 36.74 29.83 -8.28
CA PHE A 67 36.71 30.45 -6.95
C PHE A 67 38.11 30.52 -6.35
N GLY A 68 39.10 29.87 -6.98
CA GLY A 68 40.44 29.83 -6.43
C GLY A 68 41.30 28.61 -6.75
N GLN A 69 42.04 28.14 -5.77
CA GLN A 69 42.95 27.04 -5.96
C GLN A 69 42.79 25.99 -4.86
N VAL A 70 43.17 24.75 -5.16
CA VAL A 70 43.26 23.71 -4.15
C VAL A 70 44.70 23.22 -4.14
N VAL A 71 45.31 23.30 -2.98
CA VAL A 71 46.66 22.81 -2.81
C VAL A 71 46.63 21.65 -1.88
N LYS A 72 47.63 20.82 -1.99
CA LYS A 72 47.80 19.68 -1.10
C LYS A 72 48.76 20.15 -0.04
N ALA A 73 48.49 19.77 1.22
CA ALA A 73 49.29 20.27 2.34
C ALA A 73 49.33 19.24 3.42
N TYR A 74 50.47 19.14 4.09
CA TYR A 74 50.57 18.27 5.26
C TYR A 74 50.31 19.06 6.54
N ASP A 75 49.40 18.56 7.36
CA ASP A 75 49.11 19.17 8.67
C ASP A 75 50.00 18.54 9.76
N ARG A 76 50.99 19.31 10.21
CA ARG A 76 51.89 18.84 11.27
C ARG A 76 51.17 18.47 12.56
N VAL A 77 50.13 19.24 12.92
CA VAL A 77 49.51 19.16 14.27
C VAL A 77 48.70 17.87 14.37
N GLU A 78 47.94 17.56 13.32
CA GLU A 78 47.12 16.34 13.25
C GLU A 78 47.81 15.20 12.54
N GLN A 79 48.88 15.49 11.80
CA GLN A 79 49.74 14.48 11.16
C GLN A 79 49.02 13.75 10.05
N GLU A 80 48.50 14.52 9.11
CA GLU A 80 47.74 13.96 8.01
C GLU A 80 47.81 14.90 6.82
N TRP A 81 47.53 14.35 5.65
CA TRP A 81 47.39 15.08 4.42
C TRP A 81 46.01 15.73 4.37
N VAL A 82 45.98 16.98 3.93
CA VAL A 82 44.75 17.71 3.78
C VAL A 82 44.77 18.48 2.45
N ALA A 83 43.58 18.87 2.00
CA ALA A 83 43.44 19.70 0.82
C ALA A 83 43.01 21.10 1.27
N ILE A 84 43.73 22.14 0.86
CA ILE A 84 43.36 23.49 1.27
C ILE A 84 42.83 24.24 0.08
N LYS A 85 41.61 24.73 0.16
CA LYS A 85 41.08 25.56 -0.90
C LYS A 85 41.36 27.02 -0.55
N ILE A 86 42.18 27.70 -1.37
CA ILE A 86 42.53 29.12 -1.15
C ILE A 86 41.59 29.92 -1.99
N ILE A 87 40.67 30.62 -1.35
CA ILE A 87 39.65 31.38 -2.08
C ILE A 87 40.31 32.63 -2.67
N LYS A 88 39.85 33.09 -3.84
CA LYS A 88 40.35 34.34 -4.44
C LYS A 88 40.22 35.58 -3.54
N ASN A 89 41.24 36.42 -3.54
CA ASN A 89 41.29 37.64 -2.77
C ASN A 89 40.48 38.72 -3.48
N LYS A 90 39.16 38.59 -3.41
CA LYS A 90 38.27 39.54 -4.02
C LYS A 90 36.91 39.48 -3.33
N LYS A 91 36.40 40.63 -2.92
CA LYS A 91 35.25 40.73 -2.02
C LYS A 91 34.07 39.82 -2.43
N ALA A 92 33.69 39.85 -3.69
CA ALA A 92 32.53 39.09 -4.11
C ALA A 92 32.74 37.56 -3.91
N PHE A 93 33.99 37.11 -4.03
CA PHE A 93 34.34 35.71 -3.88
C PHE A 93 34.41 35.39 -2.43
N LEU A 94 35.08 36.23 -1.67
CA LEU A 94 35.13 36.05 -0.24
C LEU A 94 33.72 35.99 0.37
N ASN A 95 32.86 36.93 0.03
CA ASN A 95 31.54 37.01 0.64
C ASN A 95 30.65 35.80 0.31
N GLN A 96 30.82 35.24 -0.87
CA GLN A 96 30.07 34.05 -1.24
C GLN A 96 30.61 32.81 -0.53
N ALA A 97 31.94 32.71 -0.45
CA ALA A 97 32.60 31.59 0.21
C ALA A 97 32.21 31.53 1.71
N GLN A 98 31.93 32.68 2.29
CA GLN A 98 31.42 32.69 3.65
C GLN A 98 30.05 31.98 3.75
N ILE A 99 29.20 32.09 2.73
CA ILE A 99 27.94 31.34 2.74
C ILE A 99 28.26 29.83 2.64
N GLU A 100 29.21 29.49 1.80
CA GLU A 100 29.68 28.11 1.68
C GLU A 100 30.12 27.53 3.02
N VAL A 101 30.89 28.27 3.80
CA VAL A 101 31.39 27.80 5.08
C VAL A 101 30.26 27.53 6.04
N ARG A 102 29.34 28.48 6.18
CA ARG A 102 28.16 28.27 7.01
C ARG A 102 27.44 26.98 6.64
N LEU A 103 27.33 26.71 5.35
CA LEU A 103 26.56 25.55 4.92
C LEU A 103 27.33 24.25 5.20
N LEU A 104 28.64 24.29 4.93
CA LEU A 104 29.51 23.17 5.25
C LEU A 104 29.49 22.87 6.72
N GLU A 105 29.45 23.89 7.56
CA GLU A 105 29.47 23.62 8.99
C GLU A 105 28.13 23.05 9.44
N LEU A 106 27.04 23.53 8.82
CA LEU A 106 25.73 23.04 9.17
C LEU A 106 25.59 21.57 8.73
N MET A 107 26.08 21.24 7.53
CA MET A 107 26.00 19.85 7.08
C MET A 107 26.89 18.94 7.90
N ASN A 108 28.13 19.37 8.17
CA ASN A 108 29.07 18.51 8.89
C ASN A 108 28.63 18.17 10.31
N LYS A 109 27.85 19.03 10.95
CA LYS A 109 27.39 18.76 12.31
C LYS A 109 26.04 18.04 12.39
N HIS A 110 25.28 17.95 11.28
CA HIS A 110 23.94 17.41 11.40
C HIS A 110 24.06 15.89 11.56
N ASP A 111 23.25 15.40 12.52
CA ASP A 111 23.42 14.16 13.31
C ASP A 111 23.47 12.79 12.57
N THR A 112 22.56 12.57 11.61
CA THR A 112 22.47 11.27 10.90
C THR A 112 23.76 10.89 10.12
N GLU A 113 23.83 9.63 9.65
CA GLU A 113 25.03 9.08 8.98
C GLU A 113 25.13 9.39 7.46
N MET A 114 24.04 9.86 6.85
CA MET A 114 24.04 10.28 5.44
C MET A 114 25.01 11.43 5.20
N LYS A 115 25.32 12.16 6.29
CA LYS A 115 26.25 13.30 6.28
C LYS A 115 27.65 13.02 5.75
N TYR A 116 27.96 11.72 5.67
CA TYR A 116 29.26 11.24 5.14
C TYR A 116 29.38 11.15 3.59
N TYR A 117 28.32 11.53 2.86
CA TYR A 117 28.46 11.80 1.43
C TYR A 117 28.95 13.23 1.14
N ILE A 118 29.02 14.10 2.14
CA ILE A 118 29.46 15.45 1.93
C ILE A 118 30.91 15.58 2.41
N VAL A 119 31.74 16.27 1.63
CA VAL A 119 33.11 16.48 2.02
C VAL A 119 33.13 17.12 3.42
N HIS A 120 34.16 16.81 4.20
CA HIS A 120 34.31 17.31 5.55
C HIS A 120 35.21 18.55 5.56
N LEU A 121 34.67 19.69 5.98
CA LEU A 121 35.48 20.88 6.31
C LEU A 121 36.04 20.73 7.70
N LYS A 122 37.37 20.65 7.82
CA LYS A 122 38.03 20.45 9.12
C LYS A 122 38.15 21.76 9.86
N ARG A 123 38.62 22.80 9.17
CA ARG A 123 38.54 24.16 9.69
C ARG A 123 38.82 25.19 8.60
N HIS A 124 38.73 26.46 8.96
CA HIS A 124 39.05 27.55 8.04
C HIS A 124 39.79 28.71 8.76
N PHE A 125 40.57 29.47 8.00
CA PHE A 125 41.31 30.60 8.57
C PHE A 125 41.57 31.63 7.45
N MET A 126 41.96 32.84 7.84
CA MET A 126 42.41 33.86 6.88
C MET A 126 43.92 33.82 6.87
N PHE A 127 44.53 33.89 5.69
CA PHE A 127 46.00 33.95 5.56
C PHE A 127 46.42 34.83 4.36
N ARG A 128 47.19 35.86 4.63
CA ARG A 128 47.64 36.77 3.58
C ARG A 128 46.48 37.29 2.74
N ASN A 129 45.38 37.54 3.44
CA ASN A 129 44.17 38.11 2.91
C ASN A 129 43.40 37.14 2.02
N HIS A 130 43.67 35.84 2.17
CA HIS A 130 42.82 34.84 1.53
C HIS A 130 42.09 33.99 2.57
N LEU A 131 40.80 33.77 2.36
CA LEU A 131 40.08 32.76 3.14
C LEU A 131 40.52 31.35 2.65
N CYS A 132 40.93 30.51 3.61
CA CYS A 132 41.39 29.19 3.36
C CYS A 132 40.48 28.16 4.04
N LEU A 133 40.01 27.19 3.27
CA LEU A 133 39.21 26.10 3.81
C LEU A 133 40.06 24.80 3.78
N VAL A 134 40.16 24.13 4.91
CA VAL A 134 40.91 22.90 5.02
C VAL A 134 39.95 21.73 4.96
N PHE A 135 40.21 20.83 4.00
CA PHE A 135 39.39 19.68 3.75
C PHE A 135 40.17 18.38 3.95
N GLU A 136 39.44 17.34 4.35
CA GLU A 136 39.90 15.97 4.25
C GLU A 136 40.37 15.69 2.83
N MET A 137 41.36 14.84 2.69
CA MET A 137 41.94 14.52 1.38
C MET A 137 41.06 13.52 0.64
N LEU A 138 40.86 13.72 -0.65
CA LEU A 138 40.09 12.79 -1.47
C LEU A 138 40.86 12.54 -2.76
N SER A 139 40.39 11.58 -3.56
CA SER A 139 41.06 11.23 -4.81
C SER A 139 40.40 11.94 -5.99
N TYR A 140 40.50 11.36 -7.18
CA TYR A 140 40.06 11.95 -8.45
C TYR A 140 38.56 12.03 -8.56
N ASN A 141 38.08 12.86 -9.48
CA ASN A 141 36.65 13.05 -9.65
C ASN A 141 36.09 12.10 -10.73
N LEU A 142 34.76 12.08 -10.85
CA LEU A 142 34.10 11.19 -11.79
C LEU A 142 34.45 11.49 -13.26
N TYR A 143 34.79 12.75 -13.54
CA TYR A 143 35.22 13.10 -14.88
C TYR A 143 36.54 12.45 -15.18
N ASP A 144 37.50 12.59 -14.26
CA ASP A 144 38.78 11.90 -14.41
C ASP A 144 38.60 10.38 -14.58
N LEU A 145 37.68 9.78 -13.85
CA LEU A 145 37.38 8.37 -14.05
C LEU A 145 36.91 8.09 -15.47
N LEU A 146 35.98 8.88 -15.99
CA LEU A 146 35.52 8.67 -17.35
C LEU A 146 36.67 8.78 -18.36
N ARG A 147 37.48 9.83 -18.25
CA ARG A 147 38.64 10.04 -19.11
C ARG A 147 39.58 8.83 -19.09
N ASN A 148 39.68 8.23 -17.92
CA ASN A 148 40.53 7.08 -17.77
C ASN A 148 40.09 5.81 -18.56
N THR A 149 38.78 5.65 -18.78
CA THR A 149 38.22 4.62 -19.66
C THR A 149 38.20 5.07 -21.13
N ASN A 150 38.82 6.18 -21.48
CA ASN A 150 38.72 6.76 -22.83
C ASN A 150 37.28 7.05 -23.23
N PHE A 151 36.45 7.38 -22.24
CA PHE A 151 35.05 7.76 -22.46
C PHE A 151 34.24 6.66 -23.09
N ARG A 152 34.60 5.43 -22.78
CA ARG A 152 33.77 4.29 -23.06
C ARG A 152 32.61 4.22 -22.05
N GLY A 153 32.77 4.84 -20.90
CA GLY A 153 31.77 4.80 -19.86
C GLY A 153 32.08 3.73 -18.86
N VAL A 154 31.59 3.89 -17.65
CA VAL A 154 31.71 2.83 -16.67
C VAL A 154 30.51 1.90 -16.75
N SER A 155 30.62 0.72 -16.14
CA SER A 155 29.58 -0.29 -16.18
C SER A 155 28.30 0.17 -15.53
N LEU A 156 27.22 -0.51 -15.89
CA LEU A 156 25.93 -0.21 -15.32
C LEU A 156 25.95 -0.47 -13.82
N ASN A 157 26.64 -1.53 -13.38
CA ASN A 157 26.81 -1.83 -11.95
C ASN A 157 27.51 -0.71 -11.18
N LEU A 158 28.57 -0.13 -11.75
CA LEU A 158 29.25 0.96 -11.08
C LEU A 158 28.35 2.18 -11.08
N THR A 159 27.66 2.42 -12.20
CA THR A 159 26.74 3.55 -12.32
C THR A 159 25.66 3.48 -11.24
N ARG A 160 25.20 2.28 -10.94
CA ARG A 160 24.15 2.07 -9.95
C ARG A 160 24.67 2.40 -8.55
N LYS A 161 25.89 2.01 -8.27
CA LYS A 161 26.53 2.40 -7.01
C LYS A 161 26.70 3.90 -6.81
N PHE A 162 27.08 4.63 -7.87
CA PHE A 162 27.17 6.08 -7.78
C PHE A 162 25.78 6.70 -7.62
N ALA A 163 24.85 6.21 -8.42
CA ALA A 163 23.46 6.69 -8.36
C ALA A 163 22.89 6.57 -6.96
N GLN A 164 23.15 5.45 -6.31
CA GLN A 164 22.56 5.21 -5.01
C GLN A 164 23.16 6.11 -3.96
N GLN A 165 24.47 6.27 -4.04
CA GLN A 165 25.13 7.13 -3.11
C GLN A 165 24.63 8.57 -3.31
N MET A 166 24.50 9.01 -4.57
CA MET A 166 24.12 10.40 -4.84
C MET A 166 22.69 10.72 -4.38
N CYS A 167 21.75 9.83 -4.65
CA CYS A 167 20.42 9.97 -4.13
C CYS A 167 20.39 10.03 -2.63
N THR A 168 21.27 9.31 -1.98
CA THR A 168 21.30 9.34 -0.52
C THR A 168 21.82 10.70 -0.07
N ALA A 169 22.78 11.24 -0.80
CA ALA A 169 23.30 12.57 -0.52
C ALA A 169 22.21 13.60 -0.74
N LEU A 170 21.48 13.46 -1.82
CA LEU A 170 20.37 14.34 -2.07
C LEU A 170 19.27 14.23 -1.00
N LEU A 171 19.05 13.06 -0.44
CA LEU A 171 18.03 12.91 0.61
C LEU A 171 18.46 13.67 1.84
N PHE A 172 19.74 13.56 2.16
CA PHE A 172 20.32 14.34 3.25
C PHE A 172 20.18 15.84 3.09
N LEU A 173 20.47 16.37 1.90
CA LEU A 173 20.34 17.81 1.67
C LEU A 173 18.89 18.28 1.76
N ALA A 174 17.96 17.38 1.52
CA ALA A 174 16.54 17.70 1.52
C ALA A 174 15.97 17.62 2.92
N THR A 175 16.78 17.19 3.90
CA THR A 175 16.25 17.14 5.25
C THR A 175 15.92 18.59 5.66
N PRO A 176 14.73 18.80 6.26
CA PRO A 176 14.12 20.15 6.39
C PRO A 176 14.96 21.22 7.07
N GLU A 177 15.67 20.86 8.11
CA GLU A 177 16.61 21.78 8.77
C GLU A 177 17.65 22.34 7.82
N LEU A 178 18.13 21.56 6.85
CA LEU A 178 19.15 22.02 5.92
C LEU A 178 18.54 22.65 4.67
N SER A 179 17.68 21.93 3.97
CA SER A 179 17.08 22.38 2.70
C SER A 179 18.08 23.08 1.74
N ILE A 180 19.19 22.41 1.50
CA ILE A 180 20.30 22.98 0.74
C ILE A 180 20.19 22.57 -0.71
N ILE A 181 20.30 23.54 -1.61
CA ILE A 181 20.36 23.30 -3.07
C ILE A 181 21.83 23.45 -3.44
N HIS A 182 22.40 22.40 -4.04
CA HIS A 182 23.84 22.41 -4.32
C HIS A 182 24.19 23.42 -5.41
N CYS A 183 23.37 23.40 -6.47
CA CYS A 183 23.48 24.32 -7.64
C CYS A 183 24.59 24.07 -8.65
N ASP A 184 25.52 23.17 -8.40
CA ASP A 184 26.55 22.93 -9.38
C ASP A 184 26.99 21.48 -9.41
N LEU A 185 26.03 20.57 -9.45
CA LEU A 185 26.34 19.15 -9.53
C LEU A 185 26.79 18.79 -10.93
N LYS A 186 27.88 18.06 -11.02
CA LYS A 186 28.54 17.69 -12.29
C LYS A 186 29.68 16.72 -11.97
N PRO A 187 30.19 15.99 -12.98
CA PRO A 187 31.15 14.96 -12.60
C PRO A 187 32.35 15.49 -11.83
N GLU A 188 32.81 16.70 -12.13
CA GLU A 188 34.01 17.27 -11.47
C GLU A 188 33.83 17.57 -9.97
N ASN A 189 32.58 17.63 -9.51
CA ASN A 189 32.28 17.88 -8.12
C ASN A 189 31.86 16.65 -7.32
N ILE A 190 31.96 15.48 -7.93
CA ILE A 190 31.79 14.21 -7.19
C ILE A 190 33.16 13.50 -7.21
N LEU A 191 33.71 13.25 -6.02
CA LEU A 191 35.07 12.69 -5.92
C LEU A 191 35.08 11.30 -5.32
N LEU A 192 35.99 10.45 -5.79
CA LEU A 192 36.25 9.16 -5.14
C LEU A 192 36.97 9.45 -3.87
N CYS A 193 36.69 8.67 -2.82
CA CYS A 193 37.52 8.65 -1.63
C CYS A 193 38.85 7.97 -1.80
N ASN A 194 38.84 6.90 -2.57
CA ASN A 194 40.01 6.06 -2.77
C ASN A 194 39.97 5.74 -4.23
N PRO A 195 41.09 5.89 -4.91
CA PRO A 195 41.10 5.77 -6.37
C PRO A 195 40.77 4.39 -6.92
N LYS A 196 40.82 3.35 -6.10
CA LYS A 196 40.47 2.00 -6.54
C LYS A 196 39.07 1.54 -6.07
N ARG A 197 38.30 2.43 -5.47
CA ARG A 197 37.04 2.04 -4.82
C ARG A 197 35.90 2.92 -5.18
N SER A 198 34.69 2.43 -4.93
CA SER A 198 33.49 3.06 -5.43
C SER A 198 32.86 4.13 -4.53
N ALA A 199 33.35 4.29 -3.30
CA ALA A 199 32.79 5.30 -2.40
C ALA A 199 33.09 6.76 -2.89
N ILE A 200 32.09 7.62 -2.88
CA ILE A 200 32.21 8.99 -3.38
C ILE A 200 31.80 10.06 -2.35
N LYS A 201 32.29 11.26 -2.57
CA LYS A 201 31.83 12.45 -1.83
C LYS A 201 31.60 13.67 -2.75
N ILE A 202 30.65 14.50 -2.35
CA ILE A 202 30.30 15.74 -3.03
C ILE A 202 31.09 16.93 -2.49
N VAL A 203 31.73 17.67 -3.39
CA VAL A 203 32.42 18.90 -3.03
C VAL A 203 31.78 20.07 -3.75
N ASP A 204 32.34 21.26 -3.48
CA ASP A 204 32.03 22.55 -4.11
C ASP A 204 30.63 23.05 -3.82
N PHE A 205 30.42 23.49 -2.58
CA PHE A 205 29.19 24.18 -2.20
C PHE A 205 29.30 25.70 -2.36
N GLY A 206 30.23 26.13 -3.21
CA GLY A 206 30.48 27.56 -3.44
C GLY A 206 29.35 28.37 -4.09
N SER A 207 28.37 27.72 -4.70
CA SER A 207 27.20 28.39 -5.25
C SER A 207 25.90 27.94 -4.59
N SER A 208 26.01 27.15 -3.56
CA SER A 208 24.84 26.58 -2.93
C SER A 208 24.07 27.62 -2.17
N CYS A 209 22.78 27.38 -2.03
CA CYS A 209 21.99 28.17 -1.09
C CYS A 209 20.98 27.30 -0.34
N GLN A 210 20.32 27.87 0.66
CA GLN A 210 19.19 27.20 1.27
C GLN A 210 17.94 27.66 0.56
N LEU A 211 16.94 26.79 0.52
CA LEU A 211 15.63 27.14 0.02
C LEU A 211 15.17 28.45 0.68
N GLY A 212 14.62 29.38 -0.09
CA GLY A 212 14.17 30.67 0.50
C GLY A 212 15.28 31.69 0.80
N GLN A 213 16.51 31.39 0.37
CA GLN A 213 17.60 32.33 0.44
C GLN A 213 18.28 32.33 -0.90
N ARG A 214 17.49 32.25 -1.96
CA ARG A 214 18.05 32.22 -3.31
C ARG A 214 18.49 33.59 -3.68
N ILE A 215 19.65 33.69 -4.35
CA ILE A 215 20.19 35.01 -4.74
C ILE A 215 20.65 35.14 -6.19
N TYR A 216 20.94 34.04 -6.90
CA TYR A 216 21.38 34.08 -8.29
C TYR A 216 20.31 33.49 -9.21
N GLN A 217 20.40 33.87 -10.49
CA GLN A 217 19.48 33.41 -11.56
C GLN A 217 20.20 32.52 -12.56
N PTR A 218 21.39 32.91 -12.95
CA PTR A 218 22.19 32.09 -13.84
C PTR A 218 23.09 31.24 -12.95
O PTR A 218 24.05 31.72 -12.39
CB PTR A 218 22.89 33.10 -14.73
CG PTR A 218 23.82 32.59 -15.79
CD1 PTR A 218 25.21 32.59 -15.58
CD2 PTR A 218 23.34 32.14 -17.04
CE1 PTR A 218 26.09 32.16 -16.57
CE2 PTR A 218 24.23 31.70 -18.03
CZ PTR A 218 25.59 31.69 -17.78
OH PTR A 218 26.43 31.38 -18.64
P PTR A 218 26.79 30.04 -19.44
O1P PTR A 218 27.74 30.47 -20.55
O2P PTR A 218 27.58 29.20 -18.51
O3P PTR A 218 25.52 29.40 -20.11
N ILE A 219 22.74 29.99 -12.78
CA ILE A 219 23.44 29.06 -11.94
C ILE A 219 23.43 27.71 -12.65
N GLN A 220 24.22 26.79 -12.13
CA GLN A 220 24.46 25.41 -12.65
C GLN A 220 25.38 25.43 -13.88
N SER A 221 26.21 24.41 -14.04
CA SER A 221 26.95 24.29 -15.29
C SER A 221 26.00 23.96 -16.40
N ARG A 222 26.28 24.55 -17.56
CA ARG A 222 25.30 24.57 -18.62
C ARG A 222 24.80 23.16 -18.98
N PHE A 223 25.68 22.19 -19.15
CA PHE A 223 25.23 20.85 -19.57
C PHE A 223 24.27 20.22 -18.57
N TYR A 224 24.40 20.59 -17.30
CA TYR A 224 23.66 19.97 -16.17
C TYR A 224 22.56 20.93 -15.71
N ARG A 225 22.31 21.98 -16.51
CA ARG A 225 21.39 23.03 -16.10
C ARG A 225 19.94 22.66 -16.37
N SER A 226 19.07 22.97 -15.42
CA SER A 226 17.68 22.54 -15.49
C SER A 226 16.83 23.50 -16.30
N PRO A 227 15.72 23.01 -16.84
CA PRO A 227 14.87 23.85 -17.66
C PRO A 227 14.32 25.05 -16.91
N GLU A 228 14.04 24.89 -15.62
CA GLU A 228 13.50 26.01 -14.87
C GLU A 228 14.52 27.16 -14.73
N VAL A 229 15.79 26.80 -14.60
CA VAL A 229 16.81 27.81 -14.59
C VAL A 229 17.04 28.41 -15.99
N LEU A 230 17.11 27.58 -17.04
CA LEU A 230 17.15 28.12 -18.40
C LEU A 230 16.04 29.11 -18.64
N LEU A 231 14.84 28.81 -18.14
CA LEU A 231 13.63 29.61 -18.38
C LEU A 231 13.47 30.80 -17.44
N GLY A 232 14.42 31.00 -16.54
CA GLY A 232 14.39 32.07 -15.59
C GLY A 232 13.33 31.96 -14.51
N MET A 233 12.92 30.75 -14.15
CA MET A 233 11.79 30.58 -13.22
C MET A 233 12.32 30.39 -11.84
N PRO A 234 11.47 30.50 -10.82
CA PRO A 234 11.89 30.14 -9.44
C PRO A 234 12.29 28.68 -9.40
N TYR A 235 13.21 28.32 -8.53
CA TYR A 235 13.78 26.99 -8.53
C TYR A 235 13.95 26.50 -7.11
N ASP A 236 13.97 25.18 -6.93
CA ASP A 236 14.10 24.58 -5.62
C ASP A 236 15.07 23.36 -5.71
N LEU A 237 15.02 22.45 -4.74
CA LEU A 237 15.95 21.32 -4.68
C LEU A 237 15.84 20.35 -5.85
N ALA A 238 14.74 20.39 -6.55
CA ALA A 238 14.56 19.57 -7.71
C ALA A 238 15.61 19.86 -8.79
N ILE A 239 16.21 21.05 -8.84
CA ILE A 239 17.26 21.28 -9.85
C ILE A 239 18.45 20.31 -9.71
N ASP A 240 18.77 19.86 -8.49
CA ASP A 240 19.88 18.92 -8.29
C ASP A 240 19.55 17.53 -8.86
N MET A 241 18.28 17.14 -8.82
CA MET A 241 17.92 15.83 -9.32
C MET A 241 18.00 15.83 -10.86
N TRP A 242 17.70 16.97 -11.48
CA TRP A 242 17.90 17.12 -12.93
C TRP A 242 19.38 16.89 -13.27
N SER A 243 20.26 17.62 -12.59
CA SER A 243 21.70 17.44 -12.83
C SER A 243 22.12 15.97 -12.64
N LEU A 244 21.64 15.34 -11.56
CA LEU A 244 22.01 13.93 -11.33
C LEU A 244 21.66 13.06 -12.51
N GLY A 245 20.46 13.26 -13.06
CA GLY A 245 20.01 12.47 -14.20
C GLY A 245 20.95 12.60 -15.40
N CYS A 246 21.39 13.82 -15.66
CA CYS A 246 22.31 14.07 -16.74
C CYS A 246 23.65 13.40 -16.43
N ILE A 247 24.08 13.50 -15.16
CA ILE A 247 25.36 12.93 -14.80
C ILE A 247 25.32 11.41 -14.98
N LEU A 248 24.24 10.75 -14.60
CA LEU A 248 24.25 9.29 -14.59
C LEU A 248 24.32 8.75 -16.01
N VAL A 249 23.63 9.39 -16.94
CA VAL A 249 23.72 8.96 -18.33
C VAL A 249 25.14 9.16 -18.84
N GLU A 250 25.73 10.31 -18.53
CA GLU A 250 27.06 10.59 -19.00
C GLU A 250 28.07 9.52 -18.51
N MET A 251 27.96 9.12 -17.26
CA MET A 251 28.87 8.15 -16.70
C MET A 251 28.78 6.79 -17.37
N HIS A 252 27.62 6.44 -17.90
CA HIS A 252 27.49 5.15 -18.56
C HIS A 252 27.81 5.21 -20.03
N THR A 253 27.49 6.33 -20.71
CA THR A 253 27.75 6.48 -22.15
C THR A 253 29.12 7.10 -22.45
N GLY A 254 29.67 7.82 -21.49
CA GLY A 254 30.95 8.49 -21.67
C GLY A 254 30.88 9.92 -22.20
N GLU A 255 29.68 10.40 -22.40
CA GLU A 255 29.44 11.57 -23.25
C GLU A 255 28.31 12.38 -22.63
N PRO A 256 28.41 13.71 -22.56
CA PRO A 256 27.27 14.45 -21.98
C PRO A 256 25.97 14.24 -22.74
N LEU A 257 24.88 14.10 -22.01
CA LEU A 257 23.60 13.91 -22.63
C LEU A 257 23.15 15.15 -23.40
N PHE A 258 23.22 16.31 -22.75
CA PHE A 258 22.81 17.59 -23.35
C PHE A 258 23.97 18.58 -23.40
N SER A 259 24.67 18.64 -24.52
CA SER A 259 25.96 19.41 -24.59
C SER A 259 25.86 20.72 -25.32
N GLY A 260 25.03 21.62 -24.80
CA GLY A 260 24.81 22.92 -25.46
C GLY A 260 26.01 23.85 -25.43
N ALA A 261 26.22 24.60 -26.52
CA ALA A 261 27.33 25.55 -26.58
C ALA A 261 26.94 26.88 -25.94
N ASN A 262 25.65 27.10 -25.73
CA ASN A 262 25.09 28.29 -25.10
C ASN A 262 23.66 27.94 -24.69
N GLU A 263 22.92 28.87 -24.11
CA GLU A 263 21.58 28.57 -23.61
C GLU A 263 20.56 28.16 -24.67
N VAL A 264 20.50 28.86 -25.81
CA VAL A 264 19.57 28.48 -26.89
C VAL A 264 19.82 27.02 -27.33
N ASP A 265 21.08 26.69 -27.51
CA ASP A 265 21.46 25.41 -27.99
C ASP A 265 21.20 24.35 -26.89
N GLN A 266 21.39 24.71 -25.64
CA GLN A 266 21.13 23.78 -24.55
C GLN A 266 19.65 23.43 -24.47
N MET A 267 18.78 24.42 -24.65
CA MET A 267 17.33 24.13 -24.61
C MET A 267 16.91 23.33 -25.82
N ASN A 268 17.46 23.65 -26.99
CA ASN A 268 17.17 22.84 -28.20
C ASN A 268 17.58 21.35 -28.08
N LYS A 269 18.72 21.10 -27.44
CA LYS A 269 19.18 19.74 -27.20
C LYS A 269 18.29 18.98 -26.22
N ILE A 270 17.79 19.63 -25.18
CA ILE A 270 16.87 19.01 -24.26
C ILE A 270 15.60 18.69 -25.00
N VAL A 271 15.18 19.55 -25.89
CA VAL A 271 13.94 19.37 -26.61
C VAL A 271 14.01 18.18 -27.58
N GLU A 272 15.20 17.96 -28.16
CA GLU A 272 15.37 16.84 -29.05
C GLU A 272 14.99 15.52 -28.33
N VAL A 273 15.33 15.43 -27.05
CA VAL A 273 15.13 14.18 -26.31
C VAL A 273 13.76 14.16 -25.65
N LEU A 274 13.31 15.28 -25.07
CA LEU A 274 12.11 15.27 -24.20
C LEU A 274 10.88 15.93 -24.80
N GLY A 275 10.99 16.58 -25.95
CA GLY A 275 9.88 17.28 -26.58
C GLY A 275 9.75 18.71 -26.07
N ILE A 276 8.73 19.40 -26.56
CA ILE A 276 8.46 20.77 -26.17
C ILE A 276 7.97 20.74 -24.71
N PRO A 277 8.43 21.68 -23.87
CA PRO A 277 7.97 21.64 -22.50
C PRO A 277 6.47 21.98 -22.41
N PRO A 278 5.77 21.45 -21.39
CA PRO A 278 4.31 21.60 -21.37
C PRO A 278 3.86 23.05 -21.21
N ALA A 279 2.72 23.35 -21.80
CA ALA A 279 2.12 24.67 -21.74
C ALA A 279 2.10 25.26 -20.32
N HIS A 280 1.75 24.50 -19.30
CA HIS A 280 1.64 25.10 -17.96
C HIS A 280 2.97 25.64 -17.40
N ILE A 281 4.10 25.08 -17.83
CA ILE A 281 5.40 25.67 -17.49
C ILE A 281 5.73 26.89 -18.34
N LEU A 282 5.65 26.75 -19.66
CA LEU A 282 6.00 27.87 -20.53
C LEU A 282 5.12 29.14 -20.30
N ASP A 283 3.84 28.96 -19.97
CA ASP A 283 2.94 30.08 -19.69
C ASP A 283 3.41 30.90 -18.49
N GLN A 284 4.19 30.34 -17.59
CA GLN A 284 4.66 31.08 -16.45
C GLN A 284 6.13 31.41 -16.55
N ALA A 285 6.77 31.18 -17.69
CA ALA A 285 8.24 31.31 -17.78
C ALA A 285 8.68 32.68 -18.34
N PRO A 286 9.41 33.45 -17.54
CA PRO A 286 9.82 34.76 -18.04
C PRO A 286 10.68 34.72 -19.32
N LYS A 287 11.48 33.67 -19.48
CA LYS A 287 12.35 33.59 -20.66
C LYS A 287 11.82 32.62 -21.71
N ALA A 288 10.53 32.28 -21.65
CA ALA A 288 9.91 31.38 -22.63
C ALA A 288 10.26 31.82 -24.02
N ARG A 289 10.18 33.12 -24.27
CA ARG A 289 10.32 33.61 -25.63
C ARG A 289 11.74 33.70 -26.10
N LYS A 290 12.73 33.41 -25.28
CA LYS A 290 14.09 33.32 -25.78
C LYS A 290 14.28 32.08 -26.69
N PHE A 291 13.49 31.02 -26.43
CA PHE A 291 13.57 29.72 -27.11
C PHE A 291 12.29 29.30 -27.89
N PHE A 292 11.10 29.76 -27.46
CA PHE A 292 9.81 29.27 -27.97
C PHE A 292 8.85 30.40 -28.36
N GLU A 293 7.81 30.06 -29.13
CA GLU A 293 6.73 31.02 -29.44
C GLU A 293 5.37 30.39 -29.27
N LYS A 294 4.39 31.20 -28.88
CA LYS A 294 3.04 30.72 -28.59
C LYS A 294 2.15 30.85 -29.83
N LEU A 295 1.50 29.76 -30.22
CA LEU A 295 0.61 29.80 -31.39
C LEU A 295 -0.80 30.29 -30.97
N PRO A 296 -1.60 30.82 -31.92
CA PRO A 296 -2.93 31.32 -31.55
C PRO A 296 -3.76 30.30 -30.73
N ASP A 297 -3.65 29.02 -31.07
CA ASP A 297 -4.39 27.97 -30.34
C ASP A 297 -3.97 27.77 -28.87
N GLY A 298 -2.89 28.42 -28.42
CA GLY A 298 -2.47 28.29 -27.02
C GLY A 298 -1.37 27.24 -26.82
N THR A 299 -0.96 26.59 -27.91
CA THR A 299 0.17 25.67 -27.87
C THR A 299 1.49 26.37 -28.25
N TRP A 300 2.58 25.83 -27.76
CA TRP A 300 3.91 26.37 -27.98
C TRP A 300 4.70 25.54 -28.98
N ASN A 301 5.59 26.19 -29.72
CA ASN A 301 6.58 25.56 -30.60
C ASN A 301 7.93 26.21 -30.35
N LEU A 302 9.00 25.64 -30.91
CA LEU A 302 10.29 26.33 -30.96
C LEU A 302 10.12 27.56 -31.80
N LYS A 303 10.87 28.61 -31.50
CA LYS A 303 10.91 29.84 -32.35
C LYS A 303 11.28 29.56 -33.78
N LYS A 304 10.65 30.30 -34.71
CA LYS A 304 10.88 30.11 -36.13
C LYS A 304 12.35 30.40 -36.44
N THR A 305 12.92 29.67 -37.37
CA THR A 305 14.29 29.95 -37.82
C THR A 305 14.30 30.11 -39.34
N LYS A 306 15.42 30.61 -39.85
CA LYS A 306 15.62 30.83 -41.29
C LYS A 306 15.15 29.61 -42.10
N ASP A 307 14.54 29.90 -43.25
CA ASP A 307 14.14 28.91 -44.26
C ASP A 307 15.36 28.13 -44.74
N GLY A 308 15.27 26.80 -44.69
CA GLY A 308 16.36 25.91 -45.09
C GLY A 308 17.18 25.40 -43.90
N LYS A 309 17.10 26.10 -42.76
CA LYS A 309 18.08 25.97 -41.71
C LYS A 309 17.72 24.88 -40.72
N ARG A 310 17.85 23.61 -41.12
CA ARG A 310 17.79 22.47 -40.19
C ARG A 310 19.03 22.25 -39.28
N GLU A 311 18.83 22.13 -37.98
CA GLU A 311 19.98 21.91 -37.07
C GLU A 311 19.70 20.87 -36.01
N TYR A 312 18.45 20.78 -35.56
CA TYR A 312 18.13 19.84 -34.51
C TYR A 312 17.19 18.77 -35.05
N LYS A 313 17.21 17.62 -34.41
CA LYS A 313 16.23 16.60 -34.62
C LYS A 313 14.91 17.12 -34.17
N PRO A 314 13.85 16.68 -34.82
CA PRO A 314 12.54 17.18 -34.43
C PRO A 314 12.19 16.84 -32.98
N PRO A 315 11.37 17.66 -32.36
CA PRO A 315 11.18 17.52 -30.91
C PRO A 315 10.85 16.09 -30.45
N GLY A 316 11.62 15.55 -29.53
CA GLY A 316 11.29 14.23 -28.94
C GLY A 316 11.67 13.01 -29.75
N THR A 317 12.30 13.18 -30.92
CA THR A 317 12.72 12.05 -31.71
C THR A 317 14.13 11.53 -31.37
N ARG A 318 14.87 12.16 -30.48
CA ARG A 318 16.17 11.56 -30.08
C ARG A 318 15.92 10.75 -28.77
N LYS A 319 15.70 9.44 -28.89
CA LYS A 319 15.18 8.66 -27.80
C LYS A 319 16.29 8.19 -26.89
N LEU A 320 16.10 8.36 -25.59
CA LEU A 320 17.02 7.78 -24.62
C LEU A 320 17.13 6.25 -24.83
N HIS A 321 16.06 5.62 -25.29
CA HIS A 321 16.08 4.19 -25.63
C HIS A 321 17.27 3.90 -26.54
N ASN A 322 17.54 4.76 -27.51
CA ASN A 322 18.65 4.51 -28.45
C ASN A 322 20.00 5.00 -27.96
N ILE A 323 20.02 6.10 -27.25
CA ILE A 323 21.23 6.62 -26.64
C ILE A 323 21.81 5.58 -25.71
N LEU A 324 20.96 5.01 -24.86
CA LEU A 324 21.39 3.96 -23.91
C LEU A 324 21.60 2.58 -24.56
N GLY A 325 21.05 2.35 -25.75
CA GLY A 325 21.19 1.07 -26.43
C GLY A 325 20.51 -0.08 -25.66
N VAL A 326 19.31 0.20 -25.16
CA VAL A 326 18.58 -0.70 -24.29
C VAL A 326 18.49 -2.07 -24.90
N GLU A 327 18.14 -2.15 -26.16
CA GLU A 327 18.00 -3.47 -26.79
C GLU A 327 19.07 -3.81 -27.80
N THR A 328 20.17 -3.08 -27.79
CA THR A 328 21.19 -3.28 -28.84
C THR A 328 22.58 -3.36 -28.23
N GLY A 329 22.67 -3.76 -26.96
CA GLY A 329 23.96 -3.96 -26.32
C GLY A 329 24.57 -2.77 -25.60
N GLY A 330 23.73 -1.84 -25.17
CA GLY A 330 24.21 -0.64 -24.48
C GLY A 330 24.75 0.49 -25.38
N PRO A 331 25.28 1.54 -24.76
CA PRO A 331 25.80 2.67 -25.54
C PRO A 331 26.80 2.21 -26.60
N GLY A 332 26.50 2.53 -27.85
CA GLY A 332 27.31 2.13 -28.99
C GLY A 332 27.48 0.64 -29.23
N GLY A 333 26.62 -0.18 -28.61
CA GLY A 333 26.79 -1.62 -28.65
C GLY A 333 27.93 -2.18 -27.83
N ARG A 334 28.54 -1.37 -26.97
CA ARG A 334 29.83 -1.74 -26.38
C ARG A 334 29.69 -2.73 -25.26
N ARG A 335 28.47 -2.96 -24.80
CA ARG A 335 28.25 -3.88 -23.71
C ARG A 335 27.64 -5.19 -24.16
N ALA A 336 27.51 -5.42 -25.47
CA ALA A 336 26.85 -6.66 -25.96
C ALA A 336 27.41 -7.90 -25.29
N GLY A 337 26.52 -8.77 -24.81
CA GLY A 337 26.91 -10.00 -24.15
C GLY A 337 27.89 -9.77 -23.02
N GLU A 338 27.63 -8.73 -22.23
CA GLU A 338 28.30 -8.61 -20.94
C GLU A 338 27.28 -8.92 -19.87
N SER A 339 27.80 -9.50 -18.82
CA SER A 339 27.11 -9.69 -17.58
C SER A 339 26.74 -8.32 -17.03
N GLY A 340 25.63 -8.25 -16.32
CA GLY A 340 25.18 -7.02 -15.68
C GLY A 340 24.57 -5.95 -16.60
N HIS A 341 24.26 -6.31 -17.84
CA HIS A 341 23.81 -5.31 -18.82
C HIS A 341 22.69 -5.88 -19.66
N THR A 342 21.69 -6.45 -18.99
CA THR A 342 20.60 -7.10 -19.67
C THR A 342 19.59 -6.05 -20.09
N VAL A 343 18.70 -6.43 -20.98
CA VAL A 343 17.64 -5.51 -21.43
C VAL A 343 16.81 -5.03 -20.25
N ALA A 344 16.45 -5.94 -19.35
CA ALA A 344 15.69 -5.61 -18.14
C ALA A 344 16.44 -4.59 -17.26
N ASP A 345 17.73 -4.82 -17.00
CA ASP A 345 18.57 -3.82 -16.34
C ASP A 345 18.39 -2.46 -16.99
N TYR A 346 18.57 -2.39 -18.32
CA TYR A 346 18.49 -1.12 -19.03
C TYR A 346 17.11 -0.48 -18.95
N LEU A 347 16.06 -1.27 -18.96
CA LEU A 347 14.70 -0.69 -18.90
C LEU A 347 14.49 -0.04 -17.55
N LYS A 348 14.97 -0.67 -16.50
CA LYS A 348 14.87 -0.06 -15.19
C LYS A 348 15.68 1.25 -15.10
N PHE A 349 16.91 1.24 -15.64
CA PHE A 349 17.78 2.42 -15.61
C PHE A 349 17.16 3.59 -16.36
N LYS A 350 16.69 3.32 -17.57
CA LYS A 350 15.97 4.28 -18.37
C LYS A 350 14.78 4.92 -17.71
N ASP A 351 13.94 4.12 -17.03
CA ASP A 351 12.79 4.66 -16.31
C ASP A 351 13.20 5.62 -15.20
N LEU A 352 14.20 5.26 -14.42
CA LEU A 352 14.66 6.11 -13.38
C LEU A 352 15.12 7.45 -13.97
N ILE A 353 15.94 7.38 -15.02
CA ILE A 353 16.47 8.59 -15.66
C ILE A 353 15.35 9.51 -16.17
N LEU A 354 14.34 8.96 -16.83
CA LEU A 354 13.22 9.80 -17.30
C LEU A 354 12.45 10.38 -16.15
N ARG A 355 12.34 9.68 -15.04
CA ARG A 355 11.67 10.31 -13.90
C ARG A 355 12.51 11.47 -13.31
N MET A 356 13.83 11.41 -13.43
CA MET A 356 14.73 12.48 -12.98
C MET A 356 14.75 13.65 -13.97
N LEU A 357 14.39 13.40 -15.22
CA LEU A 357 14.37 14.43 -16.25
C LEU A 357 12.94 14.86 -16.61
N ASP A 358 11.99 14.65 -15.71
CA ASP A 358 10.66 15.26 -15.81
C ASP A 358 10.79 16.81 -15.83
N TYR A 359 10.16 17.45 -16.80
CA TYR A 359 10.19 18.91 -16.94
C TYR A 359 9.54 19.63 -15.76
N ASP A 360 8.55 19.00 -15.13
CA ASP A 360 7.83 19.61 -14.00
C ASP A 360 8.57 19.35 -12.68
N PRO A 361 9.17 20.39 -12.10
CA PRO A 361 9.95 20.23 -10.88
C PRO A 361 9.11 19.77 -9.73
N LYS A 362 7.80 19.92 -9.86
CA LYS A 362 6.89 19.45 -8.83
C LYS A 362 6.60 17.95 -8.86
N THR A 363 6.76 17.30 -10.02
CA THR A 363 6.53 15.85 -10.16
C THR A 363 7.83 15.08 -10.44
N ARG A 364 8.88 15.77 -10.81
CA ARG A 364 10.20 15.16 -10.82
C ARG A 364 10.48 14.34 -9.54
N ILE A 365 11.10 13.18 -9.75
CA ILE A 365 11.28 12.21 -8.69
C ILE A 365 12.12 12.77 -7.58
N GLN A 366 11.69 12.56 -6.35
CA GLN A 366 12.43 13.11 -5.20
C GLN A 366 13.28 12.01 -4.61
N PRO A 367 14.34 12.37 -3.88
CA PRO A 367 15.36 11.39 -3.47
C PRO A 367 14.85 10.14 -2.76
N TYR A 368 13.92 10.33 -1.84
CA TYR A 368 13.34 9.22 -1.07
C TYR A 368 12.66 8.16 -1.97
N TYR A 369 11.97 8.61 -3.01
CA TYR A 369 11.30 7.68 -3.91
C TYR A 369 12.28 7.17 -4.93
N ALA A 370 13.29 7.95 -5.27
CA ALA A 370 14.23 7.43 -6.23
C ALA A 370 14.94 6.22 -5.62
N LEU A 371 15.25 6.28 -4.32
CA LEU A 371 15.90 5.16 -3.66
C LEU A 371 15.05 3.88 -3.57
N GLN A 372 13.75 4.00 -3.78
CA GLN A 372 12.87 2.87 -3.80
C GLN A 372 12.62 2.30 -5.19
N HIS A 373 13.28 2.88 -6.19
CA HIS A 373 13.09 2.45 -7.56
C HIS A 373 13.61 1.01 -7.77
N SER A 374 12.96 0.26 -8.66
CA SER A 374 13.36 -1.12 -8.99
C SER A 374 14.77 -1.20 -9.57
N PHE A 375 15.31 -0.11 -10.08
CA PHE A 375 16.72 -0.12 -10.50
C PHE A 375 17.69 -0.52 -9.37
N PHE A 376 17.31 -0.25 -8.11
CA PHE A 376 18.17 -0.54 -6.96
C PHE A 376 17.81 -1.83 -6.21
N LYS A 377 16.88 -2.63 -6.71
CA LYS A 377 16.49 -3.87 -6.00
C LYS A 377 17.64 -4.89 -5.87
N LYS A 378 17.76 -5.44 -4.65
CA LYS A 378 18.85 -6.35 -4.22
C LYS A 378 18.70 -7.75 -4.82
N VAL B 32 -51.17 -0.17 -23.63
CA VAL B 32 -50.80 -0.31 -25.09
C VAL B 32 -49.62 0.60 -25.53
N TYR B 33 -48.47 0.00 -25.79
CA TYR B 33 -47.31 0.78 -26.27
C TYR B 33 -47.08 0.43 -27.72
N ASN B 34 -46.99 1.48 -28.56
CA ASN B 34 -46.76 1.32 -30.01
C ASN B 34 -47.72 0.28 -30.63
N ASP B 35 -49.01 0.43 -30.35
CA ASP B 35 -50.03 -0.52 -30.82
C ASP B 35 -49.75 -2.01 -30.49
N GLY B 36 -49.06 -2.26 -29.37
CA GLY B 36 -48.80 -3.62 -28.90
C GLY B 36 -47.49 -4.24 -29.36
N TYR B 37 -46.68 -3.48 -30.10
CA TYR B 37 -45.40 -4.01 -30.59
C TYR B 37 -44.29 -3.84 -29.58
N ASP B 38 -44.44 -2.88 -28.67
CA ASP B 38 -43.42 -2.59 -27.68
C ASP B 38 -43.86 -2.99 -26.30
N ASP B 39 -42.88 -3.27 -25.45
CA ASP B 39 -43.06 -3.35 -23.99
C ASP B 39 -43.02 -1.93 -23.41
N ASP B 40 -43.04 -1.84 -22.09
CA ASP B 40 -43.22 -0.56 -21.41
C ASP B 40 -41.91 0.22 -21.26
N ASN B 41 -40.83 -0.30 -21.81
CA ASN B 41 -39.52 0.38 -21.75
C ASN B 41 -39.02 0.68 -23.16
N TYR B 42 -39.96 0.79 -24.07
CA TYR B 42 -39.74 1.32 -25.41
C TYR B 42 -38.99 0.34 -26.30
N ASP B 43 -38.83 -0.89 -25.87
CA ASP B 43 -38.18 -1.91 -26.71
C ASP B 43 -39.21 -2.64 -27.55
N TYR B 44 -38.82 -2.96 -28.75
CA TYR B 44 -39.60 -3.90 -29.55
C TYR B 44 -39.64 -5.24 -28.84
N ILE B 45 -40.82 -5.82 -28.71
CA ILE B 45 -41.00 -7.19 -28.23
C ILE B 45 -40.53 -8.18 -29.30
N VAL B 46 -39.30 -8.69 -29.15
CA VAL B 46 -38.73 -9.64 -30.15
C VAL B 46 -39.45 -10.99 -30.19
N LYS B 47 -39.67 -11.49 -31.40
CA LYS B 47 -40.42 -12.74 -31.57
C LYS B 47 -39.65 -13.65 -32.49
N ASN B 48 -39.32 -14.84 -32.00
CA ASN B 48 -38.50 -15.74 -32.77
C ASN B 48 -39.25 -16.20 -34.02
N GLY B 49 -38.53 -16.32 -35.14
CA GLY B 49 -39.14 -16.77 -36.37
C GLY B 49 -39.86 -15.68 -37.13
N GLU B 50 -39.94 -14.46 -36.59
CA GLU B 50 -40.60 -13.38 -37.31
C GLU B 50 -39.78 -13.07 -38.55
N LYS B 51 -40.46 -12.79 -39.67
CA LYS B 51 -39.79 -12.28 -40.88
C LYS B 51 -40.13 -10.80 -41.12
N TRP B 52 -39.09 -9.96 -41.26
CA TRP B 52 -39.30 -8.54 -41.50
C TRP B 52 -39.12 -8.26 -42.94
N MET B 53 -40.03 -7.48 -43.50
CA MET B 53 -39.89 -6.91 -44.85
C MET B 53 -39.54 -7.92 -45.97
N ASP B 54 -40.07 -9.14 -45.88
CA ASP B 54 -39.72 -10.22 -46.82
C ASP B 54 -38.20 -10.29 -47.09
N ARG B 55 -37.39 -10.02 -46.07
CA ARG B 55 -35.92 -10.04 -46.21
C ARG B 55 -35.23 -10.66 -44.99
N TYR B 56 -35.47 -10.11 -43.80
CA TYR B 56 -34.77 -10.58 -42.60
C TYR B 56 -35.58 -11.59 -41.79
N GLU B 57 -34.94 -12.71 -41.43
CA GLU B 57 -35.58 -13.77 -40.64
C GLU B 57 -35.01 -13.77 -39.22
N ILE B 58 -35.79 -13.32 -38.25
CA ILE B 58 -35.29 -13.10 -36.90
C ILE B 58 -35.17 -14.43 -36.18
N ASP B 59 -33.97 -14.73 -35.67
CA ASP B 59 -33.71 -16.00 -35.05
C ASP B 59 -33.92 -15.87 -33.55
N SER B 60 -33.29 -14.88 -32.92
CA SER B 60 -33.43 -14.71 -31.48
C SER B 60 -32.82 -13.40 -30.96
N LEU B 61 -33.25 -13.03 -29.76
CA LEU B 61 -32.70 -11.90 -29.03
C LEU B 61 -31.33 -12.34 -28.56
N ILE B 62 -30.26 -11.62 -28.90
CA ILE B 62 -28.93 -11.98 -28.39
C ILE B 62 -28.36 -10.95 -27.40
N GLY B 63 -28.93 -9.77 -27.34
CA GLY B 63 -28.50 -8.79 -26.36
C GLY B 63 -29.51 -7.69 -26.07
N LYS B 64 -29.55 -7.28 -24.82
CA LYS B 64 -30.37 -6.17 -24.36
C LYS B 64 -29.50 -5.13 -23.68
N GLY B 65 -29.83 -3.86 -23.87
CA GLY B 65 -29.08 -2.79 -23.21
C GLY B 65 -29.82 -1.47 -23.09
N SER B 66 -29.08 -0.44 -22.67
CA SER B 66 -29.59 0.91 -22.37
C SER B 66 -30.32 1.52 -23.55
N PHE B 67 -29.77 1.26 -24.74
CA PHE B 67 -30.15 1.85 -26.01
C PHE B 67 -31.10 0.99 -26.81
N GLY B 68 -31.30 -0.24 -26.39
CA GLY B 68 -32.18 -1.14 -27.13
C GLY B 68 -31.76 -2.60 -27.10
N GLN B 69 -31.93 -3.27 -28.23
CA GLN B 69 -31.71 -4.69 -28.30
C GLN B 69 -30.96 -5.08 -29.58
N VAL B 70 -30.16 -6.13 -29.52
CA VAL B 70 -29.50 -6.69 -30.69
C VAL B 70 -30.09 -8.08 -30.92
N VAL B 71 -30.56 -8.32 -32.14
CA VAL B 71 -31.04 -9.63 -32.58
C VAL B 71 -30.17 -10.24 -33.67
N LYS B 72 -30.14 -11.56 -33.69
CA LYS B 72 -29.49 -12.31 -34.75
C LYS B 72 -30.54 -12.57 -35.80
N ALA B 73 -30.28 -12.13 -37.03
CA ALA B 73 -31.20 -12.32 -38.13
C ALA B 73 -30.49 -12.90 -39.34
N TYR B 74 -31.22 -13.57 -40.20
CA TYR B 74 -30.65 -14.04 -41.45
C TYR B 74 -31.19 -13.18 -42.57
N ASP B 75 -30.31 -12.74 -43.46
CA ASP B 75 -30.67 -11.86 -44.55
C ASP B 75 -30.72 -12.72 -45.79
N ARG B 76 -31.95 -12.94 -46.28
CA ARG B 76 -32.20 -13.82 -47.42
C ARG B 76 -31.75 -13.17 -48.72
N VAL B 77 -31.70 -11.84 -48.77
CA VAL B 77 -31.25 -11.16 -50.00
C VAL B 77 -29.73 -11.35 -50.17
N GLU B 78 -28.96 -11.12 -49.11
CA GLU B 78 -27.50 -11.24 -49.22
C GLU B 78 -26.98 -12.62 -48.86
N GLN B 79 -27.87 -13.45 -48.32
CA GLN B 79 -27.55 -14.82 -47.91
C GLN B 79 -26.46 -14.90 -46.82
N GLU B 80 -26.59 -14.11 -45.78
CA GLU B 80 -25.63 -14.14 -44.66
C GLU B 80 -26.33 -13.86 -43.35
N TRP B 81 -25.70 -14.26 -42.26
CA TRP B 81 -26.15 -13.89 -40.92
C TRP B 81 -25.68 -12.50 -40.59
N VAL B 82 -26.56 -11.76 -39.90
CA VAL B 82 -26.29 -10.38 -39.48
C VAL B 82 -26.85 -10.12 -38.09
N ALA B 83 -26.43 -9.01 -37.50
CA ALA B 83 -26.90 -8.57 -36.19
C ALA B 83 -27.63 -7.28 -36.43
N ILE B 84 -28.90 -7.22 -36.04
CA ILE B 84 -29.70 -6.02 -36.19
C ILE B 84 -29.90 -5.39 -34.78
N LYS B 85 -29.44 -4.16 -34.61
CA LYS B 85 -29.66 -3.39 -33.40
C LYS B 85 -30.97 -2.59 -33.53
N ILE B 86 -31.94 -2.87 -32.68
CA ILE B 86 -33.21 -2.16 -32.69
C ILE B 86 -33.12 -1.08 -31.65
N ILE B 87 -33.08 0.16 -32.09
CA ILE B 87 -33.06 1.32 -31.18
C ILE B 87 -34.42 1.48 -30.46
N LYS B 88 -34.41 1.95 -29.21
CA LYS B 88 -35.66 2.21 -28.47
C LYS B 88 -36.52 3.22 -29.21
N ASN B 89 -37.84 3.06 -29.13
CA ASN B 89 -38.78 3.88 -29.86
C ASN B 89 -39.09 5.07 -28.97
N LYS B 90 -38.18 6.03 -28.95
CA LYS B 90 -38.36 7.25 -28.18
C LYS B 90 -37.44 8.34 -28.74
N LYS B 91 -37.97 9.56 -28.85
CA LYS B 91 -37.30 10.67 -29.55
C LYS B 91 -35.84 10.91 -29.11
N ALA B 92 -35.60 10.97 -27.80
CA ALA B 92 -34.26 11.14 -27.30
C ALA B 92 -33.32 10.06 -27.82
N PHE B 93 -33.77 8.80 -27.86
CA PHE B 93 -32.91 7.70 -28.33
C PHE B 93 -32.76 7.71 -29.83
N LEU B 94 -33.86 7.97 -30.55
CA LEU B 94 -33.76 8.10 -32.00
C LEU B 94 -32.74 9.15 -32.40
N ASN B 95 -32.85 10.33 -31.80
CA ASN B 95 -31.99 11.46 -32.15
C ASN B 95 -30.50 11.16 -31.89
N GLN B 96 -30.18 10.53 -30.77
CA GLN B 96 -28.80 10.14 -30.53
C GLN B 96 -28.33 9.05 -31.52
N ALA B 97 -29.17 8.08 -31.85
CA ALA B 97 -28.78 7.02 -32.79
C ALA B 97 -28.55 7.58 -34.19
N GLN B 98 -29.18 8.68 -34.55
CA GLN B 98 -28.86 9.35 -35.80
C GLN B 98 -27.47 9.97 -35.82
N ILE B 99 -26.98 10.46 -34.70
CA ILE B 99 -25.61 10.89 -34.66
C ILE B 99 -24.74 9.63 -34.89
N GLU B 100 -25.10 8.51 -34.26
CA GLU B 100 -24.33 7.27 -34.35
C GLU B 100 -24.22 6.78 -35.79
N VAL B 101 -25.34 6.82 -36.50
CA VAL B 101 -25.38 6.42 -37.88
C VAL B 101 -24.50 7.29 -38.75
N ARG B 102 -24.55 8.60 -38.57
CA ARG B 102 -23.69 9.48 -39.32
C ARG B 102 -22.24 9.10 -39.09
N LEU B 103 -21.86 8.84 -37.85
CA LEU B 103 -20.45 8.57 -37.53
C LEU B 103 -19.97 7.23 -38.07
N LEU B 104 -20.83 6.23 -37.98
CA LEU B 104 -20.57 4.96 -38.58
C LEU B 104 -20.39 5.08 -40.10
N GLU B 105 -21.24 5.82 -40.76
CA GLU B 105 -21.16 5.89 -42.22
C GLU B 105 -19.94 6.60 -42.63
N LEU B 106 -19.58 7.62 -41.86
CA LEU B 106 -18.35 8.39 -42.10
C LEU B 106 -17.09 7.49 -41.96
N MET B 107 -17.09 6.58 -40.98
CA MET B 107 -15.94 5.71 -40.70
C MET B 107 -15.86 4.58 -41.70
N ASN B 108 -16.99 3.98 -42.03
CA ASN B 108 -17.01 2.92 -42.99
C ASN B 108 -16.62 3.42 -44.39
N LYS B 109 -16.87 4.69 -44.72
CA LYS B 109 -16.53 5.19 -46.06
C LYS B 109 -15.03 5.49 -46.21
N HIS B 110 -14.33 5.74 -45.10
CA HIS B 110 -12.93 6.18 -45.20
C HIS B 110 -11.98 5.03 -45.47
N ASP B 111 -11.09 5.35 -46.42
CA ASP B 111 -10.55 4.43 -47.42
C ASP B 111 -9.13 3.87 -47.19
N THR B 112 -8.61 3.87 -45.94
CA THR B 112 -7.42 3.05 -45.57
C THR B 112 -7.88 1.65 -45.05
N GLU B 113 -6.92 0.77 -44.68
CA GLU B 113 -7.21 -0.58 -44.11
C GLU B 113 -7.53 -0.56 -42.58
N MET B 114 -7.20 0.56 -41.94
CA MET B 114 -7.42 0.77 -40.49
C MET B 114 -8.91 0.71 -40.16
N LYS B 115 -9.70 1.24 -41.10
CA LYS B 115 -11.18 1.24 -41.04
C LYS B 115 -11.72 -0.13 -40.69
N TYR B 116 -10.88 -1.13 -40.89
CA TYR B 116 -11.26 -2.50 -40.58
C TYR B 116 -11.29 -2.87 -39.06
N TYR B 117 -10.79 -2.03 -38.12
CA TYR B 117 -11.10 -2.30 -36.71
C TYR B 117 -12.48 -1.79 -36.17
N ILE B 118 -13.27 -1.12 -37.02
CA ILE B 118 -14.55 -0.59 -36.64
C ILE B 118 -15.64 -1.50 -37.20
N VAL B 119 -16.66 -1.78 -36.41
CA VAL B 119 -17.79 -2.57 -36.89
C VAL B 119 -18.36 -1.94 -38.17
N HIS B 120 -18.80 -2.77 -39.11
CA HIS B 120 -19.31 -2.30 -40.38
C HIS B 120 -20.85 -2.26 -40.29
N LEU B 121 -21.41 -1.06 -40.46
CA LEU B 121 -22.85 -0.85 -40.56
C LEU B 121 -23.17 -1.06 -42.01
N LYS B 122 -23.99 -2.06 -42.31
CA LYS B 122 -24.33 -2.41 -43.69
C LYS B 122 -25.46 -1.53 -44.23
N ARG B 123 -26.52 -1.37 -43.44
CA ARG B 123 -27.58 -0.41 -43.75
C ARG B 123 -28.47 -0.20 -42.53
N HIS B 124 -29.34 0.79 -42.63
CA HIS B 124 -30.35 0.99 -41.61
C HIS B 124 -31.69 1.13 -42.28
N PHE B 125 -32.75 0.95 -41.48
CA PHE B 125 -34.11 1.18 -41.94
C PHE B 125 -34.98 1.40 -40.72
N MET B 126 -36.18 1.91 -40.95
CA MET B 126 -37.20 2.04 -39.91
C MET B 126 -38.19 0.91 -40.02
N PHE B 127 -38.50 0.26 -38.92
CA PHE B 127 -39.48 -0.81 -38.96
C PHE B 127 -40.29 -0.73 -37.70
N ARG B 128 -41.60 -0.66 -37.87
CA ARG B 128 -42.55 -0.58 -36.78
C ARG B 128 -42.22 0.50 -35.78
N ASN B 129 -41.87 1.66 -36.32
CA ASN B 129 -41.45 2.85 -35.57
C ASN B 129 -40.12 2.68 -34.84
N HIS B 130 -39.35 1.65 -35.17
CA HIS B 130 -38.01 1.51 -34.61
C HIS B 130 -36.99 1.75 -35.70
N LEU B 131 -35.99 2.57 -35.39
CA LEU B 131 -34.76 2.60 -36.18
C LEU B 131 -33.92 1.32 -35.93
N CYS B 132 -33.54 0.65 -37.03
CA CYS B 132 -32.83 -0.62 -36.98
C CYS B 132 -31.52 -0.50 -37.74
N LEU B 133 -30.41 -0.84 -37.11
CA LEU B 133 -29.10 -0.79 -37.72
C LEU B 133 -28.65 -2.23 -37.98
N VAL B 134 -28.24 -2.52 -39.22
CA VAL B 134 -27.87 -3.88 -39.62
C VAL B 134 -26.36 -3.97 -39.64
N PHE B 135 -25.80 -4.84 -38.80
CA PHE B 135 -24.34 -4.93 -38.63
C PHE B 135 -23.83 -6.28 -39.11
N GLU B 136 -22.57 -6.32 -39.52
CA GLU B 136 -21.94 -7.61 -39.74
C GLU B 136 -21.99 -8.45 -38.45
N MET B 137 -21.93 -9.76 -38.59
CA MET B 137 -21.93 -10.67 -37.46
C MET B 137 -20.54 -10.86 -36.81
N LEU B 138 -20.49 -10.77 -35.50
CA LEU B 138 -19.28 -10.85 -34.73
C LEU B 138 -19.53 -11.83 -33.59
N SER B 139 -18.47 -12.40 -33.06
CA SER B 139 -18.55 -13.39 -32.00
C SER B 139 -18.39 -12.71 -30.60
N TYR B 140 -17.77 -13.39 -29.63
CA TYR B 140 -17.75 -12.97 -28.21
C TYR B 140 -16.92 -11.74 -27.93
N ASN B 141 -17.24 -11.03 -26.86
CA ASN B 141 -16.53 -9.80 -26.54
C ASN B 141 -15.41 -10.12 -25.56
N LEU B 142 -14.49 -9.19 -25.38
CA LEU B 142 -13.38 -9.47 -24.49
C LEU B 142 -13.83 -9.73 -23.04
N TYR B 143 -15.03 -9.28 -22.62
CA TYR B 143 -15.46 -9.58 -21.25
C TYR B 143 -15.85 -11.06 -21.11
N ASP B 144 -16.60 -11.54 -22.11
CA ASP B 144 -16.89 -12.97 -22.22
C ASP B 144 -15.58 -13.76 -22.16
N LEU B 145 -14.56 -13.29 -22.85
CA LEU B 145 -13.30 -14.01 -22.87
C LEU B 145 -12.65 -14.06 -21.48
N LEU B 146 -12.66 -12.92 -20.78
CA LEU B 146 -12.16 -12.86 -19.38
C LEU B 146 -12.90 -13.80 -18.40
N ARG B 147 -14.20 -13.86 -18.52
CA ARG B 147 -15.02 -14.75 -17.69
C ARG B 147 -14.71 -16.22 -17.97
N ASN B 148 -14.46 -16.51 -19.24
CA ASN B 148 -14.07 -17.82 -19.67
C ASN B 148 -12.70 -18.22 -19.09
N THR B 149 -11.89 -17.26 -18.67
CA THR B 149 -10.65 -17.59 -17.95
C THR B 149 -10.85 -17.59 -16.43
N ASN B 150 -12.09 -17.56 -15.94
CA ASN B 150 -12.34 -17.38 -14.50
C ASN B 150 -11.59 -16.19 -13.95
N PHE B 151 -11.49 -15.10 -14.73
CA PHE B 151 -10.87 -13.88 -14.25
C PHE B 151 -9.41 -14.05 -13.88
N ARG B 152 -8.72 -14.95 -14.54
CA ARG B 152 -7.29 -15.09 -14.28
C ARG B 152 -6.46 -14.32 -15.30
N GLY B 153 -7.06 -13.91 -16.42
CA GLY B 153 -6.39 -13.08 -17.39
C GLY B 153 -5.94 -13.88 -18.59
N VAL B 154 -5.73 -13.22 -19.72
CA VAL B 154 -5.15 -13.87 -20.88
C VAL B 154 -3.69 -13.51 -20.92
N SER B 155 -2.93 -14.16 -21.79
CA SER B 155 -1.50 -14.05 -21.79
C SER B 155 -1.05 -12.64 -22.23
N LEU B 156 0.21 -12.36 -22.00
CA LEU B 156 0.75 -11.10 -22.37
C LEU B 156 0.77 -11.01 -23.91
N ASN B 157 1.12 -12.11 -24.59
CA ASN B 157 1.14 -12.15 -26.07
C ASN B 157 -0.24 -11.81 -26.68
N LEU B 158 -1.29 -12.35 -26.10
CA LEU B 158 -2.63 -12.06 -26.60
C LEU B 158 -3.05 -10.61 -26.28
N THR B 159 -2.65 -10.14 -25.10
CA THR B 159 -2.89 -8.76 -24.69
C THR B 159 -2.23 -7.81 -25.66
N ARG B 160 -1.00 -8.12 -26.07
CA ARG B 160 -0.26 -7.35 -27.02
C ARG B 160 -0.94 -7.32 -28.38
N LYS B 161 -1.46 -8.44 -28.85
CA LYS B 161 -2.25 -8.44 -30.07
C LYS B 161 -3.50 -7.55 -29.96
N PHE B 162 -4.14 -7.53 -28.78
CA PHE B 162 -5.32 -6.68 -28.62
C PHE B 162 -4.93 -5.19 -28.59
N ALA B 163 -3.86 -4.91 -27.88
CA ALA B 163 -3.32 -3.57 -27.75
C ALA B 163 -2.96 -2.96 -29.11
N GLN B 164 -2.36 -3.75 -29.99
CA GLN B 164 -1.86 -3.18 -31.24
C GLN B 164 -3.03 -2.84 -32.13
N GLN B 165 -4.04 -3.68 -32.09
CA GLN B 165 -5.24 -3.43 -32.87
C GLN B 165 -5.98 -2.20 -32.35
N MET B 166 -6.17 -2.11 -31.03
CA MET B 166 -6.88 -0.96 -30.45
C MET B 166 -6.17 0.33 -30.74
N CYS B 167 -4.83 0.34 -30.62
CA CYS B 167 -4.05 1.55 -30.88
C CYS B 167 -4.20 1.99 -32.34
N THR B 168 -4.31 1.00 -33.24
CA THR B 168 -4.45 1.28 -34.66
C THR B 168 -5.83 1.87 -34.87
N ALA B 169 -6.82 1.30 -34.20
CA ALA B 169 -8.19 1.85 -34.31
C ALA B 169 -8.25 3.27 -33.78
N LEU B 170 -7.54 3.57 -32.70
CA LEU B 170 -7.58 4.90 -32.15
C LEU B 170 -6.85 5.88 -33.06
N LEU B 171 -5.83 5.39 -33.76
CA LEU B 171 -5.15 6.18 -34.80
C LEU B 171 -6.10 6.56 -35.91
N PHE B 172 -6.88 5.59 -36.35
CA PHE B 172 -7.88 5.85 -37.37
C PHE B 172 -8.86 6.94 -36.92
N LEU B 173 -9.41 6.79 -35.70
CA LEU B 173 -10.34 7.79 -35.13
C LEU B 173 -9.73 9.21 -35.01
N ALA B 174 -8.40 9.30 -34.78
CA ALA B 174 -7.70 10.59 -34.70
C ALA B 174 -7.50 11.25 -36.05
N THR B 175 -7.74 10.53 -37.15
CA THR B 175 -7.52 11.16 -38.44
C THR B 175 -8.34 12.45 -38.47
N PRO B 176 -7.76 13.57 -38.93
CA PRO B 176 -8.44 14.86 -38.81
C PRO B 176 -9.85 14.90 -39.35
N GLU B 177 -10.08 14.28 -40.49
CA GLU B 177 -11.42 14.29 -41.06
C GLU B 177 -12.46 13.61 -40.16
N LEU B 178 -12.02 12.73 -39.27
CA LEU B 178 -12.95 12.07 -38.37
C LEU B 178 -12.97 12.73 -36.98
N SER B 179 -11.83 12.71 -36.27
CA SER B 179 -11.72 13.16 -34.89
C SER B 179 -12.91 12.68 -34.03
N ILE B 180 -13.14 11.39 -34.03
CA ILE B 180 -14.23 10.77 -33.28
C ILE B 180 -13.70 10.29 -31.93
N ILE B 181 -14.38 10.70 -30.86
CA ILE B 181 -14.09 10.22 -29.50
C ILE B 181 -15.17 9.17 -29.29
N HIS B 182 -14.76 7.92 -29.04
CA HIS B 182 -15.74 6.82 -28.85
C HIS B 182 -16.61 7.05 -27.60
N CYS B 183 -15.96 7.38 -26.49
CA CYS B 183 -16.62 7.71 -25.23
C CYS B 183 -17.12 6.57 -24.39
N ASP B 184 -17.04 5.33 -24.88
CA ASP B 184 -17.38 4.21 -24.00
C ASP B 184 -16.58 2.94 -24.27
N LEU B 185 -15.26 3.04 -24.34
CA LEU B 185 -14.47 1.84 -24.48
C LEU B 185 -14.51 1.07 -23.17
N LYS B 186 -14.71 -0.25 -23.30
CA LYS B 186 -14.69 -1.17 -22.21
C LYS B 186 -14.72 -2.55 -22.84
N PRO B 187 -14.48 -3.61 -22.04
CA PRO B 187 -14.23 -4.89 -22.70
C PRO B 187 -15.44 -5.38 -23.48
N GLU B 188 -16.64 -5.07 -22.98
CA GLU B 188 -17.91 -5.44 -23.66
C GLU B 188 -18.00 -4.88 -25.04
N ASN B 189 -17.35 -3.75 -25.32
CA ASN B 189 -17.49 -3.07 -26.61
C ASN B 189 -16.40 -3.42 -27.60
N ILE B 190 -15.57 -4.36 -27.22
CA ILE B 190 -14.56 -4.91 -28.14
C ILE B 190 -14.91 -6.39 -28.44
N LEU B 191 -15.23 -6.71 -29.69
CA LEU B 191 -15.67 -8.08 -30.05
C LEU B 191 -14.69 -8.81 -30.95
N LEU B 192 -14.60 -10.12 -30.79
CA LEU B 192 -13.84 -10.99 -31.70
C LEU B 192 -14.62 -11.18 -32.99
N CYS B 193 -13.91 -11.10 -34.13
CA CYS B 193 -14.50 -11.48 -35.41
C CYS B 193 -14.75 -12.94 -35.47
N ASN B 194 -13.90 -13.73 -34.85
CA ASN B 194 -14.05 -15.17 -34.89
C ASN B 194 -13.58 -15.80 -33.60
N PRO B 195 -14.39 -16.71 -33.03
CA PRO B 195 -14.12 -17.24 -31.69
C PRO B 195 -12.75 -17.83 -31.54
N LYS B 196 -12.21 -18.42 -32.60
CA LYS B 196 -10.93 -19.17 -32.51
C LYS B 196 -9.69 -18.29 -32.77
N ARG B 197 -9.88 -16.98 -32.78
CA ARG B 197 -8.99 -16.07 -33.49
C ARG B 197 -8.94 -14.72 -32.78
N SER B 198 -7.89 -13.95 -32.97
CA SER B 198 -7.67 -12.79 -32.12
C SER B 198 -8.02 -11.46 -32.76
N ALA B 199 -8.49 -11.48 -34.00
CA ALA B 199 -8.91 -10.26 -34.68
C ALA B 199 -10.14 -9.69 -33.96
N ILE B 200 -10.13 -8.39 -33.71
CA ILE B 200 -11.21 -7.72 -33.00
C ILE B 200 -11.89 -6.61 -33.84
N LYS B 201 -13.09 -6.22 -33.42
CA LYS B 201 -13.73 -5.01 -33.93
C LYS B 201 -14.33 -4.24 -32.78
N ILE B 202 -14.28 -2.90 -32.84
CA ILE B 202 -14.93 -2.04 -31.85
C ILE B 202 -16.42 -1.78 -32.22
N VAL B 203 -17.33 -1.87 -31.25
CA VAL B 203 -18.73 -1.57 -31.47
C VAL B 203 -19.20 -0.49 -30.53
N ASP B 204 -20.50 -0.18 -30.64
CA ASP B 204 -21.24 0.72 -29.76
C ASP B 204 -20.72 2.15 -29.80
N PHE B 205 -20.95 2.79 -30.94
CA PHE B 205 -20.71 4.22 -31.08
C PHE B 205 -21.92 5.03 -30.68
N GLY B 206 -22.76 4.48 -29.80
CA GLY B 206 -23.96 5.15 -29.32
C GLY B 206 -23.73 6.43 -28.53
N SER B 207 -22.58 6.61 -27.90
CA SER B 207 -22.35 7.83 -27.11
C SER B 207 -21.24 8.70 -27.69
N SER B 208 -20.79 8.35 -28.88
CA SER B 208 -19.64 8.99 -29.51
C SER B 208 -19.99 10.34 -30.08
N CYS B 209 -19.01 11.23 -30.10
CA CYS B 209 -19.14 12.54 -30.72
C CYS B 209 -17.83 12.84 -31.45
N GLN B 210 -17.82 13.89 -32.24
CA GLN B 210 -16.62 14.43 -32.83
C GLN B 210 -16.09 15.58 -31.98
N LEU B 211 -14.81 15.89 -32.13
CA LEU B 211 -14.19 16.95 -31.39
C LEU B 211 -14.93 18.26 -31.73
N GLY B 212 -15.25 19.06 -30.73
CA GLY B 212 -16.04 20.30 -30.92
C GLY B 212 -17.52 20.14 -31.20
N GLN B 213 -18.01 18.90 -31.34
CA GLN B 213 -19.44 18.61 -31.30
C GLN B 213 -19.75 17.79 -30.06
N ARG B 214 -19.12 18.20 -28.96
CA ARG B 214 -19.32 17.55 -27.66
C ARG B 214 -20.60 18.07 -27.03
N ILE B 215 -21.40 17.15 -26.47
CA ILE B 215 -22.74 17.51 -25.94
C ILE B 215 -23.06 17.03 -24.51
N TYR B 216 -22.26 16.13 -23.94
CA TYR B 216 -22.45 15.60 -22.59
C TYR B 216 -21.23 15.86 -21.68
N GLN B 217 -21.48 15.86 -20.37
CA GLN B 217 -20.47 16.00 -19.31
C GLN B 217 -20.16 14.67 -18.63
N PTR B 218 -21.19 13.90 -18.27
CA PTR B 218 -21.06 12.63 -17.52
C PTR B 218 -20.99 11.42 -18.46
O PTR B 218 -22.00 10.77 -18.73
CB PTR B 218 -22.28 12.51 -16.62
CG PTR B 218 -22.27 11.39 -15.60
CD1 PTR B 218 -23.01 10.20 -15.81
CD2 PTR B 218 -21.55 11.50 -14.41
CE1 PTR B 218 -23.01 9.17 -14.86
CE2 PTR B 218 -21.54 10.49 -13.46
CZ PTR B 218 -22.26 9.32 -13.69
OH PTR B 218 -22.24 8.47 -12.78
P PTR B 218 -21.91 6.89 -12.79
O1P PTR B 218 -23.05 6.19 -12.03
O2P PTR B 218 -21.84 6.28 -14.16
O3P PTR B 218 -20.64 6.81 -11.89
N ILE B 219 -19.81 11.12 -18.96
CA ILE B 219 -19.63 10.13 -20.00
C ILE B 219 -18.57 9.11 -19.58
N GLN B 220 -18.48 8.04 -20.36
CA GLN B 220 -17.63 6.88 -20.11
C GLN B 220 -18.16 6.00 -18.98
N SER B 221 -18.04 4.68 -19.12
CA SER B 221 -18.31 3.78 -17.98
C SER B 221 -17.31 4.04 -16.87
N ARG B 222 -17.77 3.90 -15.63
CA ARG B 222 -17.07 4.40 -14.49
C ARG B 222 -15.67 3.82 -14.33
N PHE B 223 -15.52 2.50 -14.46
CA PHE B 223 -14.21 1.90 -14.23
C PHE B 223 -13.16 2.46 -15.22
N TYR B 224 -13.63 2.91 -16.36
CA TYR B 224 -12.80 3.32 -17.51
C TYR B 224 -12.88 4.84 -17.75
N ARG B 225 -13.42 5.59 -16.77
CA ARG B 225 -13.58 7.03 -16.91
C ARG B 225 -12.31 7.78 -16.58
N SER B 226 -11.96 8.74 -17.45
CA SER B 226 -10.75 9.46 -17.34
C SER B 226 -10.82 10.49 -16.23
N PRO B 227 -9.65 10.90 -15.70
CA PRO B 227 -9.59 11.93 -14.67
C PRO B 227 -10.23 13.25 -15.08
N GLU B 228 -10.02 13.66 -16.33
CA GLU B 228 -10.60 14.92 -16.81
C GLU B 228 -12.13 14.92 -16.83
N VAL B 229 -12.76 13.77 -17.09
CA VAL B 229 -14.21 13.73 -17.05
C VAL B 229 -14.62 13.72 -15.59
N LEU B 230 -13.95 12.93 -14.78
CA LEU B 230 -14.25 12.92 -13.33
C LEU B 230 -14.17 14.36 -12.76
N LEU B 231 -13.19 15.13 -13.22
CA LEU B 231 -12.96 16.51 -12.74
C LEU B 231 -13.83 17.62 -13.37
N GLY B 232 -14.74 17.28 -14.30
CA GLY B 232 -15.57 18.29 -14.98
C GLY B 232 -14.84 19.14 -16.00
N MET B 233 -13.74 18.63 -16.54
CA MET B 233 -12.88 19.41 -17.45
C MET B 233 -13.24 19.14 -18.89
N PRO B 234 -12.88 20.06 -19.80
CA PRO B 234 -13.08 19.74 -21.22
C PRO B 234 -12.26 18.51 -21.59
N TYR B 235 -12.72 17.77 -22.57
CA TYR B 235 -12.08 16.53 -22.91
C TYR B 235 -11.95 16.43 -24.41
N ASP B 236 -11.08 15.53 -24.82
CA ASP B 236 -10.83 15.31 -26.25
C ASP B 236 -10.56 13.80 -26.51
N LEU B 237 -9.91 13.45 -27.60
CA LEU B 237 -9.74 12.04 -27.95
C LEU B 237 -8.87 11.27 -26.94
N ALA B 238 -8.15 12.00 -26.10
CA ALA B 238 -7.25 11.36 -25.16
C ALA B 238 -8.02 10.56 -24.11
N ILE B 239 -9.33 10.77 -23.98
CA ILE B 239 -10.08 9.96 -23.01
C ILE B 239 -10.15 8.48 -23.40
N ASP B 240 -10.15 8.19 -24.70
CA ASP B 240 -10.21 6.81 -25.12
C ASP B 240 -8.89 6.08 -24.81
N MET B 241 -7.77 6.80 -24.83
CA MET B 241 -6.51 6.20 -24.49
C MET B 241 -6.44 5.89 -23.01
N TRP B 242 -7.00 6.75 -22.17
CA TRP B 242 -7.09 6.41 -20.77
C TRP B 242 -7.85 5.09 -20.65
N SER B 243 -9.02 5.02 -21.26
CA SER B 243 -9.82 3.79 -21.19
C SER B 243 -9.03 2.56 -21.66
N LEU B 244 -8.17 2.71 -22.67
CA LEU B 244 -7.46 1.56 -23.25
C LEU B 244 -6.41 1.00 -22.27
N GLY B 245 -5.73 1.89 -21.57
CA GLY B 245 -4.83 1.52 -20.49
C GLY B 245 -5.50 0.65 -19.44
N CYS B 246 -6.69 1.06 -19.00
CA CYS B 246 -7.40 0.30 -18.00
C CYS B 246 -7.77 -1.04 -18.55
N ILE B 247 -8.23 -1.07 -19.80
CA ILE B 247 -8.68 -2.33 -20.39
C ILE B 247 -7.51 -3.31 -20.53
N LEU B 248 -6.37 -2.86 -21.02
CA LEU B 248 -5.26 -3.78 -21.23
C LEU B 248 -4.73 -4.40 -19.92
N VAL B 249 -4.73 -3.65 -18.82
CA VAL B 249 -4.32 -4.25 -17.56
C VAL B 249 -5.32 -5.32 -17.12
N GLU B 250 -6.61 -5.01 -17.24
CA GLU B 250 -7.68 -5.96 -16.90
C GLU B 250 -7.62 -7.23 -17.76
N MET B 251 -7.34 -7.08 -19.04
CA MET B 251 -7.26 -8.24 -19.90
C MET B 251 -6.18 -9.22 -19.41
N HIS B 252 -5.07 -8.70 -18.89
CA HIS B 252 -3.98 -9.57 -18.42
C HIS B 252 -4.14 -10.01 -16.96
N THR B 253 -4.66 -9.17 -16.09
CA THR B 253 -4.76 -9.56 -14.66
C THR B 253 -6.04 -10.33 -14.40
N GLY B 254 -7.07 -10.05 -15.17
CA GLY B 254 -8.39 -10.62 -14.95
C GLY B 254 -9.38 -9.73 -14.21
N GLU B 255 -8.91 -8.62 -13.64
CA GLU B 255 -9.70 -7.80 -12.74
C GLU B 255 -9.59 -6.34 -13.19
N PRO B 256 -10.68 -5.57 -13.04
CA PRO B 256 -10.60 -4.13 -13.39
C PRO B 256 -9.58 -3.41 -12.54
N LEU B 257 -8.75 -2.58 -13.17
CA LEU B 257 -7.74 -1.81 -12.47
C LEU B 257 -8.33 -0.89 -11.41
N PHE B 258 -9.33 -0.12 -11.79
CA PHE B 258 -9.95 0.89 -10.95
C PHE B 258 -11.48 0.65 -10.91
N SER B 259 -11.93 -0.10 -9.91
CA SER B 259 -13.31 -0.51 -9.83
C SER B 259 -14.03 0.33 -8.79
N GLY B 260 -14.25 1.58 -9.10
CA GLY B 260 -14.96 2.42 -8.17
C GLY B 260 -16.45 2.19 -8.24
N ALA B 261 -17.10 2.33 -7.08
CA ALA B 261 -18.52 2.17 -6.96
C ALA B 261 -19.27 3.50 -7.10
N ASN B 262 -18.56 4.61 -6.97
CA ASN B 262 -19.07 5.92 -7.36
C ASN B 262 -17.89 6.80 -7.72
N GLU B 263 -18.12 8.07 -7.99
CA GLU B 263 -17.07 8.89 -8.55
C GLU B 263 -15.93 9.07 -7.55
N VAL B 264 -16.28 9.26 -6.28
CA VAL B 264 -15.32 9.51 -5.23
C VAL B 264 -14.49 8.25 -5.01
N ASP B 265 -15.16 7.12 -4.89
CA ASP B 265 -14.45 5.83 -4.87
C ASP B 265 -13.56 5.72 -6.12
N GLN B 266 -14.07 6.10 -7.29
CA GLN B 266 -13.27 5.90 -8.49
C GLN B 266 -11.98 6.70 -8.41
N MET B 267 -12.07 7.98 -8.09
CA MET B 267 -10.90 8.84 -8.01
C MET B 267 -9.93 8.36 -6.94
N ASN B 268 -10.45 7.95 -5.79
CA ASN B 268 -9.55 7.45 -4.76
C ASN B 268 -8.75 6.20 -5.17
N LYS B 269 -9.37 5.33 -5.95
CA LYS B 269 -8.71 4.10 -6.41
C LYS B 269 -7.64 4.42 -7.44
N ILE B 270 -7.91 5.44 -8.27
CA ILE B 270 -6.92 5.95 -9.22
C ILE B 270 -5.76 6.51 -8.44
N VAL B 271 -6.05 7.30 -7.41
CA VAL B 271 -5.01 7.95 -6.63
C VAL B 271 -4.14 6.91 -5.90
N GLU B 272 -4.74 5.83 -5.44
CA GLU B 272 -3.93 4.75 -4.82
C GLU B 272 -2.78 4.33 -5.71
N VAL B 273 -2.98 4.29 -7.03
CA VAL B 273 -1.97 3.78 -7.96
C VAL B 273 -1.09 4.88 -8.55
N LEU B 274 -1.69 6.01 -8.89
CA LEU B 274 -1.01 7.04 -9.66
C LEU B 274 -0.61 8.28 -8.87
N GLY B 275 -1.04 8.38 -7.61
CA GLY B 275 -0.80 9.55 -6.76
C GLY B 275 -1.83 10.65 -6.92
N ILE B 276 -1.62 11.75 -6.20
CA ILE B 276 -2.49 12.94 -6.33
C ILE B 276 -2.23 13.52 -7.71
N PRO B 277 -3.27 13.82 -8.47
CA PRO B 277 -3.01 14.50 -9.72
C PRO B 277 -2.27 15.83 -9.52
N PRO B 278 -1.64 16.36 -10.58
CA PRO B 278 -0.85 17.59 -10.45
C PRO B 278 -1.64 18.89 -10.21
N ALA B 279 -1.02 19.83 -9.54
CA ALA B 279 -1.62 21.12 -9.26
C ALA B 279 -2.11 21.85 -10.50
N HIS B 280 -1.37 21.75 -11.60
CA HIS B 280 -1.76 22.53 -12.79
C HIS B 280 -3.09 22.06 -13.37
N ILE B 281 -3.45 20.81 -13.11
CA ILE B 281 -4.72 20.25 -13.54
C ILE B 281 -5.83 20.60 -12.54
N LEU B 282 -5.60 20.31 -11.27
CA LEU B 282 -6.61 20.56 -10.25
C LEU B 282 -6.93 22.05 -10.10
N ASP B 283 -5.93 22.91 -10.17
CA ASP B 283 -6.16 24.37 -10.16
C ASP B 283 -7.16 24.86 -11.19
N GLN B 284 -7.35 24.10 -12.29
CA GLN B 284 -8.32 24.44 -13.34
C GLN B 284 -9.55 23.54 -13.30
N ALA B 285 -9.63 22.64 -12.33
CA ALA B 285 -10.62 21.59 -12.40
C ALA B 285 -11.91 21.99 -11.69
N PRO B 286 -13.03 22.10 -12.42
CA PRO B 286 -14.24 22.59 -11.73
C PRO B 286 -14.72 21.71 -10.57
N LYS B 287 -14.47 20.40 -10.63
CA LYS B 287 -14.92 19.48 -9.59
C LYS B 287 -13.77 19.06 -8.67
N ALA B 288 -12.68 19.82 -8.62
CA ALA B 288 -11.55 19.39 -7.81
C ALA B 288 -11.94 19.08 -6.37
N ARG B 289 -12.73 19.96 -5.77
CA ARG B 289 -13.03 19.85 -4.34
C ARG B 289 -14.10 18.83 -4.00
N LYS B 290 -14.54 18.09 -5.00
CA LYS B 290 -15.33 16.91 -4.78
C LYS B 290 -14.40 15.80 -4.24
N PHE B 291 -13.14 15.81 -4.67
CA PHE B 291 -12.17 14.79 -4.27
C PHE B 291 -11.00 15.32 -3.40
N PHE B 292 -10.62 16.59 -3.56
CA PHE B 292 -9.38 17.11 -3.00
C PHE B 292 -9.50 18.45 -2.31
N GLU B 293 -8.49 18.79 -1.52
CA GLU B 293 -8.47 20.09 -0.90
C GLU B 293 -7.10 20.77 -1.09
N LYS B 294 -7.14 22.07 -1.35
CA LYS B 294 -5.95 22.87 -1.60
C LYS B 294 -5.46 23.42 -0.27
N LEU B 295 -4.21 23.12 0.08
CA LEU B 295 -3.63 23.61 1.33
C LEU B 295 -3.13 25.07 1.19
N PRO B 296 -2.90 25.76 2.33
CA PRO B 296 -2.36 27.14 2.28
C PRO B 296 -1.14 27.29 1.38
N ASP B 297 -0.22 26.33 1.43
CA ASP B 297 1.00 26.38 0.61
C ASP B 297 0.75 26.14 -0.91
N GLY B 298 -0.50 26.04 -1.35
CA GLY B 298 -0.82 25.88 -2.78
C GLY B 298 -0.79 24.46 -3.36
N THR B 299 -0.40 23.47 -2.54
CA THR B 299 -0.37 22.06 -2.98
C THR B 299 -1.69 21.37 -2.60
N TRP B 300 -2.05 20.30 -3.31
CA TRP B 300 -3.33 19.63 -3.06
C TRP B 300 -3.16 18.30 -2.33
N ASN B 301 -4.18 17.94 -1.54
CA ASN B 301 -4.30 16.65 -0.86
C ASN B 301 -5.68 16.08 -1.01
N LEU B 302 -5.84 14.81 -0.68
CA LEU B 302 -7.16 14.20 -0.56
C LEU B 302 -7.99 14.90 0.52
N LYS B 303 -9.30 15.05 0.32
CA LYS B 303 -10.18 15.63 1.36
C LYS B 303 -10.14 14.85 2.69
N LYS B 304 -10.06 15.57 3.81
CA LYS B 304 -10.10 14.96 5.16
C LYS B 304 -11.48 14.29 5.33
N THR B 305 -11.52 13.15 6.00
CA THR B 305 -12.72 12.30 6.07
C THR B 305 -13.41 12.27 7.46
N GLU B 311 -9.76 3.65 4.51
CA GLU B 311 -10.29 2.88 3.37
C GLU B 311 -9.21 2.63 2.32
N TYR B 312 -8.37 3.64 2.02
CA TYR B 312 -7.44 3.51 0.88
C TYR B 312 -5.96 3.48 1.27
N LYS B 313 -5.19 2.70 0.53
CA LYS B 313 -3.75 2.80 0.57
C LYS B 313 -3.31 4.24 0.28
N PRO B 314 -2.20 4.66 0.88
CA PRO B 314 -1.76 6.02 0.68
C PRO B 314 -1.41 6.29 -0.77
N PRO B 315 -1.50 7.56 -1.17
CA PRO B 315 -1.36 7.97 -2.57
C PRO B 315 -0.14 7.39 -3.30
N GLY B 316 -0.35 6.68 -4.41
CA GLY B 316 0.77 6.14 -5.20
C GLY B 316 1.51 4.92 -4.63
N THR B 317 1.08 4.35 -3.51
CA THR B 317 1.80 3.20 -2.95
C THR B 317 1.31 1.84 -3.51
N ARG B 318 0.25 1.81 -4.29
CA ARG B 318 -0.25 0.56 -4.88
C ARG B 318 0.31 0.47 -6.28
N LYS B 319 1.50 -0.09 -6.39
CA LYS B 319 2.29 0.02 -7.60
C LYS B 319 1.86 -0.95 -8.68
N LEU B 320 1.78 -0.43 -9.90
CA LEU B 320 1.53 -1.25 -11.07
C LEU B 320 2.56 -2.37 -11.25
N HIS B 321 3.77 -2.11 -10.81
CA HIS B 321 4.84 -3.09 -10.80
C HIS B 321 4.39 -4.36 -10.06
N ASN B 322 3.59 -4.14 -9.03
CA ASN B 322 3.12 -5.20 -8.19
C ASN B 322 1.84 -5.86 -8.73
N ILE B 323 0.92 -5.05 -9.25
CA ILE B 323 -0.35 -5.54 -9.82
C ILE B 323 -0.03 -6.44 -11.00
N LEU B 324 0.90 -6.02 -11.83
CA LEU B 324 1.32 -6.82 -12.99
C LEU B 324 2.20 -8.00 -12.60
N GLY B 325 2.79 -7.95 -11.40
CA GLY B 325 3.73 -8.98 -10.97
C GLY B 325 5.02 -8.98 -11.79
N VAL B 326 5.54 -7.79 -12.09
CA VAL B 326 6.66 -7.65 -13.05
C VAL B 326 7.84 -8.60 -12.80
N GLU B 327 8.26 -8.69 -11.56
CA GLU B 327 9.41 -9.53 -11.19
C GLU B 327 9.03 -10.67 -10.31
N THR B 328 7.75 -11.05 -10.28
CA THR B 328 7.28 -12.12 -9.39
C THR B 328 6.42 -13.14 -10.12
N GLY B 329 6.66 -13.34 -11.41
CA GLY B 329 5.91 -14.33 -12.19
C GLY B 329 4.58 -13.84 -12.74
N GLY B 330 4.38 -12.53 -12.77
CA GLY B 330 3.19 -11.97 -13.37
C GLY B 330 2.05 -12.00 -12.38
N PRO B 331 0.82 -11.75 -12.84
CA PRO B 331 -0.36 -11.62 -12.00
C PRO B 331 -0.62 -12.86 -11.15
N GLY B 332 -0.67 -12.67 -9.83
CA GLY B 332 -0.83 -13.76 -8.86
C GLY B 332 0.25 -14.83 -8.91
N GLY B 333 1.37 -14.54 -9.57
CA GLY B 333 2.42 -15.55 -9.78
C GLY B 333 2.10 -16.60 -10.83
N ARG B 334 0.92 -16.51 -11.44
CA ARG B 334 0.42 -17.56 -12.32
C ARG B 334 1.23 -17.76 -13.60
N ARG B 335 2.14 -16.85 -13.91
CA ARG B 335 2.94 -16.94 -15.14
C ARG B 335 4.38 -17.26 -14.83
N ALA B 336 4.65 -17.59 -13.55
CA ALA B 336 6.02 -17.90 -13.09
C ALA B 336 6.67 -18.89 -14.05
N GLY B 337 7.67 -18.42 -14.78
CA GLY B 337 8.37 -19.23 -15.75
C GLY B 337 7.44 -19.78 -16.81
N GLU B 338 6.98 -18.89 -17.68
CA GLU B 338 6.48 -19.35 -18.97
C GLU B 338 6.92 -18.42 -20.07
N SER B 339 7.17 -19.04 -21.20
CA SER B 339 7.48 -18.37 -22.43
C SER B 339 6.55 -17.17 -22.61
N GLY B 340 7.12 -16.08 -23.09
CA GLY B 340 6.38 -14.87 -23.42
C GLY B 340 6.29 -13.81 -22.33
N HIS B 341 6.70 -14.17 -21.11
CA HIS B 341 6.37 -13.36 -19.92
C HIS B 341 7.65 -13.05 -19.11
N THR B 342 8.70 -12.63 -19.80
CA THR B 342 9.92 -12.23 -19.10
C THR B 342 9.78 -10.88 -18.39
N VAL B 343 10.71 -10.62 -17.47
CA VAL B 343 10.78 -9.35 -16.79
C VAL B 343 10.82 -8.20 -17.81
N ALA B 344 11.68 -8.32 -18.82
CA ALA B 344 11.79 -7.31 -19.89
C ALA B 344 10.43 -7.00 -20.52
N ASP B 345 9.72 -8.05 -20.92
CA ASP B 345 8.41 -7.91 -21.55
C ASP B 345 7.48 -7.14 -20.61
N TYR B 346 7.51 -7.47 -19.34
CA TYR B 346 6.62 -6.83 -18.36
C TYR B 346 6.99 -5.36 -18.14
N LEU B 347 8.28 -5.06 -18.19
CA LEU B 347 8.72 -3.71 -17.96
C LEU B 347 8.25 -2.86 -19.14
N LYS B 348 8.30 -3.41 -20.35
CA LYS B 348 7.88 -2.66 -21.54
C LYS B 348 6.38 -2.36 -21.45
N PHE B 349 5.63 -3.42 -21.19
CA PHE B 349 4.20 -3.31 -21.01
C PHE B 349 3.86 -2.26 -19.97
N LYS B 350 4.55 -2.32 -18.83
CA LYS B 350 4.25 -1.39 -17.74
C LYS B 350 4.52 0.04 -18.20
N ASP B 351 5.62 0.27 -18.89
CA ASP B 351 5.90 1.60 -19.34
C ASP B 351 4.78 2.12 -20.25
N LEU B 352 4.26 1.28 -21.15
CA LEU B 352 3.31 1.76 -22.14
C LEU B 352 2.05 2.12 -21.37
N ILE B 353 1.65 1.27 -20.44
CA ILE B 353 0.44 1.50 -19.68
C ILE B 353 0.49 2.81 -18.91
N LEU B 354 1.60 3.09 -18.24
CA LEU B 354 1.75 4.33 -17.45
C LEU B 354 1.78 5.58 -18.35
N ARG B 355 2.23 5.43 -19.60
CA ARG B 355 2.13 6.51 -20.55
CA ARG B 355 2.13 6.50 -20.57
C ARG B 355 0.68 6.69 -21.03
N MET B 356 -0.10 5.61 -21.06
CA MET B 356 -1.54 5.74 -21.36
C MET B 356 -2.30 6.30 -20.15
N LEU B 357 -1.74 6.16 -18.95
CA LEU B 357 -2.44 6.60 -17.73
C LEU B 357 -1.91 7.95 -17.18
N ASP B 358 -1.18 8.67 -18.00
CA ASP B 358 -0.77 10.02 -17.68
C ASP B 358 -2.02 10.87 -17.31
N TYR B 359 -1.97 11.56 -16.18
CA TYR B 359 -3.06 12.48 -15.76
C TYR B 359 -3.33 13.61 -16.74
N ASP B 360 -2.29 14.08 -17.41
CA ASP B 360 -2.40 15.23 -18.31
C ASP B 360 -2.77 14.75 -19.70
N PRO B 361 -3.96 15.08 -20.20
CA PRO B 361 -4.34 14.67 -21.55
C PRO B 361 -3.48 15.26 -22.68
N LYS B 362 -2.74 16.32 -22.38
CA LYS B 362 -1.89 16.93 -23.39
C LYS B 362 -0.59 16.20 -23.62
N THR B 363 -0.08 15.49 -22.60
CA THR B 363 1.15 14.68 -22.69
C THR B 363 0.88 13.17 -22.66
N ARG B 364 -0.37 12.77 -22.50
CA ARG B 364 -0.72 11.35 -22.52
C ARG B 364 -0.37 10.83 -23.89
N ILE B 365 0.12 9.59 -23.95
CA ILE B 365 0.64 9.07 -25.23
C ILE B 365 -0.48 9.05 -26.26
N GLN B 366 -0.11 9.32 -27.49
CA GLN B 366 -1.03 9.32 -28.59
C GLN B 366 -0.81 8.13 -29.49
N PRO B 367 -1.85 7.68 -30.22
CA PRO B 367 -1.83 6.38 -30.90
C PRO B 367 -0.62 6.17 -31.80
N TYR B 368 -0.26 7.19 -32.57
CA TYR B 368 0.87 7.06 -33.46
C TYR B 368 2.12 6.67 -32.69
N TYR B 369 2.34 7.31 -31.56
CA TYR B 369 3.52 7.04 -30.78
C TYR B 369 3.41 5.76 -29.98
N ALA B 370 2.22 5.41 -29.54
CA ALA B 370 2.04 4.15 -28.83
C ALA B 370 2.42 2.95 -29.72
N LEU B 371 1.99 2.97 -30.98
CA LEU B 371 2.32 1.92 -31.94
C LEU B 371 3.84 1.76 -32.18
N GLN B 372 4.60 2.78 -31.82
CA GLN B 372 6.05 2.75 -31.95
C GLN B 372 6.77 2.37 -30.65
N HIS B 373 6.02 2.13 -29.60
CA HIS B 373 6.55 1.75 -28.32
C HIS B 373 7.19 0.37 -28.44
N SER B 374 8.29 0.16 -27.71
CA SER B 374 9.06 -1.07 -27.81
C SER B 374 8.31 -2.33 -27.31
N PHE B 375 7.22 -2.14 -26.57
CA PHE B 375 6.30 -3.23 -26.30
C PHE B 375 5.83 -3.97 -27.56
N PHE B 376 5.75 -3.29 -28.70
CA PHE B 376 5.40 -3.93 -29.97
C PHE B 376 6.54 -4.45 -30.83
N LYS B 377 7.80 -4.18 -30.48
CA LYS B 377 8.93 -4.52 -31.39
C LYS B 377 8.97 -6.03 -31.68
N VAL C 32 56.62 -27.05 11.69
CA VAL C 32 55.55 -26.35 10.92
C VAL C 32 54.13 -26.74 11.39
N TYR C 33 53.28 -25.74 11.52
CA TYR C 33 51.83 -25.93 11.66
C TYR C 33 51.17 -25.41 10.39
N ASN C 34 50.39 -26.28 9.76
CA ASN C 34 49.69 -26.00 8.52
C ASN C 34 50.64 -25.40 7.48
N ASP C 35 51.79 -26.08 7.32
CA ASP C 35 52.79 -25.68 6.33
C ASP C 35 53.37 -24.25 6.52
N GLY C 36 53.23 -23.72 7.74
CA GLY C 36 53.72 -22.38 8.08
C GLY C 36 52.66 -21.30 8.23
N TYR C 37 51.42 -21.57 7.80
CA TYR C 37 50.36 -20.53 7.84
C TYR C 37 49.69 -20.37 9.21
N ASP C 38 49.82 -21.37 10.09
CA ASP C 38 49.15 -21.37 11.39
C ASP C 38 50.15 -21.16 12.52
N ASP C 39 49.66 -20.73 13.68
CA ASP C 39 50.46 -20.76 14.91
C ASP C 39 50.25 -22.09 15.64
N ASP C 40 50.77 -22.22 16.86
CA ASP C 40 50.66 -23.47 17.64
C ASP C 40 49.34 -23.66 18.39
N ASN C 41 48.40 -22.77 18.16
CA ASN C 41 47.06 -22.90 18.71
C ASN C 41 45.98 -22.91 17.58
N TYR C 42 46.37 -23.42 16.41
CA TYR C 42 45.47 -23.65 15.28
C TYR C 42 44.89 -22.38 14.66
N ASP C 43 45.45 -21.21 14.99
CA ASP C 43 44.97 -19.96 14.42
C ASP C 43 45.80 -19.60 13.19
N TYR C 44 45.14 -18.99 12.21
CA TYR C 44 45.83 -18.42 11.06
C TYR C 44 46.67 -17.24 11.58
N ILE C 45 47.95 -17.17 11.18
CA ILE C 45 48.78 -16.03 11.54
C ILE C 45 48.42 -14.84 10.66
N VAL C 46 47.54 -13.97 11.14
CA VAL C 46 47.02 -12.88 10.30
C VAL C 46 48.11 -11.90 9.92
N LYS C 47 48.15 -11.51 8.64
CA LYS C 47 49.14 -10.56 8.12
C LYS C 47 48.44 -9.38 7.43
N ASN C 48 48.75 -8.17 7.88
CA ASN C 48 48.12 -6.96 7.35
C ASN C 48 48.42 -6.75 5.87
N GLY C 49 47.41 -6.38 5.08
CA GLY C 49 47.64 -6.10 3.65
C GLY C 49 47.56 -7.32 2.73
N GLU C 50 47.45 -8.52 3.30
CA GLU C 50 47.36 -9.71 2.49
C GLU C 50 46.04 -9.66 1.67
N LYS C 51 46.05 -10.21 0.46
CA LYS C 51 44.89 -10.23 -0.44
C LYS C 51 44.48 -11.67 -0.71
N TRP C 52 43.24 -12.03 -0.38
CA TRP C 52 42.75 -13.40 -0.56
C TRP C 52 41.89 -13.54 -1.78
N MET C 53 42.19 -14.59 -2.55
CA MET C 53 41.36 -15.09 -3.66
C MET C 53 41.07 -14.01 -4.70
N ASP C 54 41.99 -13.05 -4.88
CA ASP C 54 41.77 -11.90 -5.75
C ASP C 54 40.48 -11.15 -5.35
N ARG C 55 40.09 -11.24 -4.06
CA ARG C 55 38.83 -10.68 -3.58
C ARG C 55 38.94 -9.83 -2.29
N TYR C 56 39.46 -10.40 -1.20
CA TYR C 56 39.44 -9.75 0.11
C TYR C 56 40.81 -9.15 0.48
N GLU C 57 40.86 -7.85 0.76
CA GLU C 57 42.09 -7.20 1.21
C GLU C 57 42.05 -7.12 2.73
N ILE C 58 42.89 -7.91 3.40
CA ILE C 58 42.89 -7.92 4.86
C ILE C 58 43.53 -6.63 5.40
N ASP C 59 42.80 -5.95 6.25
CA ASP C 59 43.29 -4.74 6.89
C ASP C 59 44.03 -5.12 8.18
N SER C 60 43.32 -5.72 9.12
CA SER C 60 43.91 -6.10 10.39
C SER C 60 43.09 -7.11 11.22
N LEU C 61 43.76 -7.63 12.26
CA LEU C 61 43.16 -8.46 13.28
C LEU C 61 42.32 -7.58 14.18
N ILE C 62 41.02 -7.82 14.28
CA ILE C 62 40.18 -7.01 15.18
C ILE C 62 39.63 -7.73 16.44
N GLY C 63 39.79 -9.04 16.51
CA GLY C 63 39.44 -9.78 17.72
C GLY C 63 39.88 -11.23 17.69
N LYS C 64 40.25 -11.76 18.86
CA LYS C 64 40.57 -13.16 19.08
C LYS C 64 39.53 -13.82 20.01
N GLY C 65 39.17 -15.09 19.79
CA GLY C 65 38.32 -15.80 20.79
C GLY C 65 38.52 -17.30 20.83
N SER C 66 37.69 -18.00 21.59
CA SER C 66 37.79 -19.48 21.70
C SER C 66 37.85 -20.17 20.37
N PHE C 67 37.02 -19.71 19.43
CA PHE C 67 36.79 -20.39 18.15
C PHE C 67 37.73 -19.94 17.06
N GLY C 68 38.44 -18.85 17.23
CA GLY C 68 39.28 -18.33 16.15
C GLY C 68 39.57 -16.85 16.24
N GLN C 69 39.62 -16.22 15.06
CA GLN C 69 39.92 -14.80 14.94
C GLN C 69 38.84 -14.10 14.10
N VAL C 70 38.64 -12.80 14.36
CA VAL C 70 37.90 -11.93 13.45
C VAL C 70 38.83 -10.86 12.87
N VAL C 71 38.79 -10.71 11.54
CA VAL C 71 39.58 -9.72 10.83
C VAL C 71 38.67 -8.80 10.02
N LYS C 72 39.14 -7.57 9.84
CA LYS C 72 38.50 -6.58 8.99
C LYS C 72 39.07 -6.72 7.58
N ALA C 73 38.20 -6.69 6.59
CA ALA C 73 38.61 -6.83 5.21
C ALA C 73 37.69 -6.03 4.27
N TYR C 74 38.27 -5.60 3.16
CA TYR C 74 37.51 -4.96 2.12
C TYR C 74 37.28 -6.00 1.07
N ASP C 75 36.02 -6.16 0.71
CA ASP C 75 35.59 -7.07 -0.34
C ASP C 75 35.53 -6.29 -1.64
N ARG C 76 36.49 -6.49 -2.51
CA ARG C 76 36.52 -5.69 -3.72
C ARG C 76 35.47 -6.10 -4.76
N VAL C 77 34.82 -7.24 -4.59
CA VAL C 77 33.73 -7.63 -5.50
C VAL C 77 32.44 -6.86 -5.17
N GLU C 78 32.14 -6.73 -3.88
CA GLU C 78 30.93 -6.03 -3.44
C GLU C 78 31.18 -4.57 -3.07
N GLN C 79 32.46 -4.17 -3.05
CA GLN C 79 32.86 -2.83 -2.70
C GLN C 79 32.33 -2.39 -1.33
N GLU C 80 32.70 -3.15 -0.30
CA GLU C 80 32.30 -2.85 1.09
C GLU C 80 33.25 -3.52 2.07
N TRP C 81 33.26 -2.96 3.27
CA TRP C 81 34.03 -3.52 4.37
C TRP C 81 33.25 -4.69 4.94
N VAL C 82 33.97 -5.77 5.24
CA VAL C 82 33.38 -6.97 5.85
C VAL C 82 34.20 -7.38 7.09
N ALA C 83 33.59 -8.20 7.94
CA ALA C 83 34.30 -8.82 9.06
C ALA C 83 34.34 -10.31 8.73
N ILE C 84 35.54 -10.90 8.78
CA ILE C 84 35.70 -12.29 8.40
C ILE C 84 36.19 -13.03 9.61
N LYS C 85 35.49 -14.09 9.98
CA LYS C 85 35.86 -14.87 11.14
C LYS C 85 36.60 -16.12 10.64
N ILE C 86 37.87 -16.24 11.07
CA ILE C 86 38.69 -17.36 10.64
C ILE C 86 38.63 -18.41 11.72
N ILE C 87 37.85 -19.46 11.47
CA ILE C 87 37.74 -20.62 12.40
C ILE C 87 39.07 -21.36 12.55
N LYS C 88 39.35 -21.85 13.74
CA LYS C 88 40.57 -22.61 13.99
C LYS C 88 40.61 -23.86 13.12
N ASN C 89 41.81 -24.22 12.70
CA ASN C 89 42.07 -25.39 11.84
C ASN C 89 42.23 -26.63 12.67
N LYS C 90 41.09 -27.17 13.09
CA LYS C 90 41.04 -28.38 13.87
C LYS C 90 39.60 -28.92 13.84
N LYS C 91 39.52 -30.24 13.80
CA LYS C 91 38.31 -30.94 13.37
C LYS C 91 37.11 -30.52 14.19
N ALA C 92 37.25 -30.58 15.51
CA ALA C 92 36.13 -30.30 16.41
C ALA C 92 35.60 -28.85 16.27
N PHE C 93 36.47 -27.92 15.89
CA PHE C 93 36.04 -26.53 15.70
C PHE C 93 35.33 -26.40 14.38
N LEU C 94 35.93 -27.03 13.36
CA LEU C 94 35.34 -27.06 12.05
C LEU C 94 33.96 -27.67 12.16
N ASN C 95 33.84 -28.83 12.79
CA ASN C 95 32.55 -29.51 13.01
C ASN C 95 31.50 -28.63 13.68
N GLN C 96 31.90 -27.92 14.73
CA GLN C 96 30.91 -27.11 15.43
C GLN C 96 30.55 -25.90 14.57
N ALA C 97 31.55 -25.34 13.92
CA ALA C 97 31.33 -24.10 13.16
C ALA C 97 30.39 -24.34 11.98
N GLN C 98 30.22 -25.59 11.60
CA GLN C 98 29.26 -25.92 10.57
C GLN C 98 27.83 -25.96 11.08
N ILE C 99 27.63 -26.23 12.37
CA ILE C 99 26.29 -26.10 12.95
C ILE C 99 25.94 -24.60 12.96
N GLU C 100 26.94 -23.79 13.34
CA GLU C 100 26.80 -22.35 13.35
C GLU C 100 26.28 -21.88 12.00
N VAL C 101 26.99 -22.22 10.92
CA VAL C 101 26.59 -21.78 9.57
C VAL C 101 25.19 -22.22 9.21
N ARG C 102 24.91 -23.49 9.39
CA ARG C 102 23.58 -23.97 9.10
C ARG C 102 22.57 -23.03 9.77
N LEU C 103 22.79 -22.73 11.06
CA LEU C 103 21.78 -21.96 11.83
C LEU C 103 21.66 -20.51 11.37
N LEU C 104 22.80 -19.90 11.09
CA LEU C 104 22.83 -18.53 10.57
C LEU C 104 22.06 -18.40 9.25
N GLU C 105 22.15 -19.40 8.40
CA GLU C 105 21.52 -19.35 7.09
C GLU C 105 20.02 -19.54 7.23
N LEU C 106 19.62 -20.38 8.18
CA LEU C 106 18.20 -20.57 8.46
C LEU C 106 17.62 -19.27 8.98
N MET C 107 18.38 -18.56 9.80
CA MET C 107 17.88 -17.36 10.44
C MET C 107 17.81 -16.23 9.42
N ASN C 108 18.91 -16.06 8.68
CA ASN C 108 19.01 -15.00 7.70
C ASN C 108 17.90 -15.13 6.65
N LYS C 109 17.66 -16.36 6.20
CA LYS C 109 16.69 -16.55 5.13
C LYS C 109 15.22 -16.49 5.62
N HIS C 110 15.00 -16.30 6.93
CA HIS C 110 13.66 -16.37 7.51
C HIS C 110 13.23 -15.09 8.24
N MET C 114 11.24 -9.88 12.69
CA MET C 114 12.30 -9.32 13.54
C MET C 114 13.71 -9.80 13.13
N LYS C 115 13.79 -10.41 11.93
CA LYS C 115 15.05 -10.89 11.24
C LYS C 115 16.29 -10.03 11.42
N TYR C 116 16.08 -8.73 11.57
CA TYR C 116 17.17 -7.76 11.56
C TYR C 116 17.75 -7.42 12.97
N TYR C 117 17.65 -8.36 13.92
CA TYR C 117 18.51 -8.31 15.10
C TYR C 117 19.62 -9.40 15.16
N ILE C 118 19.70 -10.25 14.14
CA ILE C 118 20.72 -11.28 14.04
C ILE C 118 21.74 -10.85 13.00
N VAL C 119 23.03 -10.97 13.31
CA VAL C 119 24.08 -10.66 12.31
C VAL C 119 23.85 -11.42 10.99
N HIS C 120 24.15 -10.74 9.89
CA HIS C 120 23.94 -11.33 8.57
C HIS C 120 25.23 -12.04 8.12
N LEU C 121 25.12 -13.33 7.84
CA LEU C 121 26.25 -14.08 7.25
C LEU C 121 26.16 -14.00 5.74
N LYS C 122 27.07 -13.24 5.12
CA LYS C 122 27.00 -13.04 3.67
C LYS C 122 27.41 -14.34 2.98
N ARG C 123 28.51 -14.96 3.41
CA ARG C 123 28.90 -16.26 2.84
C ARG C 123 30.11 -16.88 3.56
N HIS C 124 30.53 -18.04 3.08
CA HIS C 124 31.69 -18.73 3.64
C HIS C 124 32.52 -19.40 2.55
N PHE C 125 33.79 -19.57 2.88
CA PHE C 125 34.71 -20.27 2.02
C PHE C 125 35.79 -20.88 2.88
N MET C 126 36.51 -21.82 2.29
CA MET C 126 37.65 -22.44 2.92
C MET C 126 38.81 -21.77 2.31
N PHE C 127 39.76 -21.40 3.15
CA PHE C 127 40.98 -20.78 2.67
C PHE C 127 42.17 -21.25 3.54
N ARG C 128 43.14 -21.91 2.92
CA ARG C 128 44.31 -22.44 3.63
C ARG C 128 43.94 -23.27 4.87
N ASN C 129 42.95 -24.15 4.68
CA ASN C 129 42.51 -25.15 5.67
C ASN C 129 41.78 -24.53 6.84
N HIS C 130 41.29 -23.30 6.65
CA HIS C 130 40.41 -22.62 7.62
C HIS C 130 39.05 -22.30 7.00
N LEU C 131 38.00 -22.72 7.69
CA LEU C 131 36.66 -22.22 7.38
C LEU C 131 36.59 -20.75 7.74
N CYS C 132 36.19 -19.93 6.78
CA CYS C 132 36.03 -18.48 6.97
C CYS C 132 34.59 -18.00 6.75
N LEU C 133 34.04 -17.30 7.73
CA LEU C 133 32.68 -16.78 7.61
C LEU C 133 32.76 -15.24 7.39
N VAL C 134 32.10 -14.75 6.33
CA VAL C 134 32.06 -13.32 6.04
C VAL C 134 30.76 -12.75 6.60
N PHE C 135 30.91 -11.70 7.40
CA PHE C 135 29.79 -11.10 8.07
C PHE C 135 29.71 -9.62 7.73
N GLU C 136 28.51 -9.06 7.88
CA GLU C 136 28.37 -7.61 7.77
C GLU C 136 29.28 -7.00 8.81
N MET C 137 29.78 -5.80 8.52
CA MET C 137 30.56 -5.02 9.44
C MET C 137 29.65 -4.39 10.50
N LEU C 138 30.09 -4.47 11.76
CA LEU C 138 29.42 -3.88 12.91
C LEU C 138 30.45 -3.16 13.79
N SER C 139 29.96 -2.44 14.80
CA SER C 139 30.81 -1.70 15.70
C SER C 139 31.08 -2.45 17.01
N TYR C 140 31.32 -1.72 18.10
CA TYR C 140 31.83 -2.29 19.34
C TYR C 140 30.73 -3.07 19.98
N ASN C 141 31.09 -3.89 20.96
CA ASN C 141 30.10 -4.68 21.71
C ASN C 141 29.67 -3.91 22.97
N LEU C 142 28.67 -4.40 23.68
CA LEU C 142 28.13 -3.67 24.81
C LEU C 142 29.08 -3.66 26.02
N TYR C 143 30.09 -4.53 25.98
CA TYR C 143 31.08 -4.56 27.04
C TYR C 143 31.98 -3.38 26.80
N ASP C 144 32.42 -3.25 25.55
CA ASP C 144 33.28 -2.14 25.13
C ASP C 144 32.66 -0.79 25.48
N LEU C 145 31.34 -0.68 25.25
CA LEU C 145 30.56 0.51 25.58
C LEU C 145 30.62 0.78 27.11
N LEU C 146 30.34 -0.25 27.92
CA LEU C 146 30.41 -0.15 29.39
C LEU C 146 31.81 0.34 29.83
N ARG C 147 32.86 -0.31 29.32
CA ARG C 147 34.25 0.07 29.61
C ARG C 147 34.53 1.53 29.24
N ASN C 148 33.88 2.04 28.19
CA ASN C 148 34.10 3.44 27.77
C ASN C 148 33.61 4.46 28.82
N THR C 149 32.52 4.12 29.52
CA THR C 149 31.93 4.95 30.60
C THR C 149 32.58 4.67 31.99
N ASN C 150 33.78 4.08 32.00
CA ASN C 150 34.50 3.62 33.23
C ASN C 150 33.63 2.78 34.16
N PHE C 151 32.70 2.05 33.56
CA PHE C 151 31.80 1.16 34.29
C PHE C 151 30.80 1.88 35.15
N ARG C 152 30.55 3.16 34.86
CA ARG C 152 29.44 3.91 35.50
C ARG C 152 28.10 3.25 35.15
N GLY C 153 28.01 2.69 33.95
CA GLY C 153 26.78 2.12 33.44
C GLY C 153 26.16 3.09 32.47
N VAL C 154 25.23 2.62 31.66
CA VAL C 154 24.52 3.48 30.73
C VAL C 154 23.13 3.81 31.29
N SER C 155 22.59 4.96 30.85
CA SER C 155 21.27 5.42 31.26
C SER C 155 20.20 4.34 31.10
N LEU C 156 19.18 4.41 31.96
CA LEU C 156 17.98 3.59 31.83
C LEU C 156 17.29 3.74 30.44
N ASN C 157 17.32 4.96 29.88
CA ASN C 157 16.82 5.21 28.53
C ASN C 157 17.47 4.28 27.51
N LEU C 158 18.81 4.22 27.54
CA LEU C 158 19.56 3.40 26.59
C LEU C 158 19.37 1.92 26.90
N THR C 159 19.40 1.59 28.19
CA THR C 159 19.09 0.23 28.68
C THR C 159 17.71 -0.26 28.18
N ARG C 160 16.69 0.59 28.25
CA ARG C 160 15.34 0.22 27.77
C ARG C 160 15.34 -0.23 26.29
N LYS C 161 16.08 0.51 25.47
CA LYS C 161 16.19 0.26 24.03
C LYS C 161 16.88 -1.08 23.73
N PHE C 162 17.92 -1.40 24.50
CA PHE C 162 18.57 -2.70 24.38
C PHE C 162 17.61 -3.82 24.79
N ALA C 163 17.02 -3.66 25.96
CA ALA C 163 16.01 -4.60 26.46
C ALA C 163 15.06 -5.03 25.34
N GLN C 164 14.50 -4.04 24.67
CA GLN C 164 13.42 -4.27 23.73
C GLN C 164 13.90 -4.92 22.43
N GLN C 165 15.10 -4.55 22.01
CA GLN C 165 15.68 -5.16 20.81
C GLN C 165 15.99 -6.62 21.11
N MET C 166 16.57 -6.86 22.29
CA MET C 166 16.94 -8.20 22.66
C MET C 166 15.72 -9.09 22.82
N CYS C 167 14.68 -8.54 23.43
CA CYS C 167 13.42 -9.28 23.56
C CYS C 167 12.82 -9.63 22.23
N THR C 168 12.92 -8.69 21.28
CA THR C 168 12.40 -8.92 19.93
C THR C 168 13.27 -9.97 19.21
N ALA C 169 14.59 -9.93 19.42
CA ALA C 169 15.49 -10.94 18.87
C ALA C 169 15.07 -12.31 19.38
N LEU C 170 14.81 -12.40 20.69
CA LEU C 170 14.51 -13.69 21.32
C LEU C 170 13.14 -14.22 20.86
N LEU C 171 12.17 -13.32 20.65
CA LEU C 171 10.87 -13.72 20.08
C LEU C 171 11.05 -14.35 18.69
N PHE C 172 12.04 -13.84 17.95
CA PHE C 172 12.36 -14.35 16.61
C PHE C 172 12.91 -15.78 16.70
N LEU C 173 13.92 -15.95 17.54
CA LEU C 173 14.48 -17.28 17.79
C LEU C 173 13.39 -18.27 18.26
N ALA C 174 12.42 -17.76 19.00
CA ALA C 174 11.34 -18.62 19.52
C ALA C 174 10.34 -19.08 18.44
N THR C 175 10.29 -18.41 17.30
CA THR C 175 9.40 -18.83 16.21
C THR C 175 9.61 -20.34 15.91
N PRO C 176 8.53 -21.13 15.89
CA PRO C 176 8.60 -22.61 15.87
C PRO C 176 9.56 -23.24 14.85
N GLU C 177 9.64 -22.66 13.64
CA GLU C 177 10.52 -23.16 12.56
C GLU C 177 12.01 -23.07 12.91
N LEU C 178 12.38 -22.08 13.71
CA LEU C 178 13.75 -21.97 14.19
C LEU C 178 13.92 -22.70 15.53
N SER C 179 13.30 -22.16 16.60
CA SER C 179 13.43 -22.69 17.96
C SER C 179 14.90 -22.84 18.35
N ILE C 180 15.64 -21.74 18.22
CA ILE C 180 17.10 -21.70 18.42
C ILE C 180 17.47 -21.19 19.81
N ILE C 181 18.26 -21.96 20.56
CA ILE C 181 18.83 -21.52 21.83
C ILE C 181 20.20 -20.99 21.49
N HIS C 182 20.46 -19.72 21.84
CA HIS C 182 21.74 -19.09 21.49
C HIS C 182 22.87 -19.72 22.30
N CYS C 183 22.67 -19.78 23.62
CA CYS C 183 23.56 -20.48 24.57
C CYS C 183 24.81 -19.78 25.03
N ASP C 184 25.10 -18.58 24.55
CA ASP C 184 26.22 -17.83 25.13
C ASP C 184 25.93 -16.35 25.08
N LEU C 185 24.72 -15.97 25.48
CA LEU C 185 24.35 -14.58 25.47
C LEU C 185 25.09 -13.83 26.55
N LYS C 186 25.82 -12.82 26.16
CA LYS C 186 26.54 -11.98 27.09
C LYS C 186 26.85 -10.67 26.39
N PRO C 187 27.32 -9.65 27.13
CA PRO C 187 27.57 -8.36 26.50
C PRO C 187 28.49 -8.41 25.30
N GLU C 188 29.48 -9.28 25.31
CA GLU C 188 30.43 -9.31 24.18
C GLU C 188 29.79 -9.79 22.87
N ASN C 189 28.65 -10.44 22.97
CA ASN C 189 27.97 -11.02 21.83
C ASN C 189 26.80 -10.15 21.37
N ILE C 190 26.66 -8.96 21.96
CA ILE C 190 25.66 -7.99 21.53
C ILE C 190 26.44 -6.79 21.01
N LEU C 191 26.32 -6.50 19.71
CA LEU C 191 27.11 -5.46 19.05
C LEU C 191 26.27 -4.28 18.55
N LEU C 192 26.84 -3.08 18.64
CA LEU C 192 26.23 -1.89 18.05
C LEU C 192 26.47 -1.91 16.56
N CYS C 193 25.52 -1.46 15.77
CA CYS C 193 25.75 -1.24 14.34
C CYS C 193 26.67 -0.06 14.10
N ASN C 194 26.29 1.08 14.68
CA ASN C 194 27.03 2.36 14.58
C ASN C 194 27.29 2.84 16.01
N PRO C 195 28.52 3.37 16.25
CA PRO C 195 28.94 3.76 17.61
C PRO C 195 28.05 4.86 18.24
N LYS C 196 27.60 5.82 17.44
CA LYS C 196 26.81 6.93 17.97
C LYS C 196 25.28 6.62 18.07
N ARG C 197 24.89 5.35 18.05
CA ARG C 197 23.45 4.97 18.00
C ARG C 197 23.16 3.68 18.78
N SER C 198 21.87 3.38 18.98
CA SER C 198 21.42 2.29 19.84
C SER C 198 21.06 0.98 19.11
N ALA C 199 21.02 1.00 17.78
CA ALA C 199 20.77 -0.22 17.00
C ALA C 199 21.79 -1.31 17.39
N ILE C 200 21.29 -2.52 17.64
CA ILE C 200 22.17 -3.64 17.98
C ILE C 200 21.89 -4.92 17.17
N LYS C 201 22.92 -5.75 17.03
CA LYS C 201 22.76 -7.12 16.51
C LYS C 201 23.47 -8.15 17.39
N ILE C 202 23.01 -9.39 17.29
CA ILE C 202 23.55 -10.47 18.13
C ILE C 202 24.49 -11.33 17.30
N VAL C 203 25.65 -11.66 17.84
CA VAL C 203 26.61 -12.47 17.12
C VAL C 203 26.94 -13.77 17.90
N ASP C 204 27.79 -14.59 17.30
CA ASP C 204 28.38 -15.79 17.88
C ASP C 204 27.33 -16.82 18.22
N PHE C 205 26.91 -17.53 17.18
CA PHE C 205 26.01 -18.65 17.36
C PHE C 205 26.79 -19.96 17.32
N GLY C 206 28.08 -19.88 17.64
CA GLY C 206 28.93 -21.03 17.58
C GLY C 206 28.73 -22.10 18.64
N SER C 207 27.94 -21.84 19.68
CA SER C 207 27.56 -22.90 20.63
C SER C 207 26.06 -23.15 20.62
N SER C 208 25.37 -22.56 19.67
CA SER C 208 23.94 -22.67 19.64
C SER C 208 23.45 -24.02 19.14
N CYS C 209 22.20 -24.29 19.46
CA CYS C 209 21.50 -25.48 18.98
C CYS C 209 20.01 -25.18 18.80
N GLN C 210 19.29 -26.13 18.23
CA GLN C 210 17.83 -26.05 18.21
C GLN C 210 17.26 -26.91 19.33
N LEU C 211 16.08 -26.54 19.80
CA LEU C 211 15.34 -27.38 20.72
C LEU C 211 15.30 -28.83 20.18
N GLY C 212 15.77 -29.80 20.97
CA GLY C 212 15.81 -31.21 20.55
C GLY C 212 16.97 -31.63 19.63
N GLN C 213 17.97 -30.77 19.48
CA GLN C 213 19.30 -31.15 18.97
C GLN C 213 20.37 -30.60 19.94
N ARG C 214 20.05 -30.64 21.25
CA ARG C 214 20.99 -30.28 22.33
C ARG C 214 22.06 -31.36 22.45
N ILE C 215 23.32 -30.94 22.53
CA ILE C 215 24.48 -31.86 22.55
C ILE C 215 25.49 -31.67 23.72
N TYR C 216 25.47 -30.51 24.37
CA TYR C 216 26.41 -30.22 25.47
C TYR C 216 25.65 -29.97 26.77
N GLN C 217 26.30 -30.27 27.89
CA GLN C 217 25.76 -30.03 29.22
C GLN C 217 26.33 -28.74 29.86
N PTR C 218 27.62 -28.47 29.67
CA PTR C 218 28.28 -27.29 30.28
C PTR C 218 28.39 -26.17 29.24
O PTR C 218 29.28 -26.18 28.36
CB PTR C 218 29.60 -27.81 30.79
CG PTR C 218 30.53 -26.82 31.41
CD1 PTR C 218 31.54 -26.22 30.65
CD2 PTR C 218 30.46 -26.50 32.77
CE1 PTR C 218 32.43 -25.33 31.21
CE2 PTR C 218 31.36 -25.62 33.35
CZ PTR C 218 32.34 -25.00 32.56
OH PTR C 218 33.20 -24.24 33.03
P PTR C 218 33.16 -22.84 33.79
O1P PTR C 218 34.59 -22.66 34.30
O2P PTR C 218 32.95 -21.78 32.75
O3P PTR C 218 32.18 -22.82 35.02
N ILE C 219 27.45 -25.25 29.32
CA ILE C 219 27.24 -24.22 28.30
C ILE C 219 26.89 -22.96 29.04
N GLN C 220 26.88 -21.86 28.29
CA GLN C 220 26.71 -20.49 28.79
C GLN C 220 27.97 -20.05 29.48
N SER C 221 28.32 -18.78 29.32
CA SER C 221 29.39 -18.18 30.12
C SER C 221 28.91 -18.06 31.56
N ARG C 222 29.84 -18.30 32.47
CA ARG C 222 29.48 -18.55 33.87
C ARG C 222 28.58 -17.49 34.45
N PHE C 223 28.95 -16.21 34.31
CA PHE C 223 28.14 -15.14 34.92
C PHE C 223 26.70 -15.16 34.42
N TYR C 224 26.50 -15.65 33.20
CA TYR C 224 25.24 -15.56 32.51
C TYR C 224 24.57 -16.92 32.50
N ARG C 225 25.15 -17.88 33.24
CA ARG C 225 24.67 -19.24 33.22
C ARG C 225 23.40 -19.39 34.08
N SER C 226 22.38 -20.02 33.52
CA SER C 226 21.10 -20.20 34.20
C SER C 226 21.13 -21.36 35.26
N PRO C 227 20.22 -21.31 36.24
CA PRO C 227 20.17 -22.33 37.30
C PRO C 227 20.05 -23.75 36.77
N GLU C 228 19.18 -23.91 35.79
CA GLU C 228 18.90 -25.20 35.26
C GLU C 228 20.12 -25.82 34.55
N VAL C 229 20.98 -25.00 33.94
CA VAL C 229 22.28 -25.52 33.46
C VAL C 229 23.24 -25.80 34.61
N LEU C 230 23.33 -24.91 35.61
CA LEU C 230 24.18 -25.16 36.79
C LEU C 230 23.76 -26.45 37.49
N LEU C 231 22.46 -26.71 37.54
CA LEU C 231 21.92 -27.93 38.16
C LEU C 231 21.88 -29.19 37.30
N GLY C 232 22.34 -29.11 36.04
CA GLY C 232 22.44 -30.29 35.16
C GLY C 232 21.12 -30.87 34.67
N MET C 233 20.09 -30.02 34.65
CA MET C 233 18.74 -30.37 34.23
C MET C 233 18.56 -30.05 32.74
N PRO C 234 17.54 -30.64 32.10
CA PRO C 234 17.28 -30.27 30.71
C PRO C 234 16.86 -28.81 30.63
N TYR C 235 17.27 -28.15 29.55
CA TYR C 235 17.01 -26.73 29.37
C TYR C 235 16.37 -26.52 28.02
N ASP C 236 15.84 -25.30 27.85
CA ASP C 236 15.20 -24.85 26.62
C ASP C 236 15.53 -23.36 26.38
N LEU C 237 14.71 -22.68 25.58
CA LEU C 237 14.96 -21.28 25.18
C LEU C 237 14.91 -20.30 26.35
N ALA C 238 14.29 -20.71 27.45
CA ALA C 238 14.25 -19.90 28.66
C ALA C 238 15.65 -19.50 29.16
N ILE C 239 16.68 -20.34 28.93
CA ILE C 239 18.04 -20.01 29.41
C ILE C 239 18.56 -18.67 28.84
N ASP C 240 18.16 -18.34 27.61
CA ASP C 240 18.60 -17.09 26.99
C ASP C 240 17.99 -15.87 27.66
N MET C 241 16.75 -16.00 28.11
CA MET C 241 16.05 -14.94 28.81
C MET C 241 16.69 -14.73 30.19
N TRP C 242 17.12 -15.81 30.83
CA TRP C 242 17.89 -15.65 32.06
C TRP C 242 19.15 -14.79 31.82
N SER C 243 19.96 -15.13 30.82
CA SER C 243 21.17 -14.34 30.50
C SER C 243 20.79 -12.88 30.26
N LEU C 244 19.67 -12.65 29.58
CA LEU C 244 19.26 -11.27 29.27
C LEU C 244 19.04 -10.48 30.57
N GLY C 245 18.32 -11.12 31.50
CA GLY C 245 18.16 -10.59 32.84
C GLY C 245 19.46 -10.07 33.42
N CYS C 246 20.49 -10.92 33.41
CA CYS C 246 21.80 -10.52 33.96
C CYS C 246 22.45 -9.42 33.17
N ILE C 247 22.28 -9.46 31.86
CA ILE C 247 22.94 -8.51 30.98
C ILE C 247 22.40 -7.11 31.21
N LEU C 248 21.09 -7.03 31.42
CA LEU C 248 20.46 -5.73 31.55
C LEU C 248 20.87 -5.03 32.85
N VAL C 249 20.78 -5.75 33.98
CA VAL C 249 21.28 -5.21 35.25
C VAL C 249 22.74 -4.75 35.11
N GLU C 250 23.56 -5.49 34.38
CA GLU C 250 24.97 -5.13 34.25
C GLU C 250 25.18 -3.89 33.38
N MET C 251 24.34 -3.74 32.35
CA MET C 251 24.46 -2.58 31.49
C MET C 251 24.19 -1.32 32.30
N HIS C 252 23.17 -1.37 33.15
CA HIS C 252 22.80 -0.18 33.92
C HIS C 252 23.70 0.05 35.14
N THR C 253 24.17 -1.02 35.80
CA THR C 253 25.05 -0.85 36.98
C THR C 253 26.52 -0.72 36.61
N GLY C 254 26.93 -1.36 35.52
CA GLY C 254 28.35 -1.40 35.14
C GLY C 254 29.14 -2.60 35.65
N GLU C 255 28.46 -3.53 36.30
CA GLU C 255 29.12 -4.62 37.01
C GLU C 255 28.29 -5.89 36.87
N PRO C 256 28.93 -7.05 36.68
CA PRO C 256 28.13 -8.27 36.62
C PRO C 256 27.25 -8.47 37.87
N LEU C 257 26.02 -8.90 37.69
CA LEU C 257 25.11 -9.17 38.80
C LEU C 257 25.57 -10.37 39.63
N PHE C 258 25.97 -11.45 38.95
CA PHE C 258 26.40 -12.72 39.55
C PHE C 258 27.78 -13.12 39.04
N SER C 259 28.81 -12.64 39.73
CA SER C 259 30.18 -12.79 39.25
C SER C 259 30.93 -13.98 39.89
N GLY C 260 30.37 -15.19 39.81
CA GLY C 260 31.01 -16.37 40.43
C GLY C 260 32.34 -16.72 39.80
N ALA C 261 33.34 -17.02 40.63
CA ALA C 261 34.63 -17.52 40.13
C ALA C 261 34.58 -18.99 39.73
N ASN C 262 33.52 -19.69 40.13
CA ASN C 262 33.28 -21.09 39.76
C ASN C 262 31.81 -21.47 40.00
N GLU C 263 31.42 -22.65 39.58
CA GLU C 263 30.01 -23.01 39.67
C GLU C 263 29.42 -22.92 41.10
N VAL C 264 30.17 -23.32 42.12
CA VAL C 264 29.64 -23.24 43.49
C VAL C 264 29.44 -21.77 43.90
N ASP C 265 30.41 -20.93 43.56
CA ASP C 265 30.36 -19.48 43.87
C ASP C 265 29.21 -18.83 43.08
N GLN C 266 29.09 -19.25 41.84
CA GLN C 266 28.02 -18.79 40.98
C GLN C 266 26.65 -19.09 41.57
N MET C 267 26.40 -20.34 41.98
CA MET C 267 25.10 -20.69 42.53
C MET C 267 24.85 -19.90 43.81
N ASN C 268 25.85 -19.81 44.67
CA ASN C 268 25.74 -19.05 45.93
C ASN C 268 25.49 -17.58 45.69
N LYS C 269 26.17 -17.03 44.71
CA LYS C 269 25.89 -15.64 44.35
C LYS C 269 24.42 -15.42 43.93
N ILE C 270 23.85 -16.36 43.19
CA ILE C 270 22.46 -16.26 42.78
C ILE C 270 21.52 -16.38 43.98
N VAL C 271 21.87 -17.24 44.94
CA VAL C 271 21.05 -17.43 46.14
C VAL C 271 21.01 -16.22 47.08
N GLU C 272 22.10 -15.43 47.12
CA GLU C 272 22.11 -14.18 47.89
C GLU C 272 20.92 -13.26 47.53
N VAL C 273 20.62 -13.21 46.24
CA VAL C 273 19.65 -12.28 45.66
C VAL C 273 18.26 -12.91 45.58
N LEU C 274 18.20 -14.18 45.16
CA LEU C 274 16.92 -14.80 44.83
C LEU C 274 16.45 -15.86 45.82
N GLY C 275 17.30 -16.19 46.79
CA GLY C 275 16.96 -17.20 47.80
C GLY C 275 17.16 -18.63 47.31
N ILE C 276 16.79 -19.59 48.15
CA ILE C 276 16.96 -21.00 47.83
C ILE C 276 16.02 -21.28 46.67
N PRO C 277 16.46 -22.07 45.69
CA PRO C 277 15.51 -22.45 44.65
C PRO C 277 14.38 -23.32 45.23
N PRO C 278 13.23 -23.42 44.51
CA PRO C 278 12.11 -24.24 44.99
C PRO C 278 12.32 -25.77 45.01
N ALA C 279 11.66 -26.41 45.97
CA ALA C 279 11.74 -27.85 46.20
C ALA C 279 11.46 -28.68 44.96
N HIS C 280 10.35 -28.40 44.26
CA HIS C 280 10.01 -29.21 43.07
C HIS C 280 11.17 -29.31 42.08
N ILE C 281 11.90 -28.19 41.92
CA ILE C 281 13.05 -28.14 41.00
C ILE C 281 14.23 -28.98 41.47
N LEU C 282 14.69 -28.71 42.69
CA LEU C 282 15.86 -29.40 43.24
C LEU C 282 15.61 -30.90 43.37
N ASP C 283 14.37 -31.27 43.69
CA ASP C 283 13.94 -32.68 43.73
C ASP C 283 14.22 -33.42 42.41
N GLN C 284 14.17 -32.69 41.28
CA GLN C 284 14.49 -33.23 39.95
C GLN C 284 15.91 -32.92 39.41
N ALA C 285 16.72 -32.16 40.14
CA ALA C 285 18.03 -31.73 39.61
C ALA C 285 19.12 -32.75 39.94
N PRO C 286 19.76 -33.34 38.91
CA PRO C 286 20.91 -34.22 39.15
C PRO C 286 22.03 -33.60 39.98
N LYS C 287 22.36 -32.33 39.79
CA LYS C 287 23.50 -31.75 40.52
C LYS C 287 23.09 -30.94 41.77
N ALA C 288 21.86 -31.15 42.26
CA ALA C 288 21.38 -30.42 43.45
C ALA C 288 22.34 -30.54 44.63
N ARG C 289 22.80 -31.75 44.91
CA ARG C 289 23.73 -32.02 46.02
C ARG C 289 25.17 -31.49 45.78
N LYS C 290 25.42 -30.80 44.67
CA LYS C 290 26.68 -30.07 44.51
C LYS C 290 26.63 -28.74 45.29
N PHE C 291 25.43 -28.21 45.51
CA PHE C 291 25.27 -26.92 46.17
C PHE C 291 24.35 -26.92 47.39
N PHE C 292 23.45 -27.90 47.48
CA PHE C 292 22.42 -27.88 48.50
C PHE C 292 22.39 -29.21 49.23
N GLU C 293 21.61 -29.25 50.33
CA GLU C 293 21.35 -30.48 51.11
C GLU C 293 19.84 -30.53 51.45
N LYS C 294 19.25 -31.73 51.44
CA LYS C 294 17.80 -31.88 51.70
C LYS C 294 17.63 -32.23 53.14
N LEU C 295 16.96 -31.39 53.92
CA LEU C 295 16.81 -31.64 55.36
C LEU C 295 15.73 -32.72 55.64
N PRO C 296 15.82 -33.38 56.82
CA PRO C 296 14.84 -34.45 57.18
C PRO C 296 13.39 -34.13 56.81
N ASP C 297 12.97 -32.89 57.11
CA ASP C 297 11.61 -32.44 56.85
C ASP C 297 11.28 -32.18 55.37
N GLY C 298 12.22 -32.46 54.47
CA GLY C 298 11.98 -32.37 53.02
C GLY C 298 12.38 -31.04 52.40
N THR C 299 12.78 -30.06 53.23
CA THR C 299 13.13 -28.72 52.76
C THR C 299 14.62 -28.67 52.40
N TRP C 300 15.00 -27.76 51.50
CA TRP C 300 16.38 -27.64 51.04
C TRP C 300 17.09 -26.42 51.65
N ASN C 301 18.36 -26.60 52.01
CA ASN C 301 19.24 -25.50 52.37
C ASN C 301 20.51 -25.59 51.58
N LEU C 302 21.32 -24.54 51.66
CA LEU C 302 22.67 -24.60 51.14
C LEU C 302 23.44 -25.67 51.90
N LYS C 303 24.46 -26.28 51.27
CA LYS C 303 25.30 -27.28 51.94
C LYS C 303 25.95 -26.67 53.15
N LYS C 304 26.32 -27.51 54.12
CA LYS C 304 26.96 -27.06 55.34
C LYS C 304 28.42 -26.67 55.04
N THR C 305 28.98 -25.81 55.89
CA THR C 305 30.37 -25.33 55.77
C THR C 305 31.03 -25.18 57.17
N LYS C 306 32.31 -24.80 57.22
CA LYS C 306 33.00 -24.53 58.48
C LYS C 306 32.27 -23.43 59.27
N ASP C 307 32.41 -23.45 60.60
CA ASP C 307 31.57 -22.62 61.52
C ASP C 307 32.07 -21.20 61.84
N LYS C 309 33.32 -20.07 59.06
CA LYS C 309 33.42 -19.47 57.74
C LYS C 309 32.16 -18.66 57.52
N ARG C 310 32.31 -17.45 57.02
CA ARG C 310 31.22 -16.64 56.54
C ARG C 310 31.63 -16.00 55.22
N GLU C 311 30.89 -16.27 54.15
CA GLU C 311 31.30 -15.76 52.83
C GLU C 311 30.18 -15.05 52.10
N TYR C 312 28.95 -15.53 52.25
CA TYR C 312 27.84 -14.98 51.50
C TYR C 312 26.83 -14.31 52.41
N LYS C 313 26.12 -13.33 51.88
CA LYS C 313 24.97 -12.78 52.56
C LYS C 313 23.93 -13.89 52.68
N PRO C 314 23.15 -13.85 53.74
CA PRO C 314 22.13 -14.84 53.92
C PRO C 314 21.22 -14.87 52.71
N PRO C 315 20.50 -16.00 52.53
CA PRO C 315 19.70 -16.15 51.31
C PRO C 315 18.60 -15.11 51.14
N GLY C 316 18.56 -14.50 49.97
CA GLY C 316 17.56 -13.51 49.66
C GLY C 316 17.79 -12.08 50.18
N THR C 317 18.86 -11.84 50.93
CA THR C 317 19.05 -10.51 51.56
C THR C 317 19.91 -9.54 50.78
N ARG C 318 20.36 -9.92 49.58
CA ARG C 318 20.98 -8.95 48.70
C ARG C 318 19.96 -8.53 47.64
N LYS C 319 19.19 -7.50 47.96
CA LYS C 319 17.99 -7.18 47.18
C LYS C 319 18.33 -6.40 45.93
N LEU C 320 17.66 -6.78 44.85
CA LEU C 320 17.77 -6.05 43.59
C LEU C 320 17.35 -4.57 43.76
N HIS C 321 16.36 -4.35 44.64
CA HIS C 321 15.93 -3.02 45.03
C HIS C 321 17.11 -2.09 45.37
N ASN C 322 18.09 -2.62 46.10
CA ASN C 322 19.21 -1.83 46.60
C ASN C 322 20.42 -1.85 45.63
N ILE C 323 20.57 -2.91 44.83
CA ILE C 323 21.59 -2.98 43.76
C ILE C 323 21.36 -1.92 42.66
N LEU C 324 20.07 -1.74 42.29
CA LEU C 324 19.66 -0.76 41.29
C LEU C 324 19.53 0.71 41.84
N GLY C 325 19.49 0.88 43.16
CA GLY C 325 19.33 2.23 43.73
C GLY C 325 17.97 2.85 43.41
N VAL C 326 16.93 2.03 43.54
CA VAL C 326 15.59 2.35 43.12
C VAL C 326 15.17 3.68 43.76
N GLU C 327 15.38 3.77 45.07
CA GLU C 327 14.96 4.93 45.83
C GLU C 327 16.13 5.86 46.16
N THR C 328 17.37 5.47 45.86
CA THR C 328 18.56 6.21 46.35
C THR C 328 19.41 6.86 45.25
N GLY C 329 18.77 7.29 44.17
CA GLY C 329 19.46 8.02 43.11
C GLY C 329 20.16 7.13 42.10
N GLY C 330 19.74 5.87 42.05
CA GLY C 330 20.29 4.91 41.10
C GLY C 330 21.53 4.23 41.65
N PRO C 331 22.13 3.35 40.83
CA PRO C 331 23.31 2.58 41.19
C PRO C 331 24.44 3.50 41.62
N GLY C 332 24.89 3.34 42.87
CA GLY C 332 25.93 4.21 43.41
C GLY C 332 25.50 5.67 43.52
N GLY C 333 24.17 5.90 43.48
CA GLY C 333 23.60 7.25 43.51
C GLY C 333 23.99 8.18 42.36
N ARG C 334 24.64 7.64 41.32
CA ARG C 334 25.25 8.45 40.24
C ARG C 334 24.23 8.92 39.20
N ARG C 335 22.93 8.88 39.52
CA ARG C 335 21.90 9.49 38.67
C ARG C 335 21.20 10.63 39.41
N SER C 339 17.15 12.84 35.67
CA SER C 339 16.25 13.02 34.54
C SER C 339 15.98 11.70 33.82
N GLY C 340 14.71 11.31 33.74
CA GLY C 340 14.32 10.00 33.21
C GLY C 340 14.77 8.83 34.08
N HIS C 341 14.95 9.10 35.38
CA HIS C 341 15.50 8.10 36.32
C HIS C 341 14.65 8.12 37.60
N THR C 342 13.34 8.11 37.40
CA THR C 342 12.38 8.19 38.49
C THR C 342 12.18 6.83 39.16
N VAL C 343 11.63 6.89 40.37
CA VAL C 343 11.30 5.73 41.21
C VAL C 343 10.25 4.83 40.52
N ALA C 344 9.24 5.46 39.91
CA ALA C 344 8.26 4.77 39.06
C ALA C 344 8.94 3.97 37.95
N ASP C 345 9.93 4.59 37.30
CA ASP C 345 10.67 3.90 36.22
C ASP C 345 11.31 2.63 36.78
N TYR C 346 12.14 2.81 37.81
CA TYR C 346 12.93 1.73 38.37
C TYR C 346 12.05 0.56 38.81
N LEU C 347 10.93 0.87 39.47
CA LEU C 347 10.02 -0.17 39.98
C LEU C 347 9.53 -1.10 38.87
N LYS C 348 9.25 -0.51 37.72
CA LYS C 348 8.88 -1.27 36.52
C LYS C 348 10.10 -2.10 35.98
N PHE C 349 11.28 -1.46 35.89
CA PHE C 349 12.52 -2.16 35.52
C PHE C 349 12.77 -3.36 36.43
N LYS C 350 12.80 -3.12 37.74
CA LYS C 350 13.00 -4.18 38.76
C LYS C 350 12.04 -5.36 38.55
N ASP C 351 10.77 -5.02 38.32
CA ASP C 351 9.73 -6.03 38.19
C ASP C 351 10.00 -6.91 36.98
N LEU C 352 10.43 -6.28 35.89
CA LEU C 352 10.74 -6.99 34.66
C LEU C 352 11.94 -7.94 34.87
N ILE C 353 13.03 -7.43 35.46
CA ILE C 353 14.23 -8.28 35.71
C ILE C 353 13.88 -9.51 36.54
N LEU C 354 13.08 -9.30 37.59
CA LEU C 354 12.72 -10.40 38.50
C LEU C 354 11.94 -11.50 37.78
N ARG C 355 11.07 -11.12 36.83
CA ARG C 355 10.36 -12.10 35.99
C ARG C 355 11.29 -12.84 35.04
N MET C 356 12.30 -12.13 34.51
CA MET C 356 13.36 -12.77 33.69
C MET C 356 14.24 -13.69 34.51
N LEU C 357 14.44 -13.36 35.80
CA LEU C 357 15.28 -14.17 36.68
C LEU C 357 14.52 -15.17 37.55
N ASP C 358 13.26 -15.41 37.24
CA ASP C 358 12.54 -16.55 37.79
C ASP C 358 13.41 -17.82 37.73
N TYR C 359 13.49 -18.56 38.84
CA TYR C 359 14.16 -19.88 38.90
C TYR C 359 13.48 -20.91 38.00
N ASP C 360 12.15 -20.89 37.98
CA ASP C 360 11.34 -21.85 37.21
C ASP C 360 11.28 -21.50 35.72
N PRO C 361 11.89 -22.34 34.87
CA PRO C 361 11.88 -22.04 33.42
C PRO C 361 10.47 -21.95 32.79
N LYS C 362 9.54 -22.76 33.34
CA LYS C 362 8.20 -22.88 32.82
C LYS C 362 7.35 -21.63 33.08
N THR C 363 7.71 -20.86 34.11
CA THR C 363 6.98 -19.63 34.45
C THR C 363 7.80 -18.38 34.24
N ARG C 364 9.09 -18.56 33.93
CA ARG C 364 9.92 -17.43 33.55
C ARG C 364 9.27 -16.74 32.37
N ILE C 365 9.29 -15.41 32.41
CA ILE C 365 8.70 -14.60 31.36
C ILE C 365 9.29 -14.95 30.00
N GLN C 366 8.44 -14.85 28.98
CA GLN C 366 8.80 -15.17 27.62
C GLN C 366 8.73 -13.91 26.79
N PRO C 367 9.37 -13.92 25.61
CA PRO C 367 9.55 -12.67 24.86
C PRO C 367 8.25 -11.91 24.48
N TYR C 368 7.22 -12.63 24.03
CA TYR C 368 5.97 -11.96 23.61
C TYR C 368 5.34 -11.15 24.75
N TYR C 369 5.44 -11.68 25.96
CA TYR C 369 4.89 -11.02 27.12
C TYR C 369 5.89 -9.99 27.64
N ALA C 370 7.18 -10.28 27.48
CA ALA C 370 8.23 -9.37 27.93
C ALA C 370 8.06 -8.02 27.24
N LEU C 371 7.72 -8.07 25.95
CA LEU C 371 7.56 -6.86 25.15
C LEU C 371 6.29 -6.04 25.45
N GLN C 372 5.31 -6.65 26.12
CA GLN C 372 4.12 -5.92 26.56
C GLN C 372 4.22 -5.46 28.03
N HIS C 373 5.39 -5.66 28.66
CA HIS C 373 5.60 -5.24 30.05
C HIS C 373 5.58 -3.71 30.18
N SER C 374 5.18 -3.24 31.36
CA SER C 374 5.01 -1.80 31.61
C SER C 374 6.30 -0.98 31.49
N PHE C 375 7.46 -1.62 31.65
CA PHE C 375 8.75 -0.96 31.42
C PHE C 375 8.88 -0.39 30.01
N PHE C 376 8.13 -0.95 29.05
CA PHE C 376 8.15 -0.52 27.64
C PHE C 376 6.99 0.39 27.22
N LYS C 377 6.21 0.90 28.17
CA LYS C 377 5.11 1.83 27.90
C LYS C 377 5.64 3.11 27.27
N VAL D 32 -29.26 -40.19 -1.93
CA VAL D 32 -29.61 -39.84 -3.34
C VAL D 32 -30.89 -38.98 -3.39
N TYR D 33 -30.73 -37.65 -3.46
CA TYR D 33 -31.89 -36.69 -3.45
C TYR D 33 -31.97 -35.85 -4.73
N ASN D 34 -33.18 -35.74 -5.31
CA ASN D 34 -33.41 -35.09 -6.62
C ASN D 34 -32.38 -35.57 -7.65
N ASP D 35 -32.23 -36.89 -7.71
CA ASP D 35 -31.36 -37.58 -8.66
C ASP D 35 -29.89 -37.19 -8.51
N GLY D 36 -29.53 -36.78 -7.30
CA GLY D 36 -28.20 -36.29 -7.01
C GLY D 36 -27.97 -34.80 -7.27
N TYR D 37 -29.02 -34.02 -7.53
CA TYR D 37 -28.83 -32.56 -7.67
C TYR D 37 -28.92 -31.78 -6.34
N ASP D 38 -29.58 -32.37 -5.34
CA ASP D 38 -29.84 -31.71 -4.06
C ASP D 38 -29.08 -32.37 -2.90
N ASP D 39 -28.88 -31.59 -1.84
CA ASP D 39 -28.33 -32.11 -0.58
C ASP D 39 -29.47 -32.64 0.29
N ASP D 40 -29.19 -33.03 1.52
CA ASP D 40 -30.23 -33.59 2.39
C ASP D 40 -31.16 -32.54 3.02
N ASN D 41 -30.93 -31.26 2.75
CA ASN D 41 -31.80 -30.21 3.26
C ASN D 41 -32.60 -29.53 2.13
N TYR D 42 -32.82 -30.29 1.06
CA TYR D 42 -33.65 -29.85 -0.05
C TYR D 42 -33.07 -28.70 -0.87
N ASP D 43 -31.79 -28.35 -0.62
CA ASP D 43 -31.16 -27.25 -1.35
C ASP D 43 -30.47 -27.80 -2.58
N TYR D 44 -30.43 -27.01 -3.65
CA TYR D 44 -29.63 -27.33 -4.82
C TYR D 44 -28.14 -27.26 -4.48
N ILE D 45 -27.38 -28.28 -4.87
CA ILE D 45 -25.94 -28.27 -4.66
C ILE D 45 -25.32 -27.38 -5.72
N VAL D 46 -24.87 -26.20 -5.31
CA VAL D 46 -24.46 -25.18 -6.24
C VAL D 46 -23.07 -25.49 -6.76
N LYS D 47 -22.86 -25.36 -8.06
CA LYS D 47 -21.52 -25.61 -8.63
C LYS D 47 -21.05 -24.48 -9.49
N ASN D 48 -19.98 -23.83 -9.05
CA ASN D 48 -19.38 -22.73 -9.80
C ASN D 48 -19.09 -23.21 -11.26
N GLY D 49 -19.48 -22.40 -12.25
CA GLY D 49 -19.13 -22.65 -13.65
C GLY D 49 -20.23 -23.29 -14.48
N GLU D 50 -21.36 -23.57 -13.85
CA GLU D 50 -22.47 -24.26 -14.50
C GLU D 50 -23.24 -23.19 -15.32
N LYS D 51 -23.82 -23.60 -16.44
CA LYS D 51 -24.56 -22.69 -17.31
C LYS D 51 -26.00 -23.22 -17.45
N TRP D 52 -26.96 -22.39 -17.09
CA TRP D 52 -28.36 -22.78 -17.02
C TRP D 52 -29.10 -22.20 -18.19
N MET D 53 -29.81 -23.07 -18.90
CA MET D 53 -30.66 -22.68 -20.03
C MET D 53 -30.00 -21.75 -21.07
N ASP D 54 -28.74 -22.01 -21.41
CA ASP D 54 -28.09 -21.24 -22.46
C ASP D 54 -28.19 -19.72 -22.14
N ARG D 55 -28.27 -19.37 -20.85
CA ARG D 55 -28.43 -17.98 -20.45
C ARG D 55 -27.62 -17.53 -19.21
N TYR D 56 -27.78 -18.22 -18.07
CA TYR D 56 -27.20 -17.81 -16.79
C TYR D 56 -25.92 -18.57 -16.48
N GLU D 57 -24.82 -17.85 -16.28
CA GLU D 57 -23.55 -18.48 -15.87
C GLU D 57 -23.38 -18.38 -14.36
N ILE D 58 -23.34 -19.50 -13.65
CA ILE D 58 -23.29 -19.49 -12.18
C ILE D 58 -21.90 -19.23 -11.68
N ASP D 59 -21.75 -18.13 -10.97
CA ASP D 59 -20.43 -17.80 -10.49
C ASP D 59 -20.14 -18.45 -9.14
N SER D 60 -20.97 -18.17 -8.15
CA SER D 60 -20.82 -18.78 -6.84
C SER D 60 -22.07 -18.61 -5.99
N LEU D 61 -22.07 -19.28 -4.85
CA LEU D 61 -23.12 -19.15 -3.85
C LEU D 61 -22.84 -17.87 -3.08
N ILE D 62 -23.81 -16.98 -2.95
CA ILE D 62 -23.56 -15.78 -2.15
C ILE D 62 -24.34 -15.70 -0.85
N GLY D 63 -25.17 -16.71 -0.55
CA GLY D 63 -25.82 -16.82 0.77
C GLY D 63 -26.85 -17.95 0.85
N LYS D 64 -27.01 -18.50 2.06
CA LYS D 64 -28.00 -19.56 2.37
C LYS D 64 -29.05 -19.03 3.32
N GLY D 65 -30.29 -19.46 3.17
CA GLY D 65 -31.34 -19.05 4.11
C GLY D 65 -32.41 -20.09 4.35
N SER D 66 -33.37 -19.73 5.20
CA SER D 66 -34.57 -20.55 5.42
C SER D 66 -35.19 -21.09 4.16
N PHE D 67 -35.33 -20.25 3.13
CA PHE D 67 -36.10 -20.61 1.91
C PHE D 67 -35.25 -21.20 0.79
N GLY D 68 -33.93 -21.14 0.94
CA GLY D 68 -33.05 -21.72 -0.04
C GLY D 68 -31.74 -20.97 -0.09
N GLN D 69 -31.30 -20.64 -1.29
CA GLN D 69 -29.96 -20.09 -1.52
C GLN D 69 -29.99 -18.89 -2.49
N VAL D 70 -29.08 -17.96 -2.31
CA VAL D 70 -28.87 -16.93 -3.34
C VAL D 70 -27.49 -17.15 -3.97
N VAL D 71 -27.48 -17.22 -5.31
CA VAL D 71 -26.25 -17.36 -6.08
C VAL D 71 -26.10 -16.15 -6.98
N LYS D 72 -24.85 -15.77 -7.21
CA LYS D 72 -24.48 -14.73 -8.18
C LYS D 72 -24.34 -15.39 -9.53
N ALA D 73 -24.92 -14.80 -10.57
CA ALA D 73 -24.85 -15.32 -11.94
C ALA D 73 -24.76 -14.21 -12.98
N TYR D 74 -24.15 -14.54 -14.12
CA TYR D 74 -24.11 -13.62 -15.27
C TYR D 74 -25.16 -13.99 -16.28
N ASP D 75 -26.05 -13.03 -16.53
CA ASP D 75 -27.08 -13.15 -17.56
C ASP D 75 -26.47 -12.69 -18.86
N ARG D 76 -26.24 -13.64 -19.76
CA ARG D 76 -25.63 -13.32 -21.04
C ARG D 76 -26.51 -12.43 -21.93
N VAL D 77 -27.83 -12.60 -21.91
CA VAL D 77 -28.69 -11.81 -22.76
C VAL D 77 -28.62 -10.35 -22.34
N GLU D 78 -28.69 -10.07 -21.07
CA GLU D 78 -28.71 -8.68 -20.61
C GLU D 78 -27.30 -8.12 -20.34
N GLN D 79 -26.30 -9.00 -20.30
CA GLN D 79 -24.91 -8.64 -20.00
C GLN D 79 -24.85 -7.93 -18.64
N GLU D 80 -25.35 -8.59 -17.63
CA GLU D 80 -25.32 -8.02 -16.29
C GLU D 80 -25.32 -9.16 -15.26
N TRP D 81 -24.72 -8.86 -14.13
CA TRP D 81 -24.74 -9.74 -12.99
C TRP D 81 -26.08 -9.66 -12.35
N VAL D 82 -26.62 -10.83 -11.99
CA VAL D 82 -27.90 -10.92 -11.29
C VAL D 82 -27.80 -11.89 -10.11
N ALA D 83 -28.75 -11.80 -9.18
CA ALA D 83 -28.81 -12.64 -8.00
C ALA D 83 -30.00 -13.54 -8.23
N ILE D 84 -29.75 -14.85 -8.21
CA ILE D 84 -30.79 -15.82 -8.41
C ILE D 84 -30.99 -16.51 -7.07
N LYS D 85 -32.24 -16.50 -6.61
CA LYS D 85 -32.63 -17.21 -5.39
C LYS D 85 -33.18 -18.56 -5.82
N ILE D 86 -32.57 -19.65 -5.35
CA ILE D 86 -33.02 -21.00 -5.67
C ILE D 86 -33.82 -21.46 -4.48
N ILE D 87 -35.13 -21.56 -4.67
CA ILE D 87 -36.01 -22.05 -3.64
C ILE D 87 -35.80 -23.56 -3.40
N LYS D 88 -35.90 -23.95 -2.15
CA LYS D 88 -35.82 -25.35 -1.78
C LYS D 88 -36.81 -26.21 -2.56
N ASN D 89 -36.38 -27.42 -2.88
CA ASN D 89 -37.20 -28.39 -3.59
C ASN D 89 -38.04 -29.15 -2.58
N LYS D 90 -39.12 -28.52 -2.17
CA LYS D 90 -40.04 -29.11 -1.25
C LYS D 90 -41.37 -28.36 -1.32
N LYS D 91 -42.45 -29.11 -1.35
CA LYS D 91 -43.77 -28.56 -1.69
C LYS D 91 -44.14 -27.32 -0.88
N ALA D 92 -43.93 -27.36 0.43
CA ALA D 92 -44.35 -26.25 1.28
C ALA D 92 -43.58 -24.96 0.96
N PHE D 93 -42.30 -25.08 0.60
CA PHE D 93 -41.48 -23.92 0.26
C PHE D 93 -41.85 -23.41 -1.12
N LEU D 94 -42.04 -24.32 -2.06
CA LEU D 94 -42.44 -23.98 -3.41
C LEU D 94 -43.73 -23.22 -3.36
N ASN D 95 -44.71 -23.74 -2.64
CA ASN D 95 -46.04 -23.14 -2.65
C ASN D 95 -46.04 -21.76 -1.95
N GLN D 96 -45.18 -21.55 -0.96
CA GLN D 96 -45.13 -20.25 -0.30
C GLN D 96 -44.38 -19.24 -1.21
N ALA D 97 -43.29 -19.67 -1.84
CA ALA D 97 -42.55 -18.84 -2.80
C ALA D 97 -43.40 -18.37 -3.98
N GLN D 98 -44.45 -19.13 -4.33
CA GLN D 98 -45.43 -18.69 -5.33
C GLN D 98 -46.24 -17.52 -4.80
N ILE D 99 -46.48 -17.47 -3.48
CA ILE D 99 -47.20 -16.32 -2.94
C ILE D 99 -46.31 -15.09 -3.09
N GLU D 100 -45.03 -15.27 -2.79
CA GLU D 100 -44.05 -14.21 -2.91
C GLU D 100 -43.92 -13.72 -4.35
N VAL D 101 -43.86 -14.61 -5.33
CA VAL D 101 -43.79 -14.16 -6.73
C VAL D 101 -45.02 -13.34 -7.13
N ARG D 102 -46.20 -13.71 -6.65
CA ARG D 102 -47.38 -12.93 -6.98
C ARG D 102 -47.27 -11.54 -6.39
N LEU D 103 -46.74 -11.42 -5.18
CA LEU D 103 -46.66 -10.11 -4.53
C LEU D 103 -45.59 -9.21 -5.12
N LEU D 104 -44.41 -9.76 -5.37
CA LEU D 104 -43.36 -9.01 -6.07
C LEU D 104 -43.89 -8.45 -7.41
N GLU D 105 -44.56 -9.32 -8.16
CA GLU D 105 -45.07 -8.94 -9.46
C GLU D 105 -46.05 -7.78 -9.31
N LEU D 106 -46.93 -7.89 -8.33
CA LEU D 106 -47.95 -6.88 -8.09
C LEU D 106 -47.27 -5.57 -7.69
N MET D 107 -46.19 -5.66 -6.92
CA MET D 107 -45.52 -4.46 -6.43
C MET D 107 -44.79 -3.80 -7.58
N ASN D 108 -43.94 -4.55 -8.29
CA ASN D 108 -43.18 -4.01 -9.43
C ASN D 108 -44.08 -3.44 -10.54
N LYS D 109 -45.22 -4.08 -10.81
CA LYS D 109 -46.16 -3.57 -11.84
C LYS D 109 -46.71 -2.19 -11.50
N HIS D 110 -46.79 -1.83 -10.23
CA HIS D 110 -47.64 -0.72 -9.81
C HIS D 110 -47.09 0.67 -10.13
N ASP D 111 -48.00 1.52 -10.66
CA ASP D 111 -47.73 2.84 -11.28
C ASP D 111 -46.63 3.79 -10.72
N THR D 112 -46.49 3.90 -9.40
CA THR D 112 -45.70 5.01 -8.73
C THR D 112 -44.13 4.88 -8.72
N GLU D 113 -43.44 5.86 -8.10
CA GLU D 113 -41.95 5.92 -8.05
C GLU D 113 -41.42 5.37 -6.70
N MET D 114 -42.28 5.43 -5.69
CA MET D 114 -42.05 4.72 -4.43
C MET D 114 -41.66 3.24 -4.65
N LYS D 115 -42.30 2.62 -5.66
CA LYS D 115 -42.11 1.19 -6.01
C LYS D 115 -40.64 0.72 -6.13
N TYR D 116 -39.73 1.68 -6.36
CA TYR D 116 -38.28 1.41 -6.49
C TYR D 116 -37.55 1.25 -5.15
N TYR D 117 -38.29 1.27 -4.04
CA TYR D 117 -37.72 0.85 -2.76
C TYR D 117 -37.93 -0.65 -2.50
N ILE D 118 -38.47 -1.36 -3.48
CA ILE D 118 -38.72 -2.79 -3.37
C ILE D 118 -37.88 -3.52 -4.40
N VAL D 119 -37.22 -4.61 -4.01
CA VAL D 119 -36.37 -5.31 -4.97
C VAL D 119 -37.16 -5.67 -6.25
N HIS D 120 -36.48 -5.62 -7.38
CA HIS D 120 -37.10 -5.93 -8.66
C HIS D 120 -36.85 -7.39 -9.03
N LEU D 121 -37.93 -8.13 -9.22
CA LEU D 121 -37.85 -9.52 -9.70
C LEU D 121 -37.87 -9.42 -11.20
N LYS D 122 -36.81 -9.86 -11.87
CA LYS D 122 -36.78 -9.71 -13.33
C LYS D 122 -37.61 -10.79 -14.02
N ARG D 123 -37.54 -12.03 -13.49
CA ARG D 123 -38.32 -13.14 -14.00
CA ARG D 123 -38.36 -13.13 -13.98
C ARG D 123 -38.10 -14.36 -13.10
N HIS D 124 -38.77 -15.47 -13.43
CA HIS D 124 -38.66 -16.70 -12.69
C HIS D 124 -38.76 -17.89 -13.61
N PHE D 125 -38.18 -19.02 -13.17
CA PHE D 125 -38.26 -20.26 -13.95
C PHE D 125 -38.00 -21.50 -13.10
N MET D 126 -38.39 -22.66 -13.63
CA MET D 126 -38.18 -23.92 -12.96
C MET D 126 -36.96 -24.59 -13.53
N PHE D 127 -36.02 -25.01 -12.70
CA PHE D 127 -34.80 -25.62 -13.19
C PHE D 127 -34.40 -26.74 -12.26
N ARG D 128 -34.28 -27.93 -12.82
CA ARG D 128 -34.06 -29.17 -12.07
C ARG D 128 -34.88 -29.21 -10.80
N ASN D 129 -36.16 -28.92 -10.97
CA ASN D 129 -37.18 -29.04 -9.92
C ASN D 129 -37.05 -28.04 -8.79
N HIS D 130 -36.36 -26.92 -9.06
CA HIS D 130 -36.31 -25.76 -8.16
C HIS D 130 -36.90 -24.54 -8.82
N LEU D 131 -37.80 -23.86 -8.13
CA LEU D 131 -38.22 -22.53 -8.57
C LEU D 131 -37.05 -21.57 -8.36
N CYS D 132 -36.74 -20.76 -9.37
CA CYS D 132 -35.63 -19.80 -9.28
C CYS D 132 -36.14 -18.41 -9.57
N LEU D 133 -35.85 -17.46 -8.68
CA LEU D 133 -36.26 -16.08 -8.84
C LEU D 133 -35.03 -15.26 -9.19
N VAL D 134 -35.05 -14.56 -10.33
CA VAL D 134 -33.91 -13.75 -10.79
C VAL D 134 -34.15 -12.31 -10.34
N PHE D 135 -33.28 -11.80 -9.47
CA PHE D 135 -33.45 -10.45 -8.92
C PHE D 135 -32.33 -9.57 -9.42
N GLU D 136 -32.60 -8.26 -9.47
CA GLU D 136 -31.55 -7.28 -9.70
C GLU D 136 -30.48 -7.43 -8.61
N MET D 137 -29.24 -7.12 -8.98
CA MET D 137 -28.09 -7.20 -8.12
C MET D 137 -28.02 -5.93 -7.29
N LEU D 138 -28.13 -6.14 -5.98
CA LEU D 138 -27.91 -5.14 -4.95
C LEU D 138 -26.62 -5.49 -4.20
N SER D 139 -26.21 -4.64 -3.28
CA SER D 139 -25.02 -4.84 -2.44
C SER D 139 -25.36 -5.36 -0.97
N TYR D 140 -24.57 -4.93 0.02
CA TYR D 140 -24.63 -5.46 1.38
C TYR D 140 -25.90 -5.02 2.08
N ASN D 141 -26.31 -5.79 3.09
CA ASN D 141 -27.46 -5.46 3.96
C ASN D 141 -27.06 -4.60 5.16
N LEU D 142 -28.04 -4.00 5.81
CA LEU D 142 -27.77 -3.04 6.88
C LEU D 142 -27.08 -3.69 8.07
N TYR D 143 -27.23 -5.01 8.23
CA TYR D 143 -26.50 -5.72 9.27
C TYR D 143 -25.04 -5.74 8.92
N ASP D 144 -24.71 -6.15 7.70
CA ASP D 144 -23.31 -6.09 7.20
C ASP D 144 -22.69 -4.69 7.43
N LEU D 145 -23.46 -3.64 7.17
CA LEU D 145 -22.99 -2.28 7.42
C LEU D 145 -22.70 -2.00 8.91
N LEU D 146 -23.57 -2.43 9.82
CA LEU D 146 -23.30 -2.22 11.24
C LEU D 146 -22.04 -2.97 11.63
N ARG D 147 -21.90 -4.18 11.14
CA ARG D 147 -20.73 -4.97 11.49
C ARG D 147 -19.45 -4.27 11.06
N ASN D 148 -19.44 -3.77 9.82
CA ASN D 148 -18.28 -3.11 9.24
C ASN D 148 -17.75 -1.97 10.08
N THR D 149 -18.60 -1.33 10.88
CA THR D 149 -18.20 -0.26 11.80
C THR D 149 -17.94 -0.80 13.22
N ASN D 150 -17.66 -2.11 13.36
CA ASN D 150 -17.56 -2.77 14.69
C ASN D 150 -18.73 -2.41 15.63
N PHE D 151 -19.94 -2.33 15.09
CA PHE D 151 -21.16 -2.07 15.88
C PHE D 151 -21.12 -0.79 16.70
N ARG D 152 -20.44 0.25 16.20
CA ARG D 152 -20.50 1.53 16.87
C ARG D 152 -21.71 2.35 16.40
N GLY D 153 -22.33 1.91 15.31
CA GLY D 153 -23.55 2.54 14.84
C GLY D 153 -23.25 3.50 13.72
N VAL D 154 -24.26 3.80 12.89
CA VAL D 154 -24.13 4.84 11.85
C VAL D 154 -24.62 6.20 12.38
N SER D 155 -24.25 7.28 11.69
CA SER D 155 -24.61 8.62 12.14
C SER D 155 -26.12 8.84 12.07
N LEU D 156 -26.60 9.81 12.84
CA LEU D 156 -28.01 10.21 12.80
C LEU D 156 -28.44 10.69 11.40
N ASN D 157 -27.51 11.28 10.65
CA ASN D 157 -27.79 11.65 9.27
C ASN D 157 -28.08 10.44 8.39
N LEU D 158 -27.28 9.38 8.50
CA LEU D 158 -27.47 8.24 7.65
C LEU D 158 -28.69 7.47 8.13
N THR D 159 -28.87 7.43 9.44
CA THR D 159 -30.08 6.87 10.04
C THR D 159 -31.34 7.55 9.51
N ARG D 160 -31.33 8.88 9.43
CA ARG D 160 -32.45 9.67 8.90
C ARG D 160 -32.76 9.40 7.42
N LYS D 161 -31.73 9.31 6.58
CA LYS D 161 -31.92 8.88 5.20
C LYS D 161 -32.55 7.46 5.09
N PHE D 162 -32.07 6.51 5.89
CA PHE D 162 -32.67 5.19 5.94
C PHE D 162 -34.12 5.26 6.39
N ALA D 163 -34.35 5.96 7.48
CA ALA D 163 -35.71 6.05 8.04
C ALA D 163 -36.69 6.59 7.03
N GLN D 164 -36.25 7.59 6.29
CA GLN D 164 -37.12 8.22 5.29
C GLN D 164 -37.46 7.30 4.12
N GLN D 165 -36.47 6.59 3.60
CA GLN D 165 -36.72 5.67 2.52
C GLN D 165 -37.62 4.55 2.99
N MET D 166 -37.38 4.05 4.20
CA MET D 166 -38.20 2.99 4.75
C MET D 166 -39.63 3.41 4.98
N CYS D 167 -39.83 4.63 5.46
CA CYS D 167 -41.20 5.10 5.63
C CYS D 167 -41.96 5.19 4.32
N THR D 168 -41.25 5.58 3.26
CA THR D 168 -41.88 5.68 1.95
C THR D 168 -42.13 4.29 1.39
N ALA D 169 -41.23 3.36 1.65
CA ALA D 169 -41.48 1.93 1.30
C ALA D 169 -42.78 1.47 1.95
N LEU D 170 -42.88 1.74 3.25
CA LEU D 170 -44.07 1.37 4.02
C LEU D 170 -45.30 2.02 3.47
N LEU D 171 -45.20 3.30 3.12
CA LEU D 171 -46.34 4.00 2.52
C LEU D 171 -46.78 3.34 1.21
N PHE D 172 -45.83 2.84 0.44
CA PHE D 172 -46.15 2.14 -0.80
C PHE D 172 -46.97 0.91 -0.50
N LEU D 173 -46.45 0.08 0.39
CA LEU D 173 -47.11 -1.17 0.72
C LEU D 173 -48.54 -0.96 1.23
N ALA D 174 -48.75 0.13 1.97
CA ALA D 174 -50.06 0.48 2.53
C ALA D 174 -51.08 1.06 1.51
N THR D 175 -50.63 1.45 0.32
CA THR D 175 -51.56 1.83 -0.74
C THR D 175 -52.60 0.69 -0.87
N PRO D 176 -53.89 1.03 -0.98
CA PRO D 176 -54.96 0.02 -0.79
C PRO D 176 -54.98 -1.16 -1.76
N GLU D 177 -54.72 -0.92 -3.04
CA GLU D 177 -54.60 -2.00 -4.02
C GLU D 177 -53.56 -3.05 -3.63
N LEU D 178 -52.64 -2.72 -2.72
CA LEU D 178 -51.63 -3.65 -2.28
C LEU D 178 -51.87 -4.15 -0.84
N SER D 179 -51.77 -3.25 0.14
CA SER D 179 -51.99 -3.57 1.57
C SER D 179 -51.18 -4.81 1.99
N ILE D 180 -49.87 -4.70 1.74
CA ILE D 180 -48.93 -5.76 1.93
C ILE D 180 -48.26 -5.54 3.28
N ILE D 181 -48.19 -6.64 4.03
CA ILE D 181 -47.49 -6.71 5.29
C ILE D 181 -46.24 -7.52 5.00
N HIS D 182 -45.08 -6.90 5.15
CA HIS D 182 -43.82 -7.64 4.91
C HIS D 182 -43.71 -8.87 5.85
N CYS D 183 -43.85 -8.59 7.14
CA CYS D 183 -43.81 -9.60 8.20
C CYS D 183 -42.44 -10.05 8.64
N ASP D 184 -41.38 -9.54 8.03
CA ASP D 184 -40.07 -9.95 8.49
C ASP D 184 -39.01 -8.87 8.29
N LEU D 185 -39.38 -7.61 8.54
CA LEU D 185 -38.43 -6.54 8.39
C LEU D 185 -37.38 -6.66 9.46
N LYS D 186 -36.13 -6.61 9.03
CA LYS D 186 -35.00 -6.61 9.93
C LYS D 186 -33.80 -6.12 9.12
N PRO D 187 -32.70 -5.79 9.78
CA PRO D 187 -31.57 -5.24 9.04
C PRO D 187 -31.07 -6.13 7.89
N GLU D 188 -31.14 -7.45 8.06
CA GLU D 188 -30.69 -8.34 6.98
C GLU D 188 -31.56 -8.22 5.74
N ASN D 189 -32.77 -7.70 5.87
CA ASN D 189 -33.71 -7.67 4.74
C ASN D 189 -33.85 -6.28 4.08
N ILE D 190 -32.97 -5.35 4.47
CA ILE D 190 -32.83 -4.06 3.82
C ILE D 190 -31.40 -4.02 3.22
N LEU D 191 -31.30 -3.88 1.91
CA LEU D 191 -30.01 -3.93 1.21
C LEU D 191 -29.65 -2.57 0.61
N LEU D 192 -28.36 -2.21 0.69
CA LEU D 192 -27.88 -1.05 -0.02
C LEU D 192 -27.91 -1.40 -1.49
N CYS D 193 -28.21 -0.43 -2.38
CA CYS D 193 -28.11 -0.62 -3.83
C CYS D 193 -26.71 -0.60 -4.28
N ASN D 194 -25.91 0.22 -3.62
CA ASN D 194 -24.53 0.42 -4.00
C ASN D 194 -23.74 0.58 -2.69
N PRO D 195 -22.58 -0.08 -2.58
CA PRO D 195 -21.86 -0.12 -1.31
C PRO D 195 -21.37 1.22 -0.80
N LYS D 196 -21.38 2.25 -1.64
CA LYS D 196 -20.86 3.56 -1.27
C LYS D 196 -21.93 4.66 -1.41
N ARG D 197 -23.20 4.29 -1.38
CA ARG D 197 -24.31 5.23 -1.44
C ARG D 197 -25.36 4.81 -0.41
N SER D 198 -26.36 5.66 -0.20
CA SER D 198 -27.36 5.47 0.85
C SER D 198 -28.74 4.99 0.35
N ALA D 199 -28.91 4.84 -0.97
CA ALA D 199 -30.12 4.22 -1.50
C ALA D 199 -30.28 2.79 -0.96
N ILE D 200 -31.49 2.46 -0.50
CA ILE D 200 -31.76 1.10 -0.05
C ILE D 200 -32.96 0.50 -0.76
N LYS D 201 -33.07 -0.83 -0.63
CA LYS D 201 -34.24 -1.58 -1.07
C LYS D 201 -34.55 -2.70 -0.10
N ILE D 202 -35.82 -3.05 -0.01
CA ILE D 202 -36.29 -4.10 0.85
C ILE D 202 -36.34 -5.42 0.06
N VAL D 203 -35.86 -6.50 0.66
CA VAL D 203 -35.99 -7.84 0.05
C VAL D 203 -36.78 -8.83 0.88
N ASP D 204 -37.01 -9.98 0.30
CA ASP D 204 -37.53 -11.17 1.00
C ASP D 204 -38.95 -10.99 1.52
N PHE D 205 -39.88 -11.15 0.59
CA PHE D 205 -41.28 -11.13 0.87
C PHE D 205 -41.79 -12.57 1.00
N GLY D 206 -40.89 -13.49 1.35
CA GLY D 206 -41.25 -14.89 1.45
C GLY D 206 -42.28 -15.22 2.52
N SER D 207 -42.42 -14.36 3.51
CA SER D 207 -43.39 -14.59 4.59
C SER D 207 -44.50 -13.52 4.57
N SER D 208 -44.64 -12.80 3.46
CA SER D 208 -45.53 -11.66 3.42
C SER D 208 -46.94 -12.05 3.08
N CYS D 209 -47.87 -11.16 3.41
CA CYS D 209 -49.27 -11.40 3.08
C CYS D 209 -49.99 -10.09 2.87
N GLN D 210 -51.11 -10.17 2.17
CA GLN D 210 -52.02 -9.05 2.04
C GLN D 210 -52.95 -9.06 3.25
N LEU D 211 -53.40 -7.86 3.61
CA LEU D 211 -54.36 -7.65 4.69
C LEU D 211 -55.66 -8.38 4.35
N GLY D 212 -56.10 -9.25 5.25
CA GLY D 212 -57.26 -10.13 4.99
C GLY D 212 -56.89 -11.34 4.15
N GLN D 213 -55.63 -11.78 4.26
CA GLN D 213 -55.19 -13.07 3.71
C GLN D 213 -54.07 -13.61 4.61
N ARG D 214 -54.26 -13.45 5.92
CA ARG D 214 -53.21 -13.79 6.89
C ARG D 214 -53.34 -15.28 7.24
N ILE D 215 -52.20 -15.96 7.32
CA ILE D 215 -52.15 -17.44 7.42
C ILE D 215 -51.26 -18.02 8.56
N TYR D 216 -50.40 -17.22 9.18
CA TYR D 216 -49.57 -17.68 10.29
C TYR D 216 -49.74 -16.76 11.52
N GLN D 217 -49.63 -17.32 12.73
CA GLN D 217 -49.72 -16.54 13.96
C GLN D 217 -48.32 -16.19 14.48
N PTR D 218 -47.36 -17.11 14.34
CA PTR D 218 -45.96 -16.92 14.76
C PTR D 218 -45.08 -16.36 13.62
O PTR D 218 -44.43 -17.12 12.89
CB PTR D 218 -45.46 -18.29 15.26
CG PTR D 218 -44.03 -18.39 15.77
CD1 PTR D 218 -43.03 -19.00 14.98
CD2 PTR D 218 -43.67 -17.94 17.05
CE1 PTR D 218 -41.72 -19.13 15.44
CE2 PTR D 218 -42.37 -18.08 17.53
CZ PTR D 218 -41.38 -18.66 16.72
OH PTR D 218 -40.20 -18.84 17.10
P PTR D 218 -39.06 -17.88 17.76
O1P PTR D 218 -37.94 -18.83 18.20
O2P PTR D 218 -38.57 -16.99 16.68
O3P PTR D 218 -39.51 -17.03 19.00
N ILE D 219 -45.07 -15.03 13.50
CA ILE D 219 -44.39 -14.34 12.41
C ILE D 219 -43.48 -13.25 13.00
N GLN D 220 -42.65 -12.68 12.13
CA GLN D 220 -41.61 -11.72 12.46
C GLN D 220 -40.43 -12.39 13.16
N SER D 221 -39.25 -11.81 13.02
CA SER D 221 -38.08 -12.26 13.75
C SER D 221 -38.15 -11.67 15.13
N ARG D 222 -37.72 -12.43 16.13
CA ARG D 222 -38.05 -12.15 17.53
C ARG D 222 -37.72 -10.73 17.97
N PHE D 223 -36.50 -10.28 17.67
CA PHE D 223 -36.04 -8.95 18.11
C PHE D 223 -36.93 -7.84 17.56
N TYR D 224 -37.55 -8.08 16.41
CA TYR D 224 -38.34 -7.06 15.67
C TYR D 224 -39.81 -7.39 15.71
N ARG D 225 -40.18 -8.29 16.62
CA ARG D 225 -41.54 -8.80 16.68
C ARG D 225 -42.39 -7.87 17.51
N SER D 226 -43.64 -7.69 17.09
CA SER D 226 -44.55 -6.71 17.70
C SER D 226 -45.34 -7.24 18.89
N PRO D 227 -45.71 -6.36 19.83
CA PRO D 227 -46.51 -6.81 20.96
C PRO D 227 -47.72 -7.63 20.54
N GLU D 228 -48.42 -7.19 19.50
CA GLU D 228 -49.64 -7.89 19.12
C GLU D 228 -49.36 -9.31 18.64
N VAL D 229 -48.22 -9.54 18.00
CA VAL D 229 -47.93 -10.89 17.55
C VAL D 229 -47.49 -11.74 18.75
N LEU D 230 -46.64 -11.17 19.63
CA LEU D 230 -46.22 -11.88 20.86
C LEU D 230 -47.44 -12.27 21.68
N LEU D 231 -48.45 -11.38 21.69
CA LEU D 231 -49.70 -11.57 22.45
C LEU D 231 -50.71 -12.47 21.77
N GLY D 232 -50.46 -12.84 20.51
CA GLY D 232 -51.35 -13.74 19.75
C GLY D 232 -52.64 -13.13 19.21
N MET D 233 -52.64 -11.82 18.97
CA MET D 233 -53.82 -11.03 18.55
C MET D 233 -53.79 -10.69 17.08
N PRO D 234 -54.97 -10.44 16.47
CA PRO D 234 -55.00 -10.04 15.06
C PRO D 234 -54.01 -8.90 14.76
N TYR D 235 -53.34 -8.95 13.60
CA TYR D 235 -52.33 -7.94 13.25
C TYR D 235 -52.65 -7.28 11.93
N ASP D 236 -52.08 -6.09 11.75
CA ASP D 236 -52.13 -5.39 10.45
C ASP D 236 -50.74 -4.83 10.05
N LEU D 237 -50.73 -3.97 9.03
CA LEU D 237 -49.49 -3.38 8.53
C LEU D 237 -48.73 -2.65 9.63
N ALA D 238 -49.42 -2.25 10.70
CA ALA D 238 -48.74 -1.55 11.79
C ALA D 238 -47.55 -2.35 12.35
N ILE D 239 -47.52 -3.67 12.13
CA ILE D 239 -46.45 -4.50 12.67
C ILE D 239 -45.10 -4.20 12.03
N ASP D 240 -45.15 -3.73 10.79
CA ASP D 240 -43.95 -3.36 10.07
C ASP D 240 -43.39 -2.03 10.60
N MET D 241 -44.27 -1.15 11.08
CA MET D 241 -43.78 0.10 11.64
C MET D 241 -43.15 -0.16 13.02
N TRP D 242 -43.64 -1.15 13.75
CA TRP D 242 -42.98 -1.54 15.01
C TRP D 242 -41.56 -2.02 14.71
N SER D 243 -41.39 -2.81 13.67
CA SER D 243 -40.07 -3.33 13.33
C SER D 243 -39.12 -2.20 12.93
N LEU D 244 -39.61 -1.27 12.12
CA LEU D 244 -38.81 -0.13 11.67
C LEU D 244 -38.30 0.66 12.85
N GLY D 245 -39.19 0.96 13.80
CA GLY D 245 -38.76 1.60 15.02
C GLY D 245 -37.58 0.89 15.67
N CYS D 246 -37.66 -0.44 15.76
CA CYS D 246 -36.56 -1.25 16.32
C CYS D 246 -35.29 -1.18 15.48
N ILE D 247 -35.47 -1.31 14.17
CA ILE D 247 -34.36 -1.28 13.25
C ILE D 247 -33.58 0.05 13.37
N LEU D 248 -34.29 1.17 13.46
CA LEU D 248 -33.62 2.48 13.42
C LEU D 248 -32.75 2.71 14.64
N VAL D 249 -33.22 2.30 15.82
CA VAL D 249 -32.41 2.45 17.03
C VAL D 249 -31.15 1.59 16.94
N GLU D 250 -31.34 0.37 16.44
CA GLU D 250 -30.24 -0.54 16.25
C GLU D 250 -29.24 0.02 15.23
N MET D 251 -29.75 0.60 14.14
CA MET D 251 -28.88 1.28 13.17
C MET D 251 -28.01 2.35 13.80
N HIS D 252 -28.56 3.13 14.73
CA HIS D 252 -27.78 4.23 15.29
C HIS D 252 -26.87 3.83 16.47
N THR D 253 -27.36 2.90 17.30
CA THR D 253 -26.64 2.49 18.52
C THR D 253 -25.73 1.32 18.27
N GLY D 254 -25.98 0.57 17.20
CA GLY D 254 -25.18 -0.59 16.86
C GLY D 254 -25.66 -1.90 17.49
N GLU D 255 -26.70 -1.85 18.31
CA GLU D 255 -27.17 -3.03 19.06
C GLU D 255 -28.67 -3.15 19.03
N PRO D 256 -29.20 -4.38 19.06
CA PRO D 256 -30.68 -4.45 19.01
C PRO D 256 -31.32 -3.80 20.22
N LEU D 257 -32.46 -3.15 20.01
CA LEU D 257 -33.16 -2.51 21.11
C LEU D 257 -33.64 -3.52 22.13
N PHE D 258 -34.26 -4.57 21.62
CA PHE D 258 -34.91 -5.60 22.39
C PHE D 258 -34.39 -6.98 21.95
N SER D 259 -33.38 -7.51 22.65
CA SER D 259 -32.69 -8.75 22.23
C SER D 259 -33.10 -9.99 22.98
N GLY D 260 -34.36 -10.37 22.88
CA GLY D 260 -34.87 -11.48 23.73
C GLY D 260 -34.43 -12.82 23.22
N ALA D 261 -34.16 -13.77 24.11
CA ALA D 261 -33.78 -15.13 23.72
C ALA D 261 -34.99 -16.00 23.49
N ASN D 262 -36.17 -15.51 23.84
CA ASN D 262 -37.40 -16.28 23.66
C ASN D 262 -38.55 -15.34 23.91
N GLU D 263 -39.77 -15.77 23.65
CA GLU D 263 -40.90 -14.83 23.74
C GLU D 263 -41.02 -14.16 25.12
N VAL D 264 -40.92 -14.94 26.18
CA VAL D 264 -40.98 -14.34 27.52
C VAL D 264 -39.87 -13.29 27.72
N ASP D 265 -38.61 -13.60 27.33
CA ASP D 265 -37.52 -12.63 27.47
C ASP D 265 -37.77 -11.40 26.57
N GLN D 266 -38.29 -11.62 25.37
CA GLN D 266 -38.56 -10.51 24.45
C GLN D 266 -39.53 -9.50 25.06
N MET D 267 -40.70 -10.00 25.50
CA MET D 267 -41.72 -9.15 26.12
C MET D 267 -41.22 -8.41 27.33
N ASN D 268 -40.49 -9.10 28.22
CA ASN D 268 -39.89 -8.42 29.35
C ASN D 268 -38.95 -7.29 28.92
N LYS D 269 -38.17 -7.52 27.87
CA LYS D 269 -37.24 -6.45 27.42
C LYS D 269 -37.97 -5.23 26.87
N ILE D 270 -39.15 -5.45 26.27
CA ILE D 270 -40.01 -4.36 25.83
C ILE D 270 -40.58 -3.61 27.01
N VAL D 271 -41.07 -4.34 28.00
CA VAL D 271 -41.58 -3.72 29.21
C VAL D 271 -40.54 -2.90 29.99
N GLU D 272 -39.27 -3.31 30.02
CA GLU D 272 -38.20 -2.49 30.66
C GLU D 272 -38.22 -1.05 30.13
N VAL D 273 -38.42 -0.91 28.82
CA VAL D 273 -38.35 0.37 28.16
C VAL D 273 -39.70 1.07 28.13
N LEU D 274 -40.77 0.35 27.80
CA LEU D 274 -42.05 1.01 27.54
C LEU D 274 -43.04 0.86 28.70
N GLY D 275 -42.74 0.02 29.69
CA GLY D 275 -43.66 -0.23 30.80
C GLY D 275 -44.69 -1.29 30.49
N ILE D 276 -45.71 -1.40 31.33
CA ILE D 276 -46.76 -2.42 31.15
C ILE D 276 -47.68 -1.94 30.03
N PRO D 277 -48.10 -2.85 29.12
CA PRO D 277 -48.99 -2.41 28.04
C PRO D 277 -50.37 -2.06 28.61
N PRO D 278 -51.09 -1.13 27.95
CA PRO D 278 -52.45 -0.74 28.38
C PRO D 278 -53.42 -1.91 28.59
N ALA D 279 -54.32 -1.73 29.56
CA ALA D 279 -55.31 -2.73 29.96
C ALA D 279 -56.25 -3.15 28.81
N HIS D 280 -56.75 -2.18 28.05
CA HIS D 280 -57.65 -2.49 26.94
C HIS D 280 -57.03 -3.51 25.98
N ILE D 281 -55.70 -3.43 25.79
CA ILE D 281 -54.99 -4.39 24.94
C ILE D 281 -54.92 -5.74 25.61
N LEU D 282 -54.44 -5.73 26.85
CA LEU D 282 -54.18 -6.97 27.59
C LEU D 282 -55.44 -7.73 27.92
N ASP D 283 -56.57 -7.02 28.01
CA ASP D 283 -57.89 -7.65 28.20
C ASP D 283 -58.36 -8.49 27.00
N GLN D 284 -57.78 -8.20 25.83
CA GLN D 284 -58.12 -8.85 24.56
C GLN D 284 -57.05 -9.81 24.04
N ALA D 285 -55.91 -9.90 24.73
CA ALA D 285 -54.79 -10.69 24.29
C ALA D 285 -54.99 -12.14 24.71
N PRO D 286 -55.06 -13.08 23.74
CA PRO D 286 -55.16 -14.49 24.11
C PRO D 286 -53.95 -15.04 24.89
N LYS D 287 -52.76 -14.50 24.65
CA LYS D 287 -51.55 -14.97 25.33
C LYS D 287 -51.11 -13.99 26.43
N ALA D 288 -52.05 -13.20 26.95
CA ALA D 288 -51.75 -12.27 28.04
C ALA D 288 -51.13 -12.99 29.21
N ARG D 289 -51.64 -14.18 29.52
CA ARG D 289 -51.24 -14.90 30.73
C ARG D 289 -49.90 -15.62 30.54
N LYS D 290 -49.35 -15.60 29.34
CA LYS D 290 -47.99 -16.11 29.10
C LYS D 290 -46.94 -15.19 29.72
N PHE D 291 -47.29 -13.91 29.90
CA PHE D 291 -46.33 -12.89 30.39
C PHE D 291 -46.79 -12.10 31.61
N PHE D 292 -48.11 -11.91 31.76
CA PHE D 292 -48.72 -11.06 32.80
C PHE D 292 -49.75 -11.80 33.65
N GLU D 293 -50.05 -11.23 34.81
CA GLU D 293 -51.17 -11.68 35.66
C GLU D 293 -52.05 -10.46 35.92
N LYS D 294 -53.36 -10.68 35.97
CA LYS D 294 -54.35 -9.62 36.17
C LYS D 294 -54.68 -9.57 37.66
N LEU D 295 -54.50 -8.42 38.30
CA LEU D 295 -54.79 -8.31 39.74
C LEU D 295 -56.30 -8.27 40.02
N PRO D 296 -56.70 -8.50 41.28
CA PRO D 296 -58.12 -8.40 41.61
C PRO D 296 -58.80 -7.09 41.15
N ASP D 297 -58.11 -5.95 41.28
CA ASP D 297 -58.70 -4.64 41.00
C ASP D 297 -58.81 -4.26 39.50
N GLY D 298 -58.38 -5.13 38.59
CA GLY D 298 -58.52 -4.88 37.14
C GLY D 298 -57.24 -4.46 36.42
N THR D 299 -56.16 -4.26 37.20
CA THR D 299 -54.85 -3.85 36.67
C THR D 299 -53.94 -5.05 36.44
N TRP D 300 -53.03 -4.91 35.47
CA TRP D 300 -52.14 -5.99 35.07
C TRP D 300 -50.72 -5.72 35.55
N ASN D 301 -49.98 -6.79 35.82
CA ASN D 301 -48.56 -6.75 36.23
C ASN D 301 -47.80 -7.86 35.51
N LEU D 302 -46.47 -7.79 35.56
CA LEU D 302 -45.66 -8.92 35.10
C LEU D 302 -45.97 -10.11 36.01
N LYS D 303 -45.88 -11.33 35.47
CA LYS D 303 -46.06 -12.52 36.30
C LYS D 303 -45.07 -12.50 37.46
N LYS D 304 -45.42 -13.13 38.59
CA LYS D 304 -44.49 -13.31 39.72
C LYS D 304 -43.27 -14.19 39.30
N THR D 305 -42.05 -13.83 39.80
CA THR D 305 -40.78 -14.55 39.49
C THR D 305 -39.80 -14.65 40.69
N LYS D 309 -35.72 -13.86 42.24
CA LYS D 309 -34.50 -13.56 41.52
C LYS D 309 -34.67 -12.39 40.52
N ARG D 310 -33.95 -11.30 40.78
CA ARG D 310 -33.94 -10.07 39.97
C ARG D 310 -33.26 -10.27 38.63
N GLU D 311 -33.94 -9.95 37.54
CA GLU D 311 -33.35 -10.05 36.20
C GLU D 311 -33.52 -8.83 35.30
N TYR D 312 -34.64 -8.15 35.42
CA TYR D 312 -34.98 -7.03 34.55
C TYR D 312 -35.04 -5.77 35.39
N LYS D 313 -34.75 -4.64 34.78
CA LYS D 313 -35.05 -3.34 35.34
C LYS D 313 -36.57 -3.14 35.43
N PRO D 314 -37.02 -2.32 36.39
CA PRO D 314 -38.47 -2.14 36.61
C PRO D 314 -39.21 -1.60 35.38
N PRO D 315 -40.53 -1.87 35.29
CA PRO D 315 -41.31 -1.40 34.11
C PRO D 315 -41.12 0.09 33.76
N GLY D 316 -40.75 0.36 32.51
CA GLY D 316 -40.49 1.71 32.05
C GLY D 316 -39.25 2.44 32.60
N THR D 317 -38.41 1.81 33.41
CA THR D 317 -37.23 2.54 33.91
C THR D 317 -36.04 2.53 32.97
N ARG D 318 -36.08 1.73 31.91
CA ARG D 318 -34.98 1.75 30.93
C ARG D 318 -35.35 2.68 29.77
N LYS D 319 -34.95 3.94 29.88
CA LYS D 319 -35.45 5.00 28.99
C LYS D 319 -34.71 5.13 27.66
N LEU D 320 -35.48 5.32 26.59
CA LEU D 320 -34.87 5.57 25.29
C LEU D 320 -34.03 6.88 25.32
N HIS D 321 -34.46 7.82 26.14
CA HIS D 321 -33.70 9.04 26.37
C HIS D 321 -32.23 8.75 26.72
N ASN D 322 -31.98 7.69 27.48
CA ASN D 322 -30.61 7.32 27.85
C ASN D 322 -29.93 6.36 26.89
N ILE D 323 -30.71 5.44 26.29
CA ILE D 323 -30.16 4.49 25.33
C ILE D 323 -29.62 5.25 24.14
N LEU D 324 -30.25 6.37 23.82
CA LEU D 324 -29.79 7.22 22.73
C LEU D 324 -28.68 8.21 23.18
N GLY D 325 -28.54 8.41 24.49
CA GLY D 325 -27.61 9.42 25.01
C GLY D 325 -27.91 10.81 24.44
N VAL D 326 -29.18 11.20 24.52
CA VAL D 326 -29.66 12.49 24.00
C VAL D 326 -28.81 13.62 24.53
N GLU D 327 -28.64 13.63 25.85
CA GLU D 327 -27.95 14.72 26.53
C GLU D 327 -26.50 14.39 26.84
N THR D 328 -25.98 13.28 26.31
CA THR D 328 -24.67 12.80 26.75
C THR D 328 -23.71 12.47 25.61
N GLY D 329 -23.98 12.99 24.41
CA GLY D 329 -23.11 12.77 23.26
C GLY D 329 -23.43 11.50 22.48
N GLY D 330 -24.70 11.15 22.46
CA GLY D 330 -25.16 10.01 21.68
C GLY D 330 -24.86 8.67 22.33
N PRO D 331 -25.07 7.59 21.58
CA PRO D 331 -24.82 6.24 22.08
C PRO D 331 -23.37 6.07 22.48
N GLY D 332 -23.15 5.53 23.68
CA GLY D 332 -21.80 5.29 24.19
C GLY D 332 -20.91 6.53 24.38
N GLY D 333 -21.49 7.72 24.18
CA GLY D 333 -20.73 8.98 24.17
C GLY D 333 -19.86 9.12 22.94
N ARG D 334 -20.13 8.25 21.96
CA ARG D 334 -19.27 8.13 20.77
C ARG D 334 -19.51 9.24 19.75
N ARG D 335 -20.45 10.14 20.02
CA ARG D 335 -20.76 11.24 19.10
C ARG D 335 -20.54 12.58 19.76
N ALA D 336 -19.73 12.62 20.81
CA ALA D 336 -19.46 13.87 21.53
C ALA D 336 -18.74 14.87 20.62
N GLY D 337 -19.06 16.15 20.78
CA GLY D 337 -18.45 17.23 20.00
C GLY D 337 -18.69 17.23 18.51
N GLU D 338 -19.42 16.23 18.01
CA GLU D 338 -19.47 15.98 16.57
C GLU D 338 -20.75 16.56 15.94
N SER D 339 -20.57 17.14 14.76
CA SER D 339 -21.63 17.87 14.06
C SER D 339 -22.85 17.01 13.72
N GLY D 340 -24.00 17.64 13.50
CA GLY D 340 -25.25 16.95 13.13
C GLY D 340 -25.85 16.03 14.21
N HIS D 341 -25.44 16.21 15.48
CA HIS D 341 -25.90 15.35 16.57
C HIS D 341 -26.24 16.20 17.84
N THR D 342 -27.11 17.20 17.66
CA THR D 342 -27.50 18.09 18.77
C THR D 342 -28.61 17.47 19.62
N VAL D 343 -28.79 18.03 20.81
CA VAL D 343 -29.83 17.58 21.73
C VAL D 343 -31.23 17.72 21.09
N ALA D 344 -31.39 18.76 20.27
CA ALA D 344 -32.63 18.98 19.50
C ALA D 344 -32.83 17.92 18.40
N ASP D 345 -31.74 17.58 17.70
CA ASP D 345 -31.80 16.50 16.70
C ASP D 345 -32.27 15.23 17.40
N TYR D 346 -31.56 14.87 18.46
CA TYR D 346 -31.87 13.66 19.22
C TYR D 346 -33.27 13.68 19.82
N LEU D 347 -33.69 14.82 20.35
CA LEU D 347 -35.06 14.92 20.88
C LEU D 347 -36.07 14.60 19.79
N LYS D 348 -35.87 15.18 18.61
CA LYS D 348 -36.75 14.95 17.47
C LYS D 348 -36.81 13.45 17.14
N PHE D 349 -35.65 12.81 17.10
CA PHE D 349 -35.56 11.37 16.79
C PHE D 349 -36.27 10.49 17.85
N LYS D 350 -36.02 10.78 19.13
CA LYS D 350 -36.68 10.06 20.24
C LYS D 350 -38.19 10.07 20.07
N ASP D 351 -38.77 11.22 19.72
CA ASP D 351 -40.22 11.34 19.58
C ASP D 351 -40.73 10.45 18.46
N LEU D 352 -40.06 10.49 17.31
CA LEU D 352 -40.49 9.64 16.19
C LEU D 352 -40.43 8.16 16.58
N ILE D 353 -39.32 7.74 17.18
CA ILE D 353 -39.19 6.33 17.55
C ILE D 353 -40.29 5.95 18.49
N LEU D 354 -40.51 6.73 19.55
CA LEU D 354 -41.56 6.43 20.53
C LEU D 354 -42.93 6.36 19.84
N ARG D 355 -43.16 7.20 18.83
CA ARG D 355 -44.42 7.15 18.09
CA ARG D 355 -44.42 7.16 18.09
C ARG D 355 -44.55 5.84 17.31
N MET D 356 -43.42 5.31 16.84
CA MET D 356 -43.39 4.01 16.16
C MET D 356 -43.53 2.82 17.12
N LEU D 357 -43.13 3.01 18.37
CA LEU D 357 -43.14 1.92 19.36
C LEU D 357 -44.40 1.93 20.26
N ASP D 358 -45.44 2.63 19.81
CA ASP D 358 -46.74 2.67 20.46
C ASP D 358 -47.31 1.26 20.57
N TYR D 359 -47.72 0.87 21.77
CA TYR D 359 -48.30 -0.46 22.01
C TYR D 359 -49.61 -0.67 21.24
N ASP D 360 -50.37 0.40 21.04
CA ASP D 360 -51.72 0.30 20.44
C ASP D 360 -51.50 0.43 18.96
N PRO D 361 -51.82 -0.64 18.20
CA PRO D 361 -51.58 -0.60 16.74
C PRO D 361 -52.45 0.47 16.05
N LYS D 362 -53.61 0.72 16.61
CA LYS D 362 -54.52 1.75 16.08
C LYS D 362 -53.89 3.15 16.11
N THR D 363 -53.17 3.48 17.19
CA THR D 363 -52.57 4.83 17.36
C THR D 363 -51.09 4.84 17.03
N ARG D 364 -50.50 3.69 16.76
CA ARG D 364 -49.11 3.66 16.29
C ARG D 364 -48.98 4.51 15.02
N ILE D 365 -47.91 5.29 14.95
CA ILE D 365 -47.78 6.27 13.87
C ILE D 365 -47.78 5.56 12.52
N GLN D 366 -48.44 6.15 11.53
CA GLN D 366 -48.56 5.55 10.20
C GLN D 366 -47.63 6.22 9.20
N PRO D 367 -47.27 5.52 8.12
CA PRO D 367 -46.17 5.98 7.25
C PRO D 367 -46.34 7.44 6.75
N TYR D 368 -47.55 7.82 6.36
CA TYR D 368 -47.72 9.19 5.89
C TYR D 368 -47.33 10.23 6.95
N TYR D 369 -47.87 10.10 8.16
CA TYR D 369 -47.63 11.09 9.22
C TYR D 369 -46.22 10.98 9.74
N ALA D 370 -45.63 9.79 9.64
CA ALA D 370 -44.22 9.62 9.99
C ALA D 370 -43.36 10.47 9.07
N LEU D 371 -43.65 10.43 7.77
CA LEU D 371 -42.91 11.25 6.78
C LEU D 371 -43.00 12.77 7.01
N GLN D 372 -44.08 13.25 7.64
CA GLN D 372 -44.27 14.68 7.92
C GLN D 372 -43.75 15.10 9.32
N HIS D 373 -43.10 14.18 10.03
CA HIS D 373 -42.58 14.45 11.36
C HIS D 373 -41.42 15.42 11.30
N SER D 374 -41.18 16.14 12.39
CA SER D 374 -40.11 17.14 12.44
C SER D 374 -38.67 16.57 12.32
N PHE D 375 -38.51 15.27 12.53
CA PHE D 375 -37.19 14.63 12.35
C PHE D 375 -36.69 14.79 10.92
N PHE D 376 -37.61 14.95 9.98
CA PHE D 376 -37.25 15.03 8.56
C PHE D 376 -37.18 16.45 7.95
N LYS D 377 -37.63 17.47 8.69
CA LYS D 377 -37.88 18.82 8.13
C LYS D 377 -36.79 19.36 7.19
CAO D15 E . 37.85 23.90 -6.50
CAY D15 E . 38.84 24.87 -6.68
CL1 D15 E . 38.81 26.45 -5.97
CAI D15 E . 39.95 24.66 -7.46
CAH D15 E . 40.13 23.47 -8.12
CAL D15 E . 39.16 22.51 -7.94
CBB D15 E . 38.06 22.70 -7.15
CBF D15 E . 37.14 21.50 -7.09
CAR D15 E . 35.69 21.92 -7.18
CAQ D15 E . 35.61 22.19 -8.67
NAA D15 E . 34.34 22.76 -9.06
CAX D15 E . 37.61 20.49 -6.03
OAC D15 E . 38.21 19.48 -6.45
NAT D15 E . 37.50 20.76 -4.72
CAZ D15 E . 38.04 19.86 -3.83
CAP D15 E . 39.05 18.89 -4.11
CBE D15 E . 39.57 18.00 -3.11
CAM D15 E . 37.57 19.95 -2.54
CAN D15 E . 38.08 19.09 -1.58
CBD D15 E . 39.05 18.13 -1.83
NAV D15 E . 39.64 17.23 -1.02
NAS D15 E . 40.47 16.57 -1.67
CBC D15 E . 40.52 16.97 -2.93
NAU D15 E . 41.31 16.32 -3.78
CAW D15 E . 41.77 16.86 -4.91
OAB D15 E . 41.63 18.03 -5.19
CBA D15 E . 42.55 15.93 -5.90
CAJ D15 E . 43.17 16.48 -7.03
CAF D15 E . 43.86 15.68 -7.95
CAE D15 E . 43.97 14.30 -7.76
CAG D15 E . 43.36 13.78 -6.62
CAK D15 E . 42.65 14.58 -5.72
CL CL F . 35.44 22.69 -3.09
O1 P6G G . 49.18 15.31 -5.38
C2 P6G G . 48.22 14.92 -6.38
C3 P6G G . 46.96 14.30 -5.74
O4 P6G G . 47.26 13.80 -4.43
C5 P6G G . 46.57 12.59 -4.06
C6 P6G G . 46.43 12.52 -2.54
O7 P6G G . 47.66 12.14 -1.92
C8 P6G G . 47.52 11.73 -0.55
C9 P6G G . 48.87 11.39 0.08
O10 P6G G . 49.97 12.03 -0.57
C11 P6G G . 51.24 11.46 -0.21
C12 P6G G . 52.42 12.19 -0.88
O13 P6G G . 51.99 13.32 -1.66
C14 P6G G . 53.11 14.01 -2.23
C15 P6G G . 52.95 14.15 -3.74
O16 P6G G . 51.64 14.65 -4.07
O1 P6G H . 31.46 32.11 8.57
C2 P6G H . 32.06 33.29 8.03
C3 P6G H . 33.43 32.85 7.56
O4 P6G H . 34.20 34.04 7.51
C5 P6G H . 35.59 33.80 7.32
C6 P6G H . 36.29 35.15 7.05
O7 P6G H . 35.35 36.16 6.66
C8 P6G H . 35.96 37.47 6.69
C9 P6G H . 35.02 38.55 6.17
O10 P6G H . 33.81 38.55 6.93
C11 P6G H . 33.03 39.72 6.65
C12 P6G H . 31.51 39.65 6.90
O13 P6G H . 31.05 38.66 7.82
O1 P6G I . 31.47 35.97 -8.37
C2 P6G I . 30.99 35.60 -7.08
C3 P6G I . 30.61 34.12 -7.04
O4 P6G I . 29.29 33.96 -7.57
C5 P6G I . 28.68 32.68 -7.31
C6 P6G I . 28.29 32.03 -8.61
O7 P6G I . 27.03 32.54 -9.02
S SO4 J . 34.49 25.46 -11.30
O1 SO4 J . 35.92 25.23 -10.99
O2 SO4 J . 34.29 26.61 -12.16
O3 SO4 J . 34.05 24.29 -12.03
O4 SO4 J . 33.65 25.66 -10.09
CAO D15 K . -25.96 -2.85 -27.90
CAY D15 K . -27.36 -2.95 -27.59
CL1 D15 K . -28.56 -1.78 -27.97
CAI D15 K . -27.91 -4.02 -26.93
CAH D15 K . -27.11 -5.05 -26.54
CAL D15 K . -25.77 -4.99 -26.81
CBB D15 K . -25.19 -3.94 -27.49
CBF D15 K . -23.68 -4.12 -27.66
CAR D15 K . -22.93 -2.88 -27.28
CAQ D15 K . -22.79 -3.00 -25.75
NAA D15 K . -22.63 -1.67 -25.15
CAX D15 K . -23.29 -4.96 -28.89
OAC D15 K . -23.02 -6.14 -28.67
NAT D15 K . -23.40 -4.49 -30.15
CAZ D15 K . -23.15 -5.36 -31.19
CAP D15 K . -23.05 -6.77 -31.08
CBE D15 K . -22.82 -7.60 -32.20
CAM D15 K . -23.01 -4.82 -32.44
CAN D15 K . -22.76 -5.63 -33.56
CBD D15 K . -22.68 -7.01 -33.46
NAV D15 K . -22.45 -7.95 -34.36
NAS D15 K . -22.44 -9.08 -33.83
CBC D15 K . -22.68 -8.97 -32.53
NAU D15 K . -22.66 -10.06 -31.78
CAW D15 K . -23.37 -10.22 -30.68
OAB D15 K . -24.20 -9.42 -30.28
CBA D15 K . -23.11 -11.49 -29.93
CAJ D15 K . -23.91 -11.85 -28.85
CAF D15 K . -23.67 -13.04 -28.17
CAE D15 K . -22.60 -13.87 -28.54
CAG D15 K . -21.78 -13.50 -29.59
CAK D15 K . -22.03 -12.30 -30.28
CL CL L . -23.70 -1.45 -31.03
O1 P6G M . -25.44 -16.04 -30.69
C2 P6G M . -24.18 -16.43 -31.25
C3 P6G M . -23.59 -15.33 -32.13
O4 P6G M . -23.82 -15.64 -33.51
C5 P6G M . -22.70 -16.19 -34.24
C6 P6G M . -23.09 -16.45 -35.71
O7 P6G M . -23.87 -17.65 -35.81
C8 P6G M . -24.36 -17.89 -37.13
C9 P6G M . -25.14 -19.21 -37.19
O10 P6G M . -26.07 -19.29 -36.09
C11 P6G M . -27.17 -20.19 -36.30
C12 P6G M . -28.28 -19.96 -35.27
O13 P6G M . -27.75 -19.81 -33.95
C14 P6G M . -28.69 -19.24 -33.02
C15 P6G M . -28.08 -19.11 -31.62
O16 P6G M . -27.34 -17.88 -31.50
O1 P6G N . -30.52 9.95 -40.14
C2 P6G N . -30.07 8.60 -40.25
C3 P6G N . -31.24 7.61 -40.17
O4 P6G N . -32.39 8.23 -39.59
C5 P6G N . -33.59 7.55 -39.92
C6 P6G N . -34.77 8.03 -39.06
O7 P6G N . -35.19 9.39 -39.36
C8 P6G N . -35.96 9.94 -38.28
C9 P6G N . -36.32 11.40 -38.56
O10 P6G N . -35.13 12.15 -38.42
C11 P6G N . -35.23 13.52 -38.74
C12 P6G N . -33.95 14.22 -38.34
O13 P6G N . -32.88 13.71 -39.13
O1 P6G O . -17.48 -19.06 -18.89
C2 P6G O . -17.84 -17.94 -19.71
C3 P6G O . -18.32 -18.41 -21.06
O4 P6G O . -17.86 -17.51 -22.08
C5 P6G O . -18.41 -17.77 -23.37
C6 P6G O . -17.52 -18.72 -24.16
O7 P6G O . -17.91 -20.08 -23.89
S SO4 P . -24.71 -0.50 -22.29
O1 SO4 P . -23.34 -0.90 -21.93
O2 SO4 P . -25.39 -1.60 -23.04
O3 SO4 P . -25.46 -0.12 -21.09
O4 SO4 P . -24.63 0.68 -23.15
S SO4 Q . -21.25 10.03 -8.00
O1 SO4 Q . -20.66 8.89 -8.72
O2 SO4 Q . -22.15 10.73 -8.94
O3 SO4 Q . -21.97 9.53 -6.81
O4 SO4 Q . -20.25 10.94 -7.46
S SO4 R . -4.26 -15.46 -34.17
O1 SO4 R . -3.38 -15.43 -35.34
O2 SO4 R . -5.64 -15.26 -34.66
O3 SO4 R . -4.24 -16.71 -33.39
O4 SO4 R . -3.79 -14.40 -33.26
CL CL S . 5.05 1.01 -10.92
CAO D15 T . 34.56 -14.13 17.66
CAY D15 T . 35.86 -14.59 17.43
CL1 D15 T . 36.27 -16.11 16.73
CAI D15 T . 36.97 -13.85 17.77
CAH D15 T . 36.80 -12.62 18.35
CAL D15 T . 35.54 -12.14 18.58
CBB D15 T . 34.43 -12.86 18.23
CBF D15 T . 33.13 -12.16 18.63
CAR D15 T . 32.20 -13.14 19.34
CAQ D15 T . 32.94 -13.62 20.63
NAA D15 T . 32.00 -14.10 21.64
CAX D15 T . 32.52 -11.19 17.60
OAC D15 T . 32.34 -10.02 17.96
NAT D15 T . 32.29 -11.63 16.37
CAZ D15 T . 31.88 -10.77 15.40
CAP D15 T . 32.42 -9.45 15.29
CBE D15 T . 31.97 -8.58 14.27
CAM D15 T . 30.96 -11.18 14.45
CAN D15 T . 30.55 -10.34 13.42
CBD D15 T . 31.06 -9.05 13.34
NAV D15 T . 30.82 -8.06 12.48
NAS D15 T . 31.49 -7.07 12.77
CBC D15 T . 32.25 -7.27 13.83
NAU D15 T . 32.99 -6.27 14.36
CAW D15 T . 34.08 -6.39 15.13
OAB D15 T . 34.72 -7.43 15.24
CBA D15 T . 34.63 -5.08 15.78
CAJ D15 T . 35.77 -5.13 16.58
CAF D15 T . 36.28 -3.95 17.15
CAE D15 T . 35.64 -2.72 16.93
CAG D15 T . 34.49 -2.66 16.14
CAK D15 T . 34.01 -3.84 15.57
CL CL U . 30.78 -14.49 15.63
O1 P6G V . 38.70 -1.31 13.11
C2 P6G V . 37.46 -1.46 13.82
C3 P6G V . 36.22 -1.67 12.93
O4 P6G V . 36.08 -0.74 11.82
C5 P6G V . 34.69 -0.42 11.53
C6 P6G V . 34.43 0.07 10.09
O7 P6G V . 35.56 0.68 9.44
C8 P6G V . 35.31 1.03 8.07
C9 P6G V . 36.49 1.83 7.50
O10 P6G V . 37.74 1.39 8.08
C11 P6G V . 38.89 2.06 7.57
C12 P6G V . 40.09 1.11 7.53
O13 P6G V . 40.98 1.34 8.62
C14 P6G V . 41.16 0.26 9.55
C15 P6G V . 40.60 0.60 10.93
O16 P6G V . 40.18 -0.61 11.59
S SO4 W . 34.59 -16.20 23.20
O1 SO4 W . 35.23 -15.36 22.16
O2 SO4 W . 33.68 -17.18 22.61
O3 SO4 W . 35.64 -16.87 23.96
O4 SO4 W . 33.80 -15.32 24.08
S SO4 X . 27.20 -13.82 -2.51
O1 SO4 X . 28.17 -14.91 -2.44
O2 SO4 X . 26.15 -14.16 -3.47
O3 SO4 X . 26.57 -13.60 -1.21
O4 SO4 X . 27.92 -12.60 -2.92
S SO4 Y . 19.01 6.07 18.67
O1 SO4 Y . 20.17 6.86 18.21
O2 SO4 Y . 17.74 6.67 18.23
O3 SO4 Y . 19.14 4.74 18.06
O4 SO4 Y . 18.94 5.94 20.13
CL CL Z . 33.16 -25.86 38.51
CAO D15 AA . -32.42 -15.22 1.06
CAY D15 AA . -31.95 -16.51 0.86
CL1 D15 AA . -32.97 -17.83 0.40
CAI D15 AA . -30.59 -16.82 1.04
CAH D15 AA . -29.65 -15.86 1.41
CAL D15 AA . -30.11 -14.56 1.63
CBB D15 AA . -31.48 -14.26 1.43
CBF D15 AA . -31.84 -12.83 1.69
CAR D15 AA . -33.17 -12.79 2.40
CAQ D15 AA . -32.83 -13.41 3.77
NAA D15 AA . -33.54 -12.77 4.89
CAX D15 AA . -31.45 -11.88 0.51
OAC D15 AA . -30.55 -11.08 0.71
NAT D15 AA . -31.97 -12.03 -0.69
CAZ D15 AA . -31.50 -11.26 -1.77
CAP D15 AA . -30.15 -10.82 -1.96
CBE D15 AA . -29.74 -10.08 -3.08
CAM D15 AA . -32.40 -10.93 -2.80
CAN D15 AA . -32.01 -10.21 -3.90
CBD D15 AA . -30.70 -9.79 -4.05
NAV D15 AA . -30.10 -9.08 -5.01
NAS D15 AA . -28.92 -8.92 -4.76
CBC D15 AA . -28.57 -9.51 -3.64
NAU D15 AA . -27.30 -9.34 -3.21
CAW D15 AA . -26.65 -10.13 -2.35
OAB D15 AA . -27.08 -11.19 -1.93
CBA D15 AA . -25.26 -9.66 -1.89
CAJ D15 AA . -24.61 -10.41 -0.93
CAF D15 AA . -23.36 -10.06 -0.46
CAE D15 AA . -22.75 -8.92 -0.96
CAG D15 AA . -23.38 -8.17 -1.94
CAK D15 AA . -24.64 -8.54 -2.40
CL CL BA . -35.03 -12.44 -0.95
O1 P6G CA . -19.72 -11.93 -4.67
C2 P6G CA . -19.99 -10.59 -4.26
C3 P6G CA . -21.30 -10.12 -4.89
O4 P6G CA . -21.08 -9.59 -6.21
C5 P6G CA . -21.47 -8.22 -6.32
C6 P6G CA . -21.55 -7.82 -7.78
O7 P6G CA . -20.44 -8.37 -8.49
C8 P6G CA . -20.27 -7.76 -9.79
C9 P6G CA . -18.82 -7.90 -10.20
O10 P6G CA . -18.59 -9.26 -10.53
C11 P6G CA . -17.25 -9.45 -10.96
C12 P6G CA . -16.98 -10.95 -11.06
O13 P6G CA . -16.52 -11.50 -9.81
C14 P6G CA . -16.35 -12.92 -9.89
C15 P6G CA . -16.47 -13.52 -8.49
O16 P6G CA . -17.56 -12.92 -7.76
S SO4 DA . -33.91 -16.01 6.81
O1 SO4 DA . -32.85 -16.49 7.69
O2 SO4 DA . -33.54 -16.41 5.45
O3 SO4 DA . -35.19 -16.61 7.21
O4 SO4 DA . -34.01 -14.55 6.96
CL CL EA . -37.81 -10.66 -19.15
CL CL FA . -24.01 1.56 -9.93
#